data_8VD0
#
_entry.id   8VD0
#
_cell.length_a   72.193
_cell.length_b   139.303
_cell.length_c   120.495
_cell.angle_alpha   90.000
_cell.angle_beta   93.698
_cell.angle_gamma   90.000
#
_symmetry.space_group_name_H-M   'P 1 21 1'
#
loop_
_entity.id
_entity.type
_entity.pdbx_description
1 polymer 'MHC class II HLA-DQ-alpha chain'
2 polymer 'Hybrid insulin peptide (HIP; InsC8-15-IAPP74-80),MHC class II HLA-DQ-beta-1 chimera'
3 polymer 'T-CELL-RECEPTOR, TCR ET650-4 alpha'
4 polymer 'T-CELL-RECEPTOR, TCR ET650-4 beta'
5 non-polymer 2-acetamido-2-deoxy-beta-D-glucopyranose
6 non-polymer GLYCEROL
7 non-polymer 'PHOSPHATE ION'
8 water water
#
loop_
_entity_poly.entity_id
_entity_poly.type
_entity_poly.pdbx_seq_one_letter_code
_entity_poly.pdbx_strand_id
1 'polypeptide(L)'
;EDIVADHVASYGVNLYQSYGPSGQYSHEFDGDEEFYVDLERKETVWQLPLFRRFRRFDPQFALTNIAVLKHNLNCVIKRS
NSTAATNEVPEVTVFSKSPVTLGQPNTLICLVDNIFPPVVNITWLSNGHSVTEGVSETSFLSKSDHSFFKISYLTFLPSA
DEIYDCKVEHWGLDEPLLKHWEPEI
;
A,F
2 'polypeptide(L)'
;GQVELGGGNAVEVCKGGSGGSRDSPEDFVYQFKGMCYFTNGTERVRLVTRYIYNREEYARFDSDVGVYRAVTPLGPPAAE
YWNSQKEVLERTRAELDTVCRHNYQLELRTTLQRRVEPTVTISPSRTEALNHHNLLVCSVTDFYPAQIKVRWFRNDQEET
TGVVSTPLIRNGDWTFQILVMLEMTPQRGDVYTCHVEHPSLQNPIIVEWRAQS
;
C,H
3 'polypeptide(L)'
;MKTTQPPSMDCAEGRAANLPCNHSTISGNEYVYWYRQIHSQGPQYIIHGLKNNETNEMASLIITEDRKSSTLILPHATLR
DTAVYYCIVRVAIEGSQGNLIFGKGTKLSVKPNIQNPDPAVYQLRDSKSSDKSVCLFTDFDSQTNVSQSKDSDVYITDKC
VLDMRSMDFKSNSAVAWSNKSDFACANAFNNSIIPEDTFFPSPESS
;
D,I
4 'polypeptide(L)'
;GVTQTPRYLIKTRGQQVTLSCSPISGHRSVSWYQQTPGQGLQFLFEYFSETQRNKGNFPGRFSGRQFSNSRSEMNVSTLE
LGDSALYLCASSLRRGDTIYFGEGSWLTVVEDLNKVFPPEVAVFEPSEAEISHTQKATLVCLATGFFPDHVELSWWVNGK
EVHSGVCTDPQPLKEQPALNDSRYALSSRLRVSATFWQNPRNHFRCQVQFYGLSENDEWTQDRAKPVTQIVSAEAWGRAD
;
E,J
#
# COMPACT_ATOMS: atom_id res chain seq x y z
N ASP A 2 -2.38 -38.44 9.67
CA ASP A 2 -3.06 -37.14 9.70
C ASP A 2 -3.85 -36.97 10.99
N ILE A 3 -3.57 -35.90 11.73
CA ILE A 3 -4.23 -35.64 13.00
C ILE A 3 -5.54 -34.92 12.74
N VAL A 4 -6.65 -35.51 13.19
CA VAL A 4 -7.97 -34.91 13.05
C VAL A 4 -8.22 -33.99 14.25
N ALA A 5 -8.66 -32.77 13.97
CA ALA A 5 -8.91 -31.79 15.02
C ALA A 5 -9.89 -30.74 14.50
N ASP A 6 -10.57 -30.09 15.44
CA ASP A 6 -11.46 -28.99 15.07
C ASP A 6 -10.69 -27.77 14.61
N HIS A 7 -9.54 -27.51 15.23
CA HIS A 7 -8.70 -26.37 14.89
C HIS A 7 -7.25 -26.78 14.96
N VAL A 8 -6.46 -26.28 14.01
CA VAL A 8 -5.02 -26.50 13.98
C VAL A 8 -4.34 -25.14 13.97
N ALA A 9 -3.39 -24.96 14.88
CA ALA A 9 -2.57 -23.76 14.89
C ALA A 9 -1.10 -24.16 14.72
N SER A 10 -0.37 -23.32 14.01
CA SER A 10 1.08 -23.42 13.94
C SER A 10 1.62 -22.21 14.70
N TYR A 11 1.84 -22.39 15.99
CA TYR A 11 2.47 -21.36 16.81
C TYR A 11 3.98 -21.53 16.67
N GLY A 12 4.42 -21.17 15.47
CA GLY A 12 5.80 -21.35 15.07
C GLY A 12 5.95 -22.08 13.76
N VAL A 13 5.63 -21.43 12.64
CA VAL A 13 6.22 -21.82 11.36
C VAL A 13 7.57 -21.11 11.30
N ASN A 14 8.64 -21.85 11.54
CA ASN A 14 9.99 -21.31 11.49
C ASN A 14 10.68 -21.83 10.24
N LEU A 15 11.28 -20.92 9.47
CA LEU A 15 11.92 -21.26 8.20
C LEU A 15 13.28 -20.60 8.12
N TYR A 16 14.27 -21.36 7.65
CA TYR A 16 15.59 -20.81 7.36
C TYR A 16 16.22 -21.63 6.25
N GLN A 17 16.85 -20.96 5.29
CA GLN A 17 17.44 -21.63 4.15
C GLN A 17 18.77 -20.99 3.79
N SER A 18 19.63 -21.77 3.13
CA SER A 18 20.97 -21.31 2.80
C SER A 18 20.95 -20.27 1.67
N TYR A 19 20.02 -20.37 0.74
CA TYR A 19 19.95 -19.43 -0.37
C TYR A 19 19.55 -18.06 0.14
N GLY A 20 20.43 -17.08 -0.02
CA GLY A 20 20.21 -15.75 0.50
C GLY A 20 21.34 -15.29 1.39
N PRO A 21 21.37 -15.79 2.64
CA PRO A 21 20.36 -16.67 3.23
C PRO A 21 19.12 -15.90 3.67
N SER A 22 18.03 -16.59 3.92
CA SER A 22 16.77 -15.94 4.30
C SER A 22 16.02 -16.81 5.29
N GLY A 23 15.09 -16.18 6.00
CA GLY A 23 14.27 -16.87 6.97
C GLY A 23 12.86 -16.30 7.01
N GLN A 24 12.00 -16.99 7.76
CA GLN A 24 10.63 -16.55 7.95
C GLN A 24 10.13 -17.07 9.29
N TYR A 25 9.42 -16.21 10.02
CA TYR A 25 8.73 -16.62 11.23
C TYR A 25 7.29 -16.13 11.15
N SER A 26 6.35 -17.03 11.37
CA SER A 26 4.94 -16.68 11.31
C SER A 26 4.15 -17.64 12.18
N HIS A 27 2.99 -17.16 12.63
CA HIS A 27 2.00 -18.00 13.29
C HIS A 27 0.79 -18.14 12.38
N GLU A 28 0.26 -19.36 12.29
CA GLU A 28 -0.91 -19.66 11.49
C GLU A 28 -1.99 -20.24 12.39
N PHE A 29 -3.25 -19.94 12.05
CA PHE A 29 -4.39 -20.55 12.73
C PHE A 29 -5.42 -20.94 11.67
N ASP A 30 -5.79 -22.21 11.65
CA ASP A 30 -6.74 -22.75 10.68
C ASP A 30 -6.33 -22.43 9.25
N GLY A 31 -5.02 -22.51 8.99
CA GLY A 31 -4.50 -22.36 7.65
C GLY A 31 -4.26 -20.94 7.18
N ASP A 32 -4.53 -19.93 8.01
CA ASP A 32 -4.33 -18.55 7.65
C ASP A 32 -3.23 -17.94 8.51
N GLU A 33 -2.59 -16.90 7.98
CA GLU A 33 -1.43 -16.28 8.63
C GLU A 33 -1.89 -15.19 9.59
N GLU A 34 -1.62 -15.38 10.88
CA GLU A 34 -1.96 -14.37 11.87
C GLU A 34 -0.95 -13.24 11.87
N PHE A 35 0.33 -13.57 11.78
CA PHE A 35 1.36 -12.55 11.65
C PHE A 35 2.61 -13.18 11.06
N TYR A 36 3.48 -12.33 10.54
CA TYR A 36 4.87 -12.67 10.30
C TYR A 36 5.72 -11.63 11.01
N VAL A 37 6.98 -11.98 11.25
CA VAL A 37 7.94 -11.08 11.89
C VAL A 37 8.92 -10.60 10.83
N ASP A 38 9.03 -9.29 10.67
CA ASP A 38 10.05 -8.70 9.81
C ASP A 38 11.39 -8.86 10.51
N LEU A 39 12.18 -9.82 10.05
CA LEU A 39 13.44 -10.13 10.72
C LEU A 39 14.45 -9.01 10.58
N GLU A 40 14.36 -8.23 9.51
CA GLU A 40 15.30 -7.13 9.31
C GLU A 40 14.93 -5.90 10.14
N ARG A 41 13.65 -5.58 10.22
CA ARG A 41 13.18 -4.45 10.99
C ARG A 41 12.78 -4.80 12.42
N LYS A 42 12.78 -6.09 12.76
CA LYS A 42 12.45 -6.57 14.11
C LYS A 42 11.06 -6.08 14.54
N GLU A 43 10.07 -6.41 13.70
CA GLU A 43 8.70 -5.97 13.93
C GLU A 43 7.75 -7.13 13.66
N THR A 44 6.73 -7.24 14.50
CA THR A 44 5.64 -8.19 14.29
C THR A 44 4.57 -7.53 13.43
N VAL A 45 4.18 -8.20 12.35
CA VAL A 45 3.24 -7.66 11.36
C VAL A 45 2.02 -8.56 11.35
N TRP A 46 0.99 -8.20 12.12
CA TRP A 46 -0.25 -8.95 12.13
C TRP A 46 -1.08 -8.64 10.89
N GLN A 47 -1.88 -9.61 10.47
CA GLN A 47 -2.55 -9.58 9.17
C GLN A 47 -4.00 -9.14 9.24
N LEU A 48 -4.53 -8.90 10.43
CA LEU A 48 -5.89 -8.38 10.56
C LEU A 48 -5.91 -7.18 11.50
N PRO A 49 -6.76 -6.19 11.23
CA PRO A 49 -6.90 -5.09 12.19
C PRO A 49 -7.22 -5.54 13.60
N LEU A 50 -8.05 -6.57 13.73
CA LEU A 50 -8.39 -7.09 15.05
C LEU A 50 -7.15 -7.57 15.80
N PHE A 51 -6.25 -8.25 15.09
CA PHE A 51 -5.02 -8.73 15.72
C PHE A 51 -4.13 -7.56 16.16
N ARG A 52 -4.04 -6.52 15.34
CA ARG A 52 -3.19 -5.39 15.66
C ARG A 52 -3.63 -4.67 16.93
N ARG A 53 -4.91 -4.75 17.28
CA ARG A 53 -5.42 -4.04 18.44
C ARG A 53 -5.36 -4.86 19.72
N PHE A 54 -5.48 -6.18 19.64
CA PHE A 54 -5.69 -6.99 20.83
C PHE A 54 -4.69 -8.13 21.02
N ARG A 55 -3.73 -8.31 20.12
CA ARG A 55 -2.77 -9.40 20.22
C ARG A 55 -1.36 -8.85 20.07
N ARG A 56 -0.42 -9.42 20.82
CA ARG A 56 0.93 -8.91 20.89
C ARG A 56 1.93 -10.06 20.93
N PHE A 57 3.00 -9.92 20.15
CA PHE A 57 4.03 -10.95 20.04
C PHE A 57 5.39 -10.27 19.96
N ASP A 58 6.35 -10.76 20.74
CA ASP A 58 7.65 -10.13 20.80
C ASP A 58 8.52 -10.60 19.64
N PRO A 59 8.98 -9.71 18.75
CA PRO A 59 9.80 -10.15 17.62
C PRO A 59 11.10 -10.82 18.03
N GLN A 60 11.63 -10.50 19.22
CA GLN A 60 12.87 -11.09 19.67
C GLN A 60 12.75 -12.61 19.83
N PHE A 61 11.56 -13.10 20.19
CA PHE A 61 11.35 -14.54 20.23
C PHE A 61 11.53 -15.16 18.85
N ALA A 62 11.06 -14.47 17.81
CA ALA A 62 11.24 -14.97 16.45
C ALA A 62 12.70 -14.91 16.03
N LEU A 63 13.38 -13.79 16.33
CA LEU A 63 14.78 -13.66 15.97
C LEU A 63 15.64 -14.73 16.64
N THR A 64 15.32 -15.07 17.90
CA THR A 64 16.09 -16.09 18.60
C THR A 64 15.88 -17.46 17.99
N ASN A 65 14.62 -17.83 17.73
CA ASN A 65 14.32 -19.12 17.13
C ASN A 65 15.00 -19.27 15.78
N ILE A 66 15.00 -18.21 14.97
CA ILE A 66 15.62 -18.31 13.65
C ILE A 66 17.12 -18.51 13.77
N ALA A 67 17.75 -17.89 14.77
CA ALA A 67 19.17 -18.10 14.99
C ALA A 67 19.46 -19.56 15.35
N VAL A 68 18.57 -20.20 16.12
CA VAL A 68 18.72 -21.62 16.38
C VAL A 68 18.55 -22.42 15.09
N LEU A 69 17.59 -22.04 14.25
CA LEU A 69 17.40 -22.72 12.96
C LEU A 69 18.65 -22.62 12.10
N LYS A 70 19.31 -21.46 12.09
CA LYS A 70 20.56 -21.32 11.36
C LYS A 70 21.61 -22.31 11.86
N HIS A 71 21.70 -22.49 13.19
CA HIS A 71 22.64 -23.45 13.73
C HIS A 71 22.22 -24.88 13.45
N ASN A 72 20.93 -25.19 13.60
CA ASN A 72 20.46 -26.54 13.33
C ASN A 72 20.62 -26.91 11.87
N LEU A 73 20.47 -25.94 10.96
CA LEU A 73 20.63 -26.22 9.54
C LEU A 73 22.05 -26.67 9.22
N ASN A 74 23.05 -25.92 9.70
CA ASN A 74 24.44 -26.29 9.44
C ASN A 74 24.74 -27.69 9.96
N CYS A 75 24.16 -28.05 11.11
CA CYS A 75 24.45 -29.36 11.70
C CYS A 75 23.88 -30.49 10.84
N VAL A 76 22.63 -30.33 10.37
CA VAL A 76 22.00 -31.40 9.59
C VAL A 76 22.51 -31.42 8.16
N ILE A 77 23.00 -30.30 7.64
CA ILE A 77 23.70 -30.32 6.36
C ILE A 77 24.87 -31.29 6.41
N LYS A 78 25.69 -31.18 7.47
CA LYS A 78 26.82 -32.09 7.62
C LYS A 78 26.37 -33.52 7.84
N ARG A 79 25.36 -33.72 8.70
CA ARG A 79 24.91 -35.07 9.01
C ARG A 79 24.32 -35.78 7.80
N SER A 80 23.83 -35.03 6.81
CA SER A 80 23.17 -35.61 5.64
C SER A 80 24.07 -35.63 4.41
N ASN A 81 25.37 -35.42 4.57
CA ASN A 81 26.32 -35.44 3.45
C ASN A 81 25.99 -34.32 2.45
N SER A 82 25.53 -33.19 2.97
CA SER A 82 25.16 -32.03 2.15
C SER A 82 24.05 -32.37 1.16
N THR A 83 23.03 -33.08 1.62
CA THR A 83 21.90 -33.42 0.76
C THR A 83 21.06 -32.17 0.52
N ALA A 84 21.02 -31.71 -0.73
CA ALA A 84 20.33 -30.47 -1.07
C ALA A 84 18.84 -30.72 -1.28
N ALA A 85 18.08 -29.62 -1.19
CA ALA A 85 16.65 -29.69 -1.42
C ALA A 85 16.35 -30.08 -2.86
N THR A 86 15.19 -30.72 -3.05
CA THR A 86 14.71 -31.10 -4.37
C THR A 86 13.73 -30.06 -4.87
N ASN A 87 13.95 -29.55 -6.07
CA ASN A 87 13.07 -28.55 -6.65
C ASN A 87 11.75 -29.20 -7.07
N GLU A 88 10.65 -28.71 -6.52
CA GLU A 88 9.32 -29.17 -6.91
C GLU A 88 8.76 -28.28 -8.01
N VAL A 89 7.81 -28.83 -8.76
CA VAL A 89 7.10 -28.09 -9.81
C VAL A 89 5.88 -27.43 -9.18
N PRO A 90 5.83 -26.11 -9.06
CA PRO A 90 4.65 -25.46 -8.48
C PRO A 90 3.48 -25.48 -9.46
N GLU A 91 2.27 -25.50 -8.90
CA GLU A 91 1.05 -25.39 -9.68
C GLU A 91 0.38 -24.07 -9.38
N VAL A 92 -0.04 -23.37 -10.44
CA VAL A 92 -0.50 -21.99 -10.37
C VAL A 92 -1.96 -21.93 -10.77
N THR A 93 -2.76 -21.21 -9.98
CA THR A 93 -4.18 -21.03 -10.24
C THR A 93 -4.53 -19.56 -10.05
N VAL A 94 -5.19 -18.97 -11.04
CA VAL A 94 -5.58 -17.56 -11.01
C VAL A 94 -7.11 -17.49 -11.01
N PHE A 95 -7.65 -16.66 -10.10
CA PHE A 95 -9.08 -16.47 -9.98
C PHE A 95 -9.32 -15.12 -9.33
N SER A 96 -10.58 -14.68 -9.35
CA SER A 96 -10.97 -13.39 -8.78
C SER A 96 -11.57 -13.60 -7.40
N LYS A 97 -11.46 -12.56 -6.56
CA LYS A 97 -12.01 -12.63 -5.22
C LYS A 97 -13.55 -12.57 -5.25
N SER A 98 -14.10 -11.77 -6.14
CA SER A 98 -15.54 -11.59 -6.30
C SER A 98 -15.89 -11.78 -7.77
N PRO A 99 -17.17 -12.03 -8.07
CA PRO A 99 -17.59 -12.00 -9.48
C PRO A 99 -17.29 -10.64 -10.09
N VAL A 100 -16.81 -10.66 -11.33
CA VAL A 100 -16.24 -9.47 -11.95
C VAL A 100 -17.34 -8.69 -12.66
N THR A 101 -17.42 -7.40 -12.35
CA THR A 101 -18.35 -6.46 -12.99
C THR A 101 -17.55 -5.27 -13.48
N LEU A 102 -17.82 -4.84 -14.71
CA LEU A 102 -17.07 -3.74 -15.30
C LEU A 102 -17.21 -2.47 -14.46
N GLY A 103 -16.08 -1.86 -14.13
CA GLY A 103 -16.06 -0.64 -13.37
C GLY A 103 -16.11 -0.82 -11.86
N GLN A 104 -16.32 -2.05 -11.38
CA GLN A 104 -16.36 -2.29 -9.94
C GLN A 104 -15.01 -2.84 -9.49
N PRO A 105 -14.25 -2.11 -8.70
CA PRO A 105 -12.89 -2.56 -8.34
C PRO A 105 -12.91 -3.93 -7.68
N ASN A 106 -12.02 -4.80 -8.14
CA ASN A 106 -11.97 -6.19 -7.73
C ASN A 106 -10.51 -6.56 -7.49
N THR A 107 -10.27 -7.84 -7.18
CA THR A 107 -8.92 -8.33 -6.93
C THR A 107 -8.73 -9.64 -7.66
N LEU A 108 -7.60 -9.76 -8.35
CA LEU A 108 -7.19 -11.03 -8.93
C LEU A 108 -6.26 -11.75 -7.95
N ILE A 109 -6.47 -13.05 -7.81
CA ILE A 109 -5.76 -13.87 -6.82
C ILE A 109 -4.96 -14.92 -7.56
N CYS A 110 -3.65 -14.95 -7.33
CA CYS A 110 -2.77 -15.95 -7.92
C CYS A 110 -2.27 -16.88 -6.82
N LEU A 111 -2.79 -18.11 -6.82
CA LEU A 111 -2.38 -19.12 -5.85
C LEU A 111 -1.24 -19.93 -6.46
N VAL A 112 -0.07 -19.85 -5.84
CA VAL A 112 1.10 -20.63 -6.24
C VAL A 112 1.28 -21.72 -5.19
N ASP A 113 0.95 -22.95 -5.56
CA ASP A 113 0.89 -24.07 -4.64
C ASP A 113 2.06 -25.02 -4.87
N ASN A 114 2.33 -25.85 -3.86
CA ASN A 114 3.39 -26.86 -3.90
C ASN A 114 4.74 -26.23 -4.24
N ILE A 115 5.12 -25.22 -3.47
CA ILE A 115 6.40 -24.54 -3.63
C ILE A 115 7.43 -25.22 -2.76
N PHE A 116 8.56 -25.63 -3.38
CA PHE A 116 9.75 -26.02 -2.63
C PHE A 116 10.96 -26.12 -3.55
N PRO A 117 12.08 -25.46 -3.20
CA PRO A 117 12.30 -24.65 -1.99
C PRO A 117 11.51 -23.35 -1.99
N PRO A 118 11.31 -22.75 -0.80
CA PRO A 118 10.55 -21.49 -0.73
C PRO A 118 11.32 -20.31 -1.28
N VAL A 119 11.60 -20.35 -2.58
CA VAL A 119 12.20 -19.24 -3.31
C VAL A 119 11.40 -19.12 -4.61
N VAL A 120 10.66 -18.02 -4.76
CA VAL A 120 9.72 -17.89 -5.87
C VAL A 120 9.57 -16.43 -6.23
N ASN A 121 9.27 -16.17 -7.50
CA ASN A 121 9.06 -14.83 -8.01
C ASN A 121 7.69 -14.79 -8.68
N ILE A 122 6.76 -14.08 -8.06
CA ILE A 122 5.38 -13.99 -8.54
C ILE A 122 5.12 -12.54 -8.94
N THR A 123 4.96 -12.31 -10.24
CA THR A 123 4.67 -10.99 -10.77
C THR A 123 3.47 -11.06 -11.70
N TRP A 124 2.82 -9.92 -11.89
CA TRP A 124 1.64 -9.81 -12.72
C TRP A 124 1.97 -9.08 -14.02
N LEU A 125 1.25 -9.43 -15.07
CA LEU A 125 1.38 -8.80 -16.38
C LEU A 125 0.02 -8.26 -16.80
N SER A 126 -0.01 -7.01 -17.23
CA SER A 126 -1.19 -6.39 -17.82
C SER A 126 -0.89 -6.15 -19.29
N ASN A 127 -1.54 -6.92 -20.17
CA ASN A 127 -1.32 -6.85 -21.61
C ASN A 127 0.17 -6.96 -21.95
N GLY A 128 0.83 -7.94 -21.32
CA GLY A 128 2.25 -8.16 -21.51
C GLY A 128 3.15 -7.21 -20.76
N HIS A 129 2.62 -6.15 -20.15
CA HIS A 129 3.42 -5.19 -19.42
C HIS A 129 3.48 -5.57 -17.95
N SER A 130 4.67 -5.47 -17.37
CA SER A 130 4.86 -5.83 -15.97
C SER A 130 4.11 -4.86 -15.08
N VAL A 131 3.32 -5.40 -14.15
CA VAL A 131 2.60 -4.60 -13.17
C VAL A 131 3.47 -4.51 -11.91
N THR A 132 3.82 -3.29 -11.51
CA THR A 132 4.69 -3.07 -10.37
C THR A 132 3.99 -2.39 -9.20
N GLU A 133 2.74 -1.97 -9.35
CA GLU A 133 2.01 -1.30 -8.29
C GLU A 133 0.65 -1.94 -8.11
N GLY A 134 0.06 -1.73 -6.93
CA GLY A 134 -1.22 -2.34 -6.61
C GLY A 134 -1.15 -3.85 -6.46
N VAL A 135 0.02 -4.38 -6.12
CA VAL A 135 0.23 -5.81 -5.95
C VAL A 135 0.70 -6.05 -4.53
N SER A 136 0.13 -7.07 -3.88
CA SER A 136 0.56 -7.51 -2.56
C SER A 136 0.72 -9.02 -2.57
N GLU A 137 1.19 -9.56 -1.45
CA GLU A 137 1.62 -10.95 -1.39
C GLU A 137 1.52 -11.44 0.04
N THR A 138 1.17 -12.73 0.20
CA THR A 138 1.28 -13.35 1.50
C THR A 138 2.70 -13.85 1.74
N SER A 139 2.99 -14.17 2.99
CA SER A 139 4.20 -14.91 3.31
C SER A 139 4.10 -16.33 2.74
N PHE A 140 5.14 -17.11 2.94
CA PHE A 140 5.05 -18.53 2.66
C PHE A 140 4.15 -19.19 3.71
N LEU A 141 3.10 -19.85 3.25
CA LEU A 141 2.14 -20.51 4.13
C LEU A 141 2.43 -22.01 4.13
N SER A 142 2.41 -22.61 5.32
CA SER A 142 2.88 -23.97 5.46
C SER A 142 1.86 -24.96 4.91
N LYS A 143 2.37 -26.17 4.63
CA LYS A 143 1.55 -27.30 4.22
C LYS A 143 2.02 -28.53 5.00
N SER A 144 1.12 -29.51 5.12
CA SER A 144 1.42 -30.69 5.92
C SER A 144 2.52 -31.56 5.31
N ASP A 145 2.73 -31.48 3.98
CA ASP A 145 3.83 -32.19 3.36
C ASP A 145 5.13 -31.39 3.40
N HIS A 146 5.15 -30.28 4.14
CA HIS A 146 6.31 -29.43 4.39
C HIS A 146 6.77 -28.68 3.16
N SER A 147 5.96 -28.62 2.12
CA SER A 147 6.12 -27.62 1.08
C SER A 147 5.34 -26.37 1.49
N PHE A 148 5.31 -25.38 0.60
CA PHE A 148 4.65 -24.12 0.91
C PHE A 148 3.72 -23.73 -0.22
N PHE A 149 2.84 -22.77 0.07
CA PHE A 149 2.11 -22.06 -0.97
C PHE A 149 2.09 -20.58 -0.64
N LYS A 150 2.00 -19.77 -1.68
CA LYS A 150 2.02 -18.31 -1.55
C LYS A 150 0.99 -17.73 -2.50
N ILE A 151 0.30 -16.69 -2.03
CA ILE A 151 -0.79 -16.08 -2.77
C ILE A 151 -0.44 -14.63 -3.06
N SER A 152 -0.59 -14.22 -4.32
CA SER A 152 -0.36 -12.86 -4.75
C SER A 152 -1.68 -12.21 -5.18
N TYR A 153 -1.84 -10.93 -4.83
CA TYR A 153 -3.07 -10.20 -5.08
C TYR A 153 -2.83 -9.07 -6.06
N LEU A 154 -3.68 -8.97 -7.08
CA LEU A 154 -3.66 -7.87 -8.03
C LEU A 154 -4.98 -7.14 -7.94
N THR A 155 -4.95 -5.92 -7.41
CA THR A 155 -6.10 -5.04 -7.47
C THR A 155 -6.22 -4.47 -8.88
N PHE A 156 -7.44 -4.42 -9.41
CA PHE A 156 -7.63 -3.94 -10.77
C PHE A 156 -9.03 -3.37 -10.92
N LEU A 157 -9.17 -2.46 -11.87
CA LEU A 157 -10.48 -1.92 -12.25
C LEU A 157 -10.93 -2.63 -13.51
N PRO A 158 -11.93 -3.52 -13.43
CA PRO A 158 -12.30 -4.33 -14.61
C PRO A 158 -12.73 -3.46 -15.78
N SER A 159 -12.08 -3.68 -16.92
CA SER A 159 -12.39 -2.98 -18.16
C SER A 159 -12.54 -4.00 -19.29
N ALA A 160 -13.01 -3.51 -20.44
CA ALA A 160 -13.32 -4.41 -21.55
C ALA A 160 -12.05 -4.94 -22.21
N ASP A 161 -11.01 -4.12 -22.31
CA ASP A 161 -9.76 -4.51 -22.94
C ASP A 161 -8.69 -4.73 -21.87
N GLU A 162 -8.86 -5.79 -21.10
CA GLU A 162 -7.92 -6.15 -20.04
C GLU A 162 -7.39 -7.56 -20.28
N ILE A 163 -6.08 -7.72 -20.17
CA ILE A 163 -5.41 -9.00 -20.32
C ILE A 163 -4.42 -9.12 -19.16
N TYR A 164 -4.76 -9.94 -18.19
CA TYR A 164 -3.94 -10.10 -16.99
C TYR A 164 -3.34 -11.51 -16.96
N ASP A 165 -2.06 -11.58 -16.59
CA ASP A 165 -1.37 -12.85 -16.42
C ASP A 165 -0.60 -12.84 -15.10
N CYS A 166 -0.49 -14.02 -14.50
CA CYS A 166 0.38 -14.24 -13.35
C CYS A 166 1.63 -14.96 -13.83
N LYS A 167 2.78 -14.31 -13.72
CA LYS A 167 4.06 -14.89 -14.11
C LYS A 167 4.76 -15.42 -12.88
N VAL A 168 5.05 -16.72 -12.87
CA VAL A 168 5.70 -17.39 -11.75
C VAL A 168 7.05 -17.91 -12.22
N GLU A 169 8.09 -17.62 -11.46
CA GLU A 169 9.45 -18.08 -11.74
C GLU A 169 9.92 -18.94 -10.57
N HIS A 170 10.33 -20.17 -10.86
CA HIS A 170 10.76 -21.09 -9.83
C HIS A 170 11.74 -22.08 -10.44
N TRP A 171 12.71 -22.52 -9.62
CA TRP A 171 13.75 -23.43 -10.10
C TRP A 171 13.16 -24.74 -10.62
N GLY A 172 12.00 -25.14 -10.10
CA GLY A 172 11.34 -26.34 -10.58
C GLY A 172 10.67 -26.21 -11.93
N LEU A 173 10.70 -25.02 -12.54
CA LEU A 173 10.12 -24.78 -13.85
C LEU A 173 11.23 -24.61 -14.88
N ASP A 174 11.01 -25.18 -16.07
CA ASP A 174 11.95 -24.98 -17.16
C ASP A 174 11.96 -23.53 -17.63
N GLU A 175 10.79 -22.90 -17.68
CA GLU A 175 10.63 -21.54 -18.14
C GLU A 175 9.65 -20.84 -17.21
N PRO A 176 9.61 -19.51 -17.22
CA PRO A 176 8.60 -18.80 -16.43
C PRO A 176 7.19 -19.22 -16.86
N LEU A 177 6.35 -19.49 -15.87
CA LEU A 177 5.00 -19.98 -16.11
C LEU A 177 4.03 -18.82 -16.14
N LEU A 178 3.32 -18.66 -17.26
CA LEU A 178 2.29 -17.63 -17.42
C LEU A 178 0.93 -18.29 -17.23
N LYS A 179 0.15 -17.77 -16.30
CA LYS A 179 -1.20 -18.27 -16.03
C LYS A 179 -2.20 -17.16 -16.34
N HIS A 180 -2.79 -17.22 -17.53
CA HIS A 180 -3.76 -16.20 -17.94
C HIS A 180 -5.06 -16.35 -17.15
N TRP A 181 -5.61 -15.22 -16.72
CA TRP A 181 -6.86 -15.21 -16.00
C TRP A 181 -8.03 -15.23 -16.98
N GLU A 182 -8.82 -16.30 -16.94
CA GLU A 182 -10.05 -16.35 -17.73
C GLU A 182 -11.14 -15.59 -16.98
N PRO A 183 -11.77 -14.58 -17.61
CA PRO A 183 -12.74 -13.73 -16.89
C PRO A 183 -13.82 -14.50 -16.14
N GLU A 184 -14.10 -15.73 -16.57
CA GLU A 184 -15.10 -16.59 -15.93
C GLU A 184 -16.49 -15.94 -15.94
N GLY B 1 3.41 -4.58 26.72
CA GLY B 1 2.47 -5.40 27.47
C GLY B 1 2.76 -6.88 27.39
N GLN B 2 1.83 -7.69 27.88
CA GLN B 2 1.98 -9.13 27.82
C GLN B 2 2.00 -9.62 26.38
N VAL B 3 2.84 -10.62 26.10
CA VAL B 3 2.95 -11.18 24.77
C VAL B 3 2.66 -12.67 24.84
N GLU B 4 2.09 -13.20 23.76
CA GLU B 4 2.00 -14.64 23.60
C GLU B 4 3.33 -15.17 23.07
N LEU B 5 3.53 -16.47 23.24
CA LEU B 5 4.76 -17.12 22.83
C LEU B 5 4.48 -18.14 21.73
N GLY B 6 5.57 -18.67 21.18
CA GLY B 6 5.51 -19.77 20.25
C GLY B 6 6.33 -20.94 20.79
N GLY B 7 6.39 -21.99 19.99
CA GLY B 7 7.22 -23.12 20.35
C GLY B 7 8.69 -22.74 20.37
N GLY B 8 9.36 -22.99 21.50
CA GLY B 8 10.79 -22.79 21.57
C GLY B 8 11.50 -24.02 21.02
N ASN B 9 12.39 -23.82 20.06
CA ASN B 9 13.04 -24.94 19.42
C ASN B 9 14.27 -25.38 20.19
N ALA B 10 14.59 -26.66 20.09
CA ALA B 10 15.78 -27.23 20.69
C ALA B 10 16.96 -27.05 19.75
N VAL B 11 18.15 -27.03 20.32
CA VAL B 11 19.37 -26.77 19.56
C VAL B 11 20.01 -28.10 19.19
N GLU B 12 20.48 -28.19 17.94
CA GLU B 12 21.06 -29.43 17.45
C GLU B 12 22.40 -29.70 18.12
N VAL B 13 22.86 -30.95 18.02
CA VAL B 13 23.96 -31.45 18.83
C VAL B 13 25.27 -30.75 18.52
N CYS B 14 25.48 -30.34 17.26
CA CYS B 14 26.75 -29.75 16.87
C CYS B 14 27.11 -28.57 17.76
N LYS B 15 28.42 -28.38 17.95
CA LYS B 15 28.94 -27.28 18.74
C LYS B 15 29.35 -26.12 17.84
N GLY B 16 29.23 -24.91 18.38
CA GLY B 16 29.62 -23.72 17.64
C GLY B 16 28.48 -22.75 17.42
N SER B 24 20.17 -24.74 -11.78
CA SER B 24 19.57 -24.05 -10.65
C SER B 24 20.47 -24.09 -9.43
N PRO B 25 20.48 -23.01 -8.65
CA PRO B 25 21.31 -22.99 -7.43
C PRO B 25 20.80 -23.98 -6.40
N GLU B 26 21.75 -24.60 -5.69
CA GLU B 26 21.38 -25.54 -4.64
C GLU B 26 20.96 -24.78 -3.39
N ASP B 27 20.09 -25.42 -2.61
CA ASP B 27 19.49 -24.79 -1.45
C ASP B 27 19.30 -25.83 -0.36
N PHE B 28 19.61 -25.44 0.88
CA PHE B 28 19.44 -26.29 2.06
C PHE B 28 18.43 -25.61 2.97
N VAL B 29 17.34 -26.30 3.27
CA VAL B 29 16.20 -25.70 3.97
C VAL B 29 15.98 -26.40 5.31
N TYR B 30 15.65 -25.61 6.33
CA TYR B 30 15.31 -26.12 7.65
C TYR B 30 13.99 -25.51 8.09
N GLN B 31 13.11 -26.34 8.65
CA GLN B 31 11.83 -25.89 9.16
C GLN B 31 11.62 -26.42 10.58
N PHE B 32 11.01 -25.60 11.42
CA PHE B 32 10.54 -26.04 12.72
C PHE B 32 9.09 -25.59 12.88
N LYS B 33 8.20 -26.52 13.20
CA LYS B 33 6.78 -26.24 13.31
C LYS B 33 6.31 -26.60 14.70
N GLY B 34 5.91 -25.58 15.48
CA GLY B 34 5.23 -25.81 16.74
C GLY B 34 3.74 -25.85 16.54
N MET B 35 3.17 -27.05 16.49
CA MET B 35 1.80 -27.25 16.04
C MET B 35 0.89 -27.66 17.19
N CYS B 36 -0.28 -27.02 17.27
CA CYS B 36 -1.27 -27.26 18.30
C CYS B 36 -2.58 -27.70 17.66
N TYR B 37 -3.18 -28.76 18.21
CA TYR B 37 -4.43 -29.32 17.71
C TYR B 37 -5.48 -29.25 18.81
N PHE B 38 -6.65 -28.68 18.49
CA PHE B 38 -7.71 -28.47 19.46
C PHE B 38 -8.98 -29.18 19.00
N THR B 39 -9.68 -29.79 19.95
CA THR B 39 -10.94 -30.47 19.67
C THR B 39 -11.87 -30.31 20.86
N ASN B 40 -13.14 -30.02 20.57
CA ASN B 40 -14.18 -29.80 21.59
C ASN B 40 -13.76 -28.70 22.57
N GLY B 41 -13.37 -27.55 22.02
CA GLY B 41 -12.93 -26.46 22.86
C GLY B 41 -11.59 -26.77 23.48
N THR B 42 -11.49 -26.59 24.80
CA THR B 42 -10.27 -26.89 25.55
C THR B 42 -10.32 -28.28 26.20
N GLU B 43 -10.99 -29.23 25.56
CA GLU B 43 -11.14 -30.57 26.13
C GLU B 43 -10.09 -31.55 25.63
N ARG B 44 -9.60 -31.36 24.41
CA ARG B 44 -8.57 -32.23 23.84
C ARG B 44 -7.55 -31.33 23.14
N VAL B 45 -6.37 -31.17 23.75
CA VAL B 45 -5.29 -30.39 23.19
C VAL B 45 -4.11 -31.30 22.95
N ARG B 46 -3.37 -31.05 21.85
CA ARG B 46 -2.23 -31.88 21.51
C ARG B 46 -1.15 -31.02 20.86
N LEU B 47 0.07 -31.13 21.37
CA LEU B 47 1.21 -30.39 20.86
C LEU B 47 2.12 -31.34 20.10
N VAL B 48 2.47 -30.97 18.86
CA VAL B 48 3.44 -31.71 18.07
C VAL B 48 4.42 -30.70 17.47
N THR B 49 5.66 -30.71 17.96
CA THR B 49 6.71 -29.90 17.38
C THR B 49 7.47 -30.75 16.36
N ARG B 50 7.72 -30.18 15.18
CA ARG B 50 8.29 -30.92 14.06
C ARG B 50 9.60 -30.28 13.63
N TYR B 51 10.63 -31.11 13.47
CA TYR B 51 11.94 -30.68 13.01
C TYR B 51 12.17 -31.26 11.62
N ILE B 52 12.40 -30.39 10.64
CA ILE B 52 12.31 -30.73 9.23
C ILE B 52 13.57 -30.27 8.52
N TYR B 53 14.25 -31.19 7.83
CA TYR B 53 15.38 -30.87 6.98
C TYR B 53 14.93 -30.97 5.52
N ASN B 54 14.97 -29.85 4.81
CA ASN B 54 14.35 -29.72 3.50
C ASN B 54 12.87 -30.06 3.61
N ARG B 55 12.46 -31.24 3.15
CA ARG B 55 11.08 -31.69 3.31
C ARG B 55 11.01 -32.98 4.12
N GLU B 56 12.06 -33.31 4.86
CA GLU B 56 12.14 -34.56 5.60
C GLU B 56 12.01 -34.24 7.09
N GLU B 57 10.85 -34.57 7.66
CA GLU B 57 10.66 -34.46 9.10
C GLU B 57 11.44 -35.59 9.77
N TYR B 58 12.52 -35.24 10.47
CA TYR B 58 13.43 -36.23 11.02
C TYR B 58 13.32 -36.42 12.53
N ALA B 59 12.73 -35.47 13.24
CA ALA B 59 12.56 -35.58 14.69
C ALA B 59 11.32 -34.78 15.08
N ARG B 60 10.57 -35.31 16.06
CA ARG B 60 9.37 -34.63 16.51
C ARG B 60 9.14 -34.91 17.99
N PHE B 61 8.44 -33.98 18.64
CA PHE B 61 7.91 -34.19 19.98
C PHE B 61 6.39 -34.24 19.90
N ASP B 62 5.81 -35.32 20.41
CA ASP B 62 4.36 -35.49 20.45
C ASP B 62 3.94 -35.52 21.92
N SER B 63 3.07 -34.59 22.31
CA SER B 63 2.63 -34.53 23.70
C SER B 63 1.90 -35.81 24.12
N ASP B 64 1.27 -36.51 23.17
CA ASP B 64 0.68 -37.80 23.48
C ASP B 64 1.74 -38.84 23.81
N VAL B 65 2.94 -38.68 23.29
CA VAL B 65 4.05 -39.58 23.59
C VAL B 65 4.82 -39.12 24.82
N GLY B 66 5.15 -37.82 24.89
CA GLY B 66 5.79 -37.25 26.05
C GLY B 66 7.29 -37.09 25.95
N VAL B 67 7.92 -37.68 24.92
CA VAL B 67 9.36 -37.57 24.72
C VAL B 67 9.62 -37.30 23.25
N TYR B 68 10.82 -36.78 22.98
CA TYR B 68 11.26 -36.61 21.61
C TYR B 68 11.49 -37.96 20.94
N ARG B 69 11.06 -38.07 19.69
CA ARG B 69 11.24 -39.30 18.92
C ARG B 69 11.90 -38.99 17.60
N ALA B 70 12.76 -39.90 17.16
CA ALA B 70 13.36 -39.78 15.84
C ALA B 70 12.42 -40.39 14.81
N VAL B 71 12.34 -39.74 13.65
CA VAL B 71 11.45 -40.16 12.58
C VAL B 71 12.22 -40.81 11.43
N THR B 72 13.38 -40.26 11.08
CA THR B 72 14.23 -40.82 10.04
C THR B 72 15.61 -41.08 10.66
N PRO B 73 16.52 -41.82 9.97
CA PRO B 73 17.86 -42.06 10.55
C PRO B 73 18.66 -40.79 10.78
N LEU B 74 18.11 -39.64 10.42
CA LEU B 74 18.76 -38.36 10.59
C LEU B 74 18.54 -37.77 11.98
N GLY B 75 17.63 -38.33 12.77
CA GLY B 75 17.24 -37.75 14.04
C GLY B 75 17.63 -38.44 15.35
N PRO B 76 18.16 -39.67 15.35
CA PRO B 76 18.60 -40.29 16.61
C PRO B 76 19.52 -39.37 17.41
N PRO B 77 20.56 -38.77 16.82
CA PRO B 77 21.42 -37.90 17.64
C PRO B 77 20.69 -36.72 18.24
N ALA B 78 19.72 -36.15 17.52
CA ALA B 78 18.98 -35.02 18.06
C ALA B 78 17.99 -35.46 19.13
N ALA B 79 17.22 -36.52 18.86
CA ALA B 79 16.20 -36.96 19.80
C ALA B 79 16.81 -37.46 21.10
N GLU B 80 17.89 -38.25 21.02
CA GLU B 80 18.53 -38.75 22.22
C GLU B 80 19.15 -37.62 23.05
N TYR B 81 19.64 -36.58 22.40
CA TYR B 81 20.24 -35.48 23.14
C TYR B 81 19.19 -34.60 23.80
N TRP B 82 18.11 -34.27 23.07
CA TRP B 82 17.06 -33.44 23.64
C TRP B 82 16.34 -34.16 24.77
N ASN B 83 16.19 -35.49 24.69
CA ASN B 83 15.57 -36.23 25.78
C ASN B 83 16.47 -36.33 27.00
N SER B 84 17.80 -36.20 26.84
CA SER B 84 18.68 -36.23 27.99
C SER B 84 18.73 -34.89 28.73
N GLN B 85 18.38 -33.80 28.05
CA GLN B 85 18.33 -32.48 28.69
C GLN B 85 16.99 -32.34 29.40
N LYS B 86 17.02 -32.41 30.74
CA LYS B 86 15.78 -32.49 31.51
C LYS B 86 14.91 -31.26 31.30
N GLU B 87 15.51 -30.07 31.36
CA GLU B 87 14.72 -28.86 31.27
C GLU B 87 14.17 -28.64 29.86
N VAL B 88 14.95 -29.02 28.85
CA VAL B 88 14.45 -28.90 27.48
C VAL B 88 13.25 -29.82 27.27
N LEU B 89 13.31 -31.02 27.87
CA LEU B 89 12.20 -31.96 27.75
C LEU B 89 10.99 -31.48 28.55
N GLU B 90 11.22 -31.01 29.78
CA GLU B 90 10.11 -30.55 30.62
C GLU B 90 9.47 -29.28 30.05
N ARG B 91 10.29 -28.34 29.55
CA ARG B 91 9.71 -27.13 28.99
C ARG B 91 8.92 -27.41 27.71
N THR B 92 9.34 -28.41 26.94
CA THR B 92 8.58 -28.78 25.75
C THR B 92 7.22 -29.37 26.14
N ARG B 93 7.21 -30.25 27.14
CA ARG B 93 5.94 -30.79 27.63
C ARG B 93 5.03 -29.68 28.14
N ALA B 94 5.60 -28.71 28.86
CA ALA B 94 4.79 -27.63 29.43
C ALA B 94 4.31 -26.65 28.38
N GLU B 95 4.84 -26.69 27.16
CA GLU B 95 4.34 -25.82 26.11
C GLU B 95 2.93 -26.18 25.70
N LEU B 96 2.46 -27.38 26.03
CA LEU B 96 1.04 -27.69 25.87
C LEU B 96 0.19 -26.70 26.64
N ASP B 97 0.70 -26.16 27.75
CA ASP B 97 0.03 -25.15 28.54
C ASP B 97 0.48 -23.73 28.20
N THR B 98 1.80 -23.50 28.12
CA THR B 98 2.30 -22.15 27.92
C THR B 98 2.10 -21.65 26.49
N VAL B 99 1.89 -22.54 25.53
CA VAL B 99 1.71 -22.14 24.14
C VAL B 99 0.31 -22.51 23.65
N CYS B 100 0.02 -23.81 23.58
CA CYS B 100 -1.24 -24.26 22.98
C CYS B 100 -2.45 -23.78 23.76
N ARG B 101 -2.54 -24.17 25.04
CA ARG B 101 -3.72 -23.80 25.83
C ARG B 101 -3.80 -22.30 26.07
N HIS B 102 -2.66 -21.63 26.21
CA HIS B 102 -2.67 -20.19 26.48
C HIS B 102 -3.14 -19.41 25.26
N ASN B 103 -2.52 -19.66 24.10
CA ASN B 103 -2.88 -18.91 22.90
C ASN B 103 -4.30 -19.19 22.45
N TYR B 104 -4.80 -20.41 22.72
CA TYR B 104 -6.18 -20.71 22.36
C TYR B 104 -7.16 -19.80 23.09
N GLN B 105 -6.85 -19.46 24.35
CA GLN B 105 -7.69 -18.53 25.08
C GLN B 105 -7.72 -17.16 24.41
N LEU B 106 -6.61 -16.76 23.77
CA LEU B 106 -6.62 -15.52 23.02
C LEU B 106 -7.32 -15.66 21.68
N GLU B 107 -7.41 -16.88 21.13
CA GLU B 107 -8.18 -17.08 19.91
C GLU B 107 -9.69 -16.99 20.19
N LEU B 108 -10.12 -17.42 21.38
CA LEU B 108 -11.52 -17.27 21.77
C LEU B 108 -11.95 -15.81 21.78
N ARG B 109 -11.04 -14.91 22.20
CA ARG B 109 -11.35 -13.48 22.21
C ARG B 109 -11.33 -12.85 20.83
N THR B 110 -10.66 -13.47 19.85
CA THR B 110 -10.45 -12.82 18.56
C THR B 110 -10.85 -13.69 17.38
N THR B 111 -9.96 -14.61 16.98
CA THR B 111 -10.15 -15.34 15.72
C THR B 111 -11.45 -16.13 15.73
N LEU B 112 -11.72 -16.86 16.80
CA LEU B 112 -12.89 -17.73 16.85
C LEU B 112 -14.21 -16.97 16.96
N GLN B 113 -14.16 -15.65 17.10
CA GLN B 113 -15.34 -14.81 17.09
C GLN B 113 -15.47 -13.99 15.81
N ARG B 114 -14.54 -14.15 14.88
CA ARG B 114 -14.60 -13.43 13.61
C ARG B 114 -15.72 -13.99 12.75
N ARG B 115 -16.66 -13.13 12.36
CA ARG B 115 -17.78 -13.51 11.52
C ARG B 115 -17.85 -12.56 10.32
N VAL B 116 -17.66 -13.10 9.13
CA VAL B 116 -17.77 -12.33 7.89
C VAL B 116 -18.91 -12.96 7.09
N GLU B 117 -19.98 -12.21 6.90
CA GLU B 117 -21.15 -12.73 6.20
C GLU B 117 -20.83 -12.92 4.72
N PRO B 118 -21.27 -14.02 4.11
CA PRO B 118 -20.97 -14.25 2.70
C PRO B 118 -21.82 -13.38 1.80
N THR B 119 -21.29 -13.11 0.61
CA THR B 119 -22.00 -12.41 -0.45
C THR B 119 -22.44 -13.45 -1.48
N VAL B 120 -23.73 -13.50 -1.76
CA VAL B 120 -24.32 -14.52 -2.62
C VAL B 120 -24.86 -13.85 -3.87
N THR B 121 -24.37 -14.27 -5.04
CA THR B 121 -24.88 -13.78 -6.31
C THR B 121 -25.02 -14.96 -7.27
N ILE B 122 -25.91 -14.81 -8.24
CA ILE B 122 -26.21 -15.83 -9.23
C ILE B 122 -25.99 -15.23 -10.61
N SER B 123 -25.42 -16.02 -11.52
CA SER B 123 -25.24 -15.58 -12.90
C SER B 123 -25.08 -16.80 -13.77
N PRO B 124 -25.55 -16.76 -15.03
CA PRO B 124 -25.41 -17.88 -15.98
C PRO B 124 -24.01 -18.01 -16.54
N ASN B 134 -28.86 -24.82 -19.66
CA ASN B 134 -28.08 -23.68 -19.17
C ASN B 134 -27.45 -24.00 -17.82
N LEU B 135 -26.46 -23.22 -17.43
CA LEU B 135 -25.75 -23.41 -16.17
C LEU B 135 -25.94 -22.19 -15.29
N LEU B 136 -26.27 -22.41 -14.02
CA LEU B 136 -26.44 -21.35 -13.04
C LEU B 136 -25.32 -21.46 -12.02
N VAL B 137 -24.57 -20.38 -11.85
CA VAL B 137 -23.44 -20.33 -10.93
C VAL B 137 -23.82 -19.49 -9.74
N CYS B 138 -23.84 -20.10 -8.55
CA CYS B 138 -24.08 -19.37 -7.30
C CYS B 138 -22.72 -19.09 -6.67
N SER B 139 -22.33 -17.81 -6.66
CA SER B 139 -21.05 -17.39 -6.12
C SER B 139 -21.22 -16.95 -4.68
N VAL B 140 -20.61 -17.69 -3.76
CA VAL B 140 -20.62 -17.39 -2.33
C VAL B 140 -19.21 -16.96 -1.97
N THR B 141 -19.02 -15.66 -1.73
CA THR B 141 -17.70 -15.07 -1.61
C THR B 141 -17.51 -14.34 -0.30
N ASP B 142 -16.26 -14.27 0.15
CA ASP B 142 -15.83 -13.46 1.29
C ASP B 142 -16.62 -13.80 2.56
N PHE B 143 -16.42 -15.03 3.03
CA PHE B 143 -17.02 -15.45 4.28
C PHE B 143 -15.96 -16.08 5.18
N TYR B 144 -16.24 -16.06 6.48
CA TYR B 144 -15.38 -16.63 7.50
C TYR B 144 -16.25 -16.88 8.72
N PRO B 145 -16.14 -18.04 9.40
CA PRO B 145 -15.18 -19.11 9.14
C PRO B 145 -15.56 -20.03 7.97
N ALA B 146 -14.91 -21.18 7.88
CA ALA B 146 -14.95 -22.03 6.70
C ALA B 146 -16.11 -23.03 6.72
N GLN B 147 -17.07 -22.87 7.60
CA GLN B 147 -18.22 -23.76 7.67
C GLN B 147 -19.38 -23.14 6.91
N ILE B 148 -19.86 -23.81 5.87
CA ILE B 148 -20.90 -23.28 5.02
C ILE B 148 -21.66 -24.42 4.38
N LYS B 149 -22.93 -24.17 4.07
CA LYS B 149 -23.80 -25.13 3.39
C LYS B 149 -24.53 -24.42 2.27
N VAL B 150 -24.26 -24.83 1.03
CA VAL B 150 -24.89 -24.23 -0.15
C VAL B 150 -25.72 -25.29 -0.84
N ARG B 151 -26.99 -24.98 -1.07
CA ARG B 151 -27.92 -25.90 -1.72
C ARG B 151 -28.76 -25.15 -2.75
N TRP B 152 -29.05 -25.81 -3.86
CA TRP B 152 -29.90 -25.27 -4.91
C TRP B 152 -31.32 -25.79 -4.73
N PHE B 153 -32.30 -24.89 -4.80
CA PHE B 153 -33.70 -25.23 -4.69
C PHE B 153 -34.44 -24.73 -5.91
N ARG B 154 -35.15 -25.63 -6.59
CA ARG B 154 -36.06 -25.25 -7.67
C ARG B 154 -37.50 -25.39 -7.20
N ASN B 155 -38.27 -24.32 -7.32
CA ASN B 155 -39.65 -24.23 -6.81
C ASN B 155 -39.82 -24.98 -5.49
N ASP B 156 -39.05 -24.54 -4.50
CA ASP B 156 -39.10 -25.09 -3.13
C ASP B 156 -38.77 -26.59 -3.11
N GLN B 157 -37.94 -27.05 -4.04
CA GLN B 157 -37.49 -28.43 -4.08
C GLN B 157 -35.98 -28.44 -4.23
N GLU B 158 -35.27 -28.92 -3.22
CA GLU B 158 -33.82 -28.95 -3.24
C GLU B 158 -33.31 -29.81 -4.39
N GLU B 159 -32.59 -29.19 -5.32
CA GLU B 159 -31.98 -29.93 -6.41
C GLU B 159 -30.96 -30.92 -5.87
N THR B 160 -31.02 -32.16 -6.35
CA THR B 160 -30.10 -33.21 -5.92
C THR B 160 -29.52 -33.95 -7.12
N THR B 161 -29.37 -33.26 -8.24
CA THR B 161 -28.84 -33.88 -9.45
C THR B 161 -28.23 -32.81 -10.34
N GLY B 162 -27.05 -33.09 -10.87
CA GLY B 162 -26.39 -32.14 -11.75
C GLY B 162 -25.83 -30.92 -11.03
N VAL B 163 -25.46 -31.07 -9.76
CA VAL B 163 -24.95 -29.98 -8.95
C VAL B 163 -23.47 -30.26 -8.71
N VAL B 164 -22.61 -29.54 -9.43
CA VAL B 164 -21.16 -29.64 -9.26
C VAL B 164 -20.70 -28.45 -8.43
N SER B 165 -19.97 -28.74 -7.35
CA SER B 165 -19.49 -27.71 -6.44
C SER B 165 -17.97 -27.68 -6.45
N THR B 166 -17.40 -26.49 -6.54
CA THR B 166 -15.97 -26.34 -6.40
C THR B 166 -15.58 -26.60 -4.95
N PRO B 167 -14.32 -26.99 -4.71
CA PRO B 167 -13.86 -27.11 -3.32
C PRO B 167 -13.82 -25.76 -2.64
N LEU B 168 -13.77 -25.80 -1.32
CA LEU B 168 -13.65 -24.57 -0.54
C LEU B 168 -12.37 -23.83 -0.95
N ILE B 169 -12.53 -22.59 -1.38
CA ILE B 169 -11.42 -21.79 -1.92
C ILE B 169 -10.95 -20.83 -0.84
N ARG B 170 -9.68 -20.95 -0.47
CA ARG B 170 -9.06 -20.09 0.54
C ARG B 170 -8.42 -18.90 -0.15
N ASN B 171 -8.92 -17.69 0.14
CA ASN B 171 -8.38 -16.50 -0.49
C ASN B 171 -7.04 -16.07 0.10
N GLY B 172 -6.71 -16.54 1.30
CA GLY B 172 -5.48 -16.14 1.96
C GLY B 172 -5.55 -14.85 2.73
N ASP B 173 -6.66 -14.12 2.65
CA ASP B 173 -6.86 -12.90 3.40
C ASP B 173 -7.92 -13.05 4.48
N TRP B 174 -8.02 -14.26 5.05
CA TRP B 174 -8.99 -14.59 6.10
C TRP B 174 -10.43 -14.52 5.59
N THR B 175 -10.63 -14.77 4.30
CA THR B 175 -11.97 -14.99 3.75
C THR B 175 -11.93 -16.24 2.87
N PHE B 176 -13.09 -16.87 2.73
CA PHE B 176 -13.25 -18.03 1.88
C PHE B 176 -14.20 -17.72 0.74
N GLN B 177 -14.29 -18.67 -0.19
CA GLN B 177 -15.07 -18.51 -1.41
C GLN B 177 -15.46 -19.90 -1.89
N ILE B 178 -16.69 -20.03 -2.40
CA ILE B 178 -17.14 -21.29 -2.96
C ILE B 178 -18.16 -21.01 -4.04
N LEU B 179 -18.10 -21.79 -5.12
CA LEU B 179 -18.97 -21.63 -6.28
C LEU B 179 -19.67 -22.94 -6.54
N VAL B 180 -21.00 -22.92 -6.49
CA VAL B 180 -21.83 -24.10 -6.72
C VAL B 180 -22.58 -23.90 -8.02
N MET B 181 -22.38 -24.81 -8.97
CA MET B 181 -23.00 -24.73 -10.29
C MET B 181 -24.19 -25.67 -10.37
N LEU B 182 -25.22 -25.24 -11.11
CA LEU B 182 -26.42 -26.04 -11.33
C LEU B 182 -26.75 -26.03 -12.81
N GLU B 183 -26.70 -27.20 -13.44
CA GLU B 183 -27.17 -27.34 -14.82
C GLU B 183 -28.68 -27.50 -14.80
N MET B 184 -29.40 -26.51 -15.33
CA MET B 184 -30.84 -26.48 -15.25
C MET B 184 -31.45 -26.19 -16.61
N THR B 185 -32.59 -26.83 -16.89
CA THR B 185 -33.37 -26.57 -18.09
C THR B 185 -34.56 -25.69 -17.69
N PRO B 186 -34.49 -24.38 -17.88
CA PRO B 186 -35.56 -23.50 -17.36
C PRO B 186 -36.91 -23.80 -18.00
N GLN B 187 -37.96 -23.52 -17.25
CA GLN B 187 -39.33 -23.74 -17.69
C GLN B 187 -40.20 -22.58 -17.20
N ARG B 188 -41.37 -22.45 -17.83
CA ARG B 188 -42.31 -21.40 -17.46
C ARG B 188 -42.67 -21.50 -15.98
N GLY B 189 -42.34 -20.45 -15.22
CA GLY B 189 -42.66 -20.38 -13.82
C GLY B 189 -41.62 -20.98 -12.89
N ASP B 190 -40.61 -21.65 -13.44
CA ASP B 190 -39.57 -22.28 -12.62
C ASP B 190 -38.75 -21.21 -11.93
N VAL B 191 -38.75 -21.23 -10.60
CA VAL B 191 -37.97 -20.29 -9.78
C VAL B 191 -36.86 -21.08 -9.10
N TYR B 192 -35.61 -20.71 -9.40
CA TYR B 192 -34.43 -21.37 -8.84
C TYR B 192 -33.84 -20.48 -7.75
N THR B 193 -33.55 -21.07 -6.60
CA THR B 193 -33.04 -20.33 -5.45
C THR B 193 -31.79 -20.99 -4.91
N CYS B 194 -30.78 -20.19 -4.60
CA CYS B 194 -29.55 -20.66 -3.97
C CYS B 194 -29.66 -20.40 -2.47
N HIS B 195 -29.59 -21.47 -1.68
CA HIS B 195 -29.70 -21.40 -0.23
C HIS B 195 -28.31 -21.51 0.39
N VAL B 196 -27.98 -20.57 1.28
CA VAL B 196 -26.67 -20.49 1.89
C VAL B 196 -26.84 -20.37 3.40
N GLU B 197 -26.30 -21.34 4.14
CA GLU B 197 -26.29 -21.32 5.60
C GLU B 197 -24.86 -21.07 6.08
N HIS B 198 -24.72 -20.27 7.13
CA HIS B 198 -23.40 -19.88 7.61
C HIS B 198 -23.51 -19.48 9.08
N PRO B 199 -22.47 -19.71 9.88
CA PRO B 199 -22.54 -19.33 11.31
C PRO B 199 -22.80 -17.85 11.55
N SER B 200 -22.41 -16.99 10.62
CA SER B 200 -22.65 -15.56 10.75
C SER B 200 -24.09 -15.18 10.40
N LEU B 201 -24.90 -16.12 9.95
CA LEU B 201 -26.25 -15.86 9.47
C LEU B 201 -27.26 -16.55 10.38
N GLN B 202 -28.10 -15.74 11.05
CA GLN B 202 -29.18 -16.32 11.85
C GLN B 202 -30.24 -16.99 10.97
N ASN B 203 -30.48 -16.46 9.77
CA ASN B 203 -31.35 -17.07 8.79
C ASN B 203 -30.59 -17.25 7.50
N PRO B 204 -30.83 -18.34 6.77
CA PRO B 204 -30.06 -18.59 5.55
C PRO B 204 -30.39 -17.55 4.48
N ILE B 205 -29.37 -17.20 3.70
CA ILE B 205 -29.55 -16.28 2.58
C ILE B 205 -30.15 -17.05 1.42
N ILE B 206 -31.21 -16.51 0.83
CA ILE B 206 -31.88 -17.10 -0.32
C ILE B 206 -31.84 -16.09 -1.45
N VAL B 207 -31.32 -16.51 -2.61
CA VAL B 207 -31.23 -15.66 -3.79
C VAL B 207 -31.93 -16.38 -4.94
N GLU B 208 -32.92 -15.72 -5.53
CA GLU B 208 -33.72 -16.29 -6.60
C GLU B 208 -33.17 -15.86 -7.96
N TRP B 209 -33.53 -16.64 -8.99
CA TRP B 209 -33.13 -16.30 -10.35
C TRP B 209 -34.32 -16.33 -11.30
N ARG B 210 -34.97 -17.48 -11.41
CA ARG B 210 -36.16 -17.64 -12.25
C ARG B 210 -35.92 -17.19 -13.69
N ILE C 3 -17.59 28.06 -0.01
CA ILE C 3 -18.60 27.04 -0.24
C ILE C 3 -18.34 25.84 0.66
N VAL C 4 -19.27 25.57 1.56
CA VAL C 4 -19.16 24.44 2.48
C VAL C 4 -19.62 23.18 1.76
N ALA C 5 -18.83 22.11 1.89
CA ALA C 5 -19.12 20.85 1.22
C ALA C 5 -18.29 19.74 1.86
N ASP C 6 -18.79 18.51 1.74
CA ASP C 6 -18.05 17.36 2.25
C ASP C 6 -16.73 17.17 1.50
N HIS C 7 -16.74 17.42 0.19
CA HIS C 7 -15.55 17.23 -0.63
C HIS C 7 -15.47 18.34 -1.68
N VAL C 8 -14.25 18.77 -1.97
CA VAL C 8 -13.98 19.79 -2.98
C VAL C 8 -12.97 19.23 -3.96
N ALA C 9 -13.30 19.29 -5.24
CA ALA C 9 -12.41 18.82 -6.30
C ALA C 9 -12.14 19.96 -7.25
N SER C 10 -10.89 20.06 -7.70
CA SER C 10 -10.52 20.96 -8.79
C SER C 10 -10.21 20.07 -9.99
N TYR C 11 -11.26 19.79 -10.76
CA TYR C 11 -11.09 19.06 -12.03
C TYR C 11 -10.71 20.09 -13.09
N GLY C 12 -9.49 20.58 -12.95
CA GLY C 12 -8.96 21.62 -13.79
C GLY C 12 -8.36 22.78 -13.03
N VAL C 13 -7.23 22.56 -12.37
CA VAL C 13 -6.34 23.67 -12.01
C VAL C 13 -5.52 23.98 -13.26
N ASN C 14 -5.91 25.03 -13.97
CA ASN C 14 -5.23 25.46 -15.19
C ASN C 14 -4.42 26.72 -14.88
N LEU C 15 -3.16 26.74 -15.31
CA LEU C 15 -2.27 27.86 -15.03
C LEU C 15 -1.45 28.18 -16.27
N TYR C 16 -1.37 29.46 -16.61
CA TYR C 16 -0.47 29.95 -17.64
C TYR C 16 0.08 31.30 -17.19
N GLN C 17 1.37 31.53 -17.46
CA GLN C 17 2.00 32.77 -17.07
C GLN C 17 3.01 33.19 -18.14
N SER C 18 3.17 34.51 -18.28
CA SER C 18 4.02 35.06 -19.34
C SER C 18 5.49 34.79 -19.09
N TYR C 19 5.91 34.72 -17.83
CA TYR C 19 7.31 34.48 -17.51
C TYR C 19 7.69 33.05 -17.85
N GLY C 20 8.62 32.89 -18.80
CA GLY C 20 9.01 31.59 -19.28
C GLY C 20 8.93 31.50 -20.79
N PRO C 21 7.70 31.34 -21.32
CA PRO C 21 6.46 31.16 -20.57
C PRO C 21 6.35 29.74 -20.00
N SER C 22 5.41 29.54 -19.08
CA SER C 22 5.24 28.23 -18.48
C SER C 22 3.77 28.05 -18.11
N GLY C 23 3.39 26.79 -17.89
CA GLY C 23 2.02 26.47 -17.53
C GLY C 23 1.97 25.20 -16.71
N GLN C 24 0.78 24.93 -16.19
CA GLN C 24 0.53 23.73 -15.40
C GLN C 24 -0.91 23.33 -15.55
N TYR C 25 -1.15 22.03 -15.66
CA TYR C 25 -2.49 21.47 -15.61
C TYR C 25 -2.49 20.34 -14.61
N SER C 26 -3.43 20.37 -13.66
CA SER C 26 -3.49 19.37 -12.62
C SER C 26 -4.93 19.23 -12.15
N HIS C 27 -5.22 18.08 -11.54
CA HIS C 27 -6.48 17.86 -10.84
C HIS C 27 -6.21 17.65 -9.37
N GLU C 28 -7.08 18.19 -8.53
CA GLU C 28 -6.95 18.09 -7.09
C GLU C 28 -8.25 17.55 -6.50
N PHE C 29 -8.13 16.94 -5.32
CA PHE C 29 -9.29 16.45 -4.60
C PHE C 29 -9.01 16.58 -3.11
N ASP C 30 -9.87 17.34 -2.41
CA ASP C 30 -9.72 17.58 -0.98
C ASP C 30 -8.32 18.12 -0.64
N GLY C 31 -7.77 18.93 -1.55
CA GLY C 31 -6.53 19.62 -1.32
C GLY C 31 -5.27 18.87 -1.68
N ASP C 32 -5.38 17.68 -2.26
CA ASP C 32 -4.23 16.89 -2.66
C ASP C 32 -4.21 16.72 -4.17
N GLU C 33 -3.01 16.65 -4.75
CA GLU C 33 -2.85 16.59 -6.20
C GLU C 33 -3.05 15.17 -6.69
N GLU C 34 -4.03 15.00 -7.59
CA GLU C 34 -4.25 13.69 -8.20
C GLU C 34 -3.26 13.42 -9.32
N PHE C 35 -3.04 14.40 -10.19
CA PHE C 35 -2.07 14.26 -11.27
C PHE C 35 -1.70 15.64 -11.78
N TYR C 36 -0.60 15.69 -12.52
CA TYR C 36 -0.30 16.81 -13.39
C TYR C 36 0.03 16.25 -14.77
N VAL C 37 -0.07 17.10 -15.78
CA VAL C 37 0.28 16.74 -17.15
C VAL C 37 1.63 17.36 -17.47
N ASP C 38 2.59 16.53 -17.83
CA ASP C 38 3.88 17.00 -18.33
C ASP C 38 3.64 17.59 -19.72
N LEU C 39 3.55 18.92 -19.80
CA LEU C 39 3.14 19.57 -21.04
C LEU C 39 4.17 19.40 -22.14
N GLU C 40 5.44 19.24 -21.79
CA GLU C 40 6.47 19.06 -22.81
C GLU C 40 6.49 17.62 -23.33
N ARG C 41 6.33 16.64 -22.45
CA ARG C 41 6.33 15.24 -22.84
C ARG C 41 4.93 14.70 -23.15
N LYS C 42 3.89 15.50 -22.90
CA LYS C 42 2.50 15.10 -23.18
C LYS C 42 2.16 13.78 -22.48
N GLU C 43 2.42 13.75 -21.17
CA GLU C 43 2.17 12.57 -20.36
C GLU C 43 1.42 12.99 -19.10
N THR C 44 0.43 12.20 -18.72
CA THR C 44 -0.27 12.38 -17.45
C THR C 44 0.49 11.61 -16.37
N VAL C 45 0.75 12.27 -15.25
CA VAL C 45 1.58 11.72 -14.18
C VAL C 45 0.73 11.71 -12.92
N TRP C 46 0.06 10.59 -12.67
CA TRP C 46 -0.74 10.46 -11.45
C TRP C 46 0.16 10.27 -10.24
N GLN C 47 -0.33 10.71 -9.09
CA GLN C 47 0.49 10.88 -7.89
C GLN C 47 0.35 9.77 -6.88
N LEU C 48 -0.49 8.77 -7.13
CA LEU C 48 -0.62 7.63 -6.23
C LEU C 48 -0.62 6.34 -7.02
N PRO C 49 -0.09 5.26 -6.45
CA PRO C 49 -0.11 3.97 -7.16
C PRO C 49 -1.49 3.54 -7.60
N LEU C 50 -2.51 3.72 -6.76
CA LEU C 50 -3.86 3.35 -7.13
C LEU C 50 -4.38 4.19 -8.29
N PHE C 51 -3.97 5.46 -8.35
CA PHE C 51 -4.38 6.30 -9.47
C PHE C 51 -3.73 5.83 -10.78
N ARG C 52 -2.44 5.49 -10.73
CA ARG C 52 -1.75 5.02 -11.94
C ARG C 52 -2.34 3.72 -12.45
N ARG C 53 -2.91 2.91 -11.55
CA ARG C 53 -3.48 1.62 -11.96
C ARG C 53 -4.90 1.77 -12.48
N PHE C 54 -5.68 2.68 -11.90
CA PHE C 54 -7.12 2.72 -12.15
C PHE C 54 -7.57 3.86 -13.07
N ARG C 55 -6.90 5.00 -13.05
CA ARG C 55 -7.45 6.21 -13.65
C ARG C 55 -6.63 6.67 -14.83
N ARG C 56 -7.30 7.34 -15.78
CA ARG C 56 -6.67 7.79 -17.01
C ARG C 56 -7.15 9.20 -17.35
N PHE C 57 -6.25 9.98 -17.94
CA PHE C 57 -6.55 11.34 -18.38
C PHE C 57 -5.71 11.63 -19.62
N ASP C 58 -6.35 12.17 -20.64
CA ASP C 58 -5.68 12.42 -21.91
C ASP C 58 -4.92 13.74 -21.85
N PRO C 59 -3.60 13.74 -22.09
CA PRO C 59 -2.85 15.00 -22.01
C PRO C 59 -3.26 16.04 -23.05
N GLN C 60 -3.81 15.60 -24.18
CA GLN C 60 -4.22 16.55 -25.22
C GLN C 60 -5.30 17.50 -24.71
N PHE C 61 -6.13 17.05 -23.77
CA PHE C 61 -7.12 17.93 -23.17
C PHE C 61 -6.45 19.05 -22.38
N ALA C 62 -5.41 18.70 -21.61
CA ALA C 62 -4.67 19.71 -20.86
C ALA C 62 -3.97 20.69 -21.81
N LEU C 63 -3.31 20.15 -22.84
CA LEU C 63 -2.59 21.00 -23.78
C LEU C 63 -3.53 21.99 -24.47
N THR C 64 -4.75 21.54 -24.81
CA THR C 64 -5.70 22.42 -25.47
C THR C 64 -6.16 23.54 -24.54
N ASN C 65 -6.49 23.19 -23.29
CA ASN C 65 -6.96 24.18 -22.33
C ASN C 65 -5.89 25.25 -22.07
N ILE C 66 -4.63 24.83 -21.96
CA ILE C 66 -3.56 25.80 -21.71
C ILE C 66 -3.41 26.75 -22.88
N ALA C 67 -3.59 26.24 -24.10
CA ALA C 67 -3.56 27.10 -25.27
C ALA C 67 -4.66 28.16 -25.22
N VAL C 68 -5.85 27.78 -24.75
CA VAL C 68 -6.90 28.76 -24.51
C VAL C 68 -6.46 29.77 -23.45
N LEU C 69 -5.78 29.29 -22.41
CA LEU C 69 -5.28 30.19 -21.37
C LEU C 69 -4.28 31.18 -21.93
N LYS C 70 -3.44 30.75 -22.87
CA LYS C 70 -2.52 31.67 -23.53
C LYS C 70 -3.28 32.77 -24.25
N HIS C 71 -4.35 32.41 -24.97
CA HIS C 71 -5.14 33.41 -25.68
C HIS C 71 -5.89 34.31 -24.71
N ASN C 72 -6.54 33.72 -23.70
CA ASN C 72 -7.31 34.52 -22.75
C ASN C 72 -6.42 35.47 -21.96
N LEU C 73 -5.18 35.06 -21.69
CA LEU C 73 -4.26 35.93 -20.95
C LEU C 73 -3.96 37.20 -21.73
N ASN C 74 -3.58 37.05 -23.01
CA ASN C 74 -3.25 38.22 -23.82
C ASN C 74 -4.42 39.18 -23.96
N CYS C 75 -5.64 38.65 -23.98
CA CYS C 75 -6.81 39.52 -24.10
C CYS C 75 -7.07 40.29 -22.81
N VAL C 76 -6.89 39.64 -21.66
CA VAL C 76 -7.14 40.32 -20.39
C VAL C 76 -5.99 41.24 -20.02
N ILE C 77 -4.77 40.94 -20.48
CA ILE C 77 -3.66 41.87 -20.31
C ILE C 77 -4.00 43.22 -20.93
N LYS C 78 -4.54 43.20 -22.15
CA LYS C 78 -4.93 44.45 -22.80
C LYS C 78 -6.08 45.12 -22.06
N ARG C 79 -7.08 44.34 -21.65
CA ARG C 79 -8.25 44.91 -21.00
C ARG C 79 -7.91 45.55 -19.65
N SER C 80 -6.91 45.01 -18.95
CA SER C 80 -6.51 45.52 -17.64
C SER C 80 -5.40 46.55 -17.71
N ASN C 81 -5.11 47.08 -18.90
CA ASN C 81 -4.06 48.08 -19.09
C ASN C 81 -2.70 47.57 -18.63
N SER C 82 -2.42 46.30 -18.95
CA SER C 82 -1.14 45.66 -18.67
C SER C 82 -0.81 45.68 -17.17
N THR C 83 -1.81 45.31 -16.36
CA THR C 83 -1.62 45.23 -14.91
C THR C 83 -0.90 43.93 -14.58
N ALA C 84 0.34 44.03 -14.11
CA ALA C 84 1.16 42.86 -13.86
C ALA C 84 0.85 42.26 -12.49
N ALA C 85 1.30 41.03 -12.29
CA ALA C 85 1.08 40.34 -11.03
C ALA C 85 1.84 41.01 -9.90
N THR C 86 1.28 40.90 -8.70
CA THR C 86 1.93 41.39 -7.49
C THR C 86 2.68 40.24 -6.83
N ASN C 87 3.95 40.48 -6.50
CA ASN C 87 4.74 39.47 -5.81
C ASN C 87 4.31 39.38 -4.35
N GLU C 88 3.83 38.21 -3.95
CA GLU C 88 3.52 37.95 -2.56
C GLU C 88 4.76 37.43 -1.83
N VAL C 89 4.75 37.54 -0.51
CA VAL C 89 5.82 37.03 0.33
C VAL C 89 5.44 35.62 0.77
N PRO C 90 6.24 34.60 0.44
CA PRO C 90 5.94 33.24 0.90
C PRO C 90 6.41 33.01 2.33
N GLU C 91 5.80 32.03 2.96
CA GLU C 91 6.20 31.57 4.28
C GLU C 91 6.57 30.09 4.21
N VAL C 92 7.66 29.73 4.88
CA VAL C 92 8.25 28.41 4.75
C VAL C 92 8.19 27.69 6.09
N THR C 93 7.78 26.42 6.06
CA THR C 93 7.75 25.58 7.24
C THR C 93 8.42 24.26 6.91
N VAL C 94 9.35 23.84 7.76
CA VAL C 94 10.09 22.59 7.57
C VAL C 94 9.79 21.66 8.73
N PHE C 95 9.44 20.41 8.42
CA PHE C 95 9.13 19.42 9.43
C PHE C 95 9.39 18.05 8.84
N SER C 96 9.34 17.04 9.70
CA SER C 96 9.57 15.66 9.29
C SER C 96 8.25 14.92 9.12
N LYS C 97 8.28 13.87 8.29
CA LYS C 97 7.08 13.09 8.06
C LYS C 97 6.75 12.21 9.26
N SER C 98 7.76 11.76 9.99
CA SER C 98 7.60 10.92 11.16
C SER C 98 8.53 11.43 12.26
N PRO C 99 8.29 11.04 13.51
CA PRO C 99 9.26 11.37 14.56
C PRO C 99 10.63 10.79 14.25
N VAL C 100 11.65 11.65 14.29
CA VAL C 100 12.99 11.27 13.87
C VAL C 100 13.59 10.30 14.89
N THR C 101 14.22 9.25 14.38
CA THR C 101 14.95 8.29 15.20
C THR C 101 16.26 7.97 14.49
N LEU C 102 17.37 8.02 15.24
CA LEU C 102 18.68 7.77 14.65
C LEU C 102 18.72 6.38 14.03
N GLY C 103 19.17 6.32 12.78
CA GLY C 103 19.26 5.08 12.04
C GLY C 103 18.03 4.75 11.22
N GLN C 104 16.86 5.21 11.65
CA GLN C 104 15.63 4.94 10.92
C GLN C 104 15.44 5.99 9.82
N PRO C 105 15.41 5.61 8.55
CA PRO C 105 15.26 6.60 7.49
C PRO C 105 13.93 7.36 7.62
N ASN C 106 13.98 8.65 7.30
CA ASN C 106 12.83 9.53 7.43
C ASN C 106 12.79 10.47 6.23
N THR C 107 11.80 11.35 6.22
CA THR C 107 11.61 12.32 5.15
C THR C 107 11.42 13.70 5.74
N LEU C 108 12.21 14.66 5.28
CA LEU C 108 12.06 16.05 5.67
C LEU C 108 11.14 16.75 4.67
N ILE C 109 10.17 17.49 5.19
CA ILE C 109 9.13 18.11 4.37
C ILE C 109 9.27 19.63 4.47
N CYS C 110 9.33 20.30 3.33
CA CYS C 110 9.42 21.75 3.26
C CYS C 110 8.16 22.29 2.60
N LEU C 111 7.32 22.96 3.38
CA LEU C 111 6.09 23.57 2.89
C LEU C 111 6.36 25.03 2.57
N VAL C 112 6.22 25.40 1.30
CA VAL C 112 6.34 26.78 0.86
C VAL C 112 4.93 27.26 0.53
N ASP C 113 4.37 28.07 1.42
CA ASP C 113 2.98 28.50 1.32
C ASP C 113 2.90 29.92 0.77
N ASN C 114 1.70 30.27 0.31
CA ASN C 114 1.39 31.63 -0.16
C ASN C 114 2.34 32.07 -1.27
N ILE C 115 2.47 31.23 -2.29
CA ILE C 115 3.33 31.51 -3.42
C ILE C 115 2.54 32.26 -4.48
N PHE C 116 3.03 33.44 -4.87
CA PHE C 116 2.53 34.14 -6.04
C PHE C 116 3.51 35.24 -6.43
N PRO C 117 3.90 35.33 -7.72
CA PRO C 117 3.52 34.45 -8.83
C PRO C 117 4.10 33.03 -8.67
N PRO C 118 3.52 32.05 -9.37
CA PRO C 118 4.01 30.67 -9.23
C PRO C 118 5.36 30.43 -9.89
N VAL C 119 6.39 31.09 -9.37
CA VAL C 119 7.78 30.89 -9.77
C VAL C 119 8.62 30.88 -8.50
N VAL C 120 9.26 29.75 -8.20
CA VAL C 120 9.97 29.60 -6.94
C VAL C 120 11.05 28.54 -7.11
N ASN C 121 12.15 28.71 -6.35
CA ASN C 121 13.18 27.70 -6.23
C ASN C 121 13.16 27.14 -4.81
N ILE C 122 13.18 25.81 -4.71
CA ILE C 122 13.23 25.12 -3.42
C ILE C 122 14.39 24.13 -3.50
N THR C 123 15.44 24.37 -2.73
CA THR C 123 16.60 23.51 -2.69
C THR C 123 16.95 23.19 -1.24
N TRP C 124 17.60 22.04 -1.04
CA TRP C 124 17.97 21.56 0.28
C TRP C 124 19.47 21.70 0.49
N LEU C 125 19.85 22.13 1.70
CA LEU C 125 21.24 22.29 2.08
C LEU C 125 21.52 21.46 3.33
N SER C 126 22.54 20.61 3.27
CA SER C 126 23.00 19.84 4.43
C SER C 126 24.37 20.37 4.82
N ASN C 127 24.43 21.08 5.95
CA ASN C 127 25.67 21.70 6.43
C ASN C 127 26.24 22.66 5.39
N GLY C 128 25.36 23.39 4.70
CA GLY C 128 25.76 24.36 3.72
C GLY C 128 25.97 23.82 2.32
N HIS C 129 25.99 22.50 2.14
CA HIS C 129 26.20 21.89 0.84
C HIS C 129 24.86 21.56 0.20
N SER C 130 24.71 21.89 -1.08
CA SER C 130 23.47 21.66 -1.78
C SER C 130 23.24 20.16 -1.97
N VAL C 131 22.10 19.68 -1.51
CA VAL C 131 21.71 18.28 -1.69
C VAL C 131 20.87 18.18 -2.96
N THR C 132 21.38 17.45 -3.95
CA THR C 132 20.70 17.31 -5.22
C THR C 132 20.09 15.93 -5.45
N GLU C 133 20.33 14.97 -4.56
CA GLU C 133 19.80 13.63 -4.71
C GLU C 133 18.92 13.27 -3.52
N GLY C 134 17.93 12.41 -3.77
CA GLY C 134 16.94 12.11 -2.76
C GLY C 134 15.91 13.20 -2.56
N VAL C 135 15.80 14.14 -3.50
CA VAL C 135 14.93 15.31 -3.37
C VAL C 135 13.82 15.20 -4.41
N SER C 136 12.58 15.42 -3.97
CA SER C 136 11.44 15.51 -4.86
C SER C 136 10.54 16.65 -4.39
N GLU C 137 9.54 16.97 -5.21
CA GLU C 137 8.63 18.06 -4.88
C GLU C 137 7.31 17.86 -5.61
N THR C 138 6.25 18.42 -5.04
CA THR C 138 4.95 18.40 -5.68
C THR C 138 4.88 19.50 -6.75
N SER C 139 3.76 19.52 -7.49
CA SER C 139 3.48 20.64 -8.36
C SER C 139 3.01 21.83 -7.54
N PHE C 140 2.64 22.91 -8.22
CA PHE C 140 1.97 24.01 -7.54
C PHE C 140 0.55 23.58 -7.17
N LEU C 141 0.23 23.64 -5.88
CA LEU C 141 -1.08 23.29 -5.39
C LEU C 141 -1.88 24.56 -5.16
N SER C 142 -3.14 24.55 -5.57
CA SER C 142 -3.95 25.75 -5.60
C SER C 142 -4.46 26.11 -4.20
N LYS C 143 -4.84 27.37 -4.06
CA LYS C 143 -5.39 27.90 -2.81
C LYS C 143 -6.61 28.74 -3.14
N SER C 144 -7.51 28.86 -2.16
CA SER C 144 -8.78 29.54 -2.40
C SER C 144 -8.59 31.02 -2.69
N ASP C 145 -7.50 31.62 -2.22
CA ASP C 145 -7.19 33.01 -2.54
C ASP C 145 -6.41 33.15 -3.83
N HIS C 146 -6.33 32.08 -4.62
CA HIS C 146 -5.72 32.05 -5.94
C HIS C 146 -4.21 32.21 -5.92
N SER C 147 -3.59 32.16 -4.74
CA SER C 147 -2.16 31.95 -4.64
C SER C 147 -1.89 30.44 -4.65
N PHE C 148 -0.64 30.05 -4.47
CA PHE C 148 -0.25 28.64 -4.54
C PHE C 148 0.60 28.27 -3.34
N PHE C 149 0.77 26.96 -3.15
CA PHE C 149 1.78 26.43 -2.25
C PHE C 149 2.39 25.20 -2.89
N LYS C 150 3.65 24.92 -2.51
CA LYS C 150 4.40 23.81 -3.05
C LYS C 150 5.18 23.12 -1.94
N ILE C 151 5.24 21.81 -1.99
CA ILE C 151 5.84 20.99 -0.94
C ILE C 151 7.02 20.23 -1.53
N SER C 152 8.18 20.37 -0.89
CA SER C 152 9.39 19.67 -1.29
C SER C 152 9.77 18.64 -0.23
N TYR C 153 10.38 17.54 -0.70
CA TYR C 153 10.72 16.42 0.16
C TYR C 153 12.20 16.11 0.07
N LEU C 154 12.79 15.70 1.20
CA LEU C 154 14.18 15.28 1.25
C LEU C 154 14.26 14.02 2.09
N THR C 155 14.51 12.89 1.44
CA THR C 155 14.75 11.64 2.15
C THR C 155 16.17 11.63 2.70
N PHE C 156 16.31 11.28 3.97
CA PHE C 156 17.60 11.39 4.65
C PHE C 156 17.70 10.34 5.74
N LEU C 157 18.94 10.04 6.12
CA LEU C 157 19.20 9.12 7.22
C LEU C 157 19.61 9.93 8.44
N PRO C 158 18.79 10.04 9.47
CA PRO C 158 19.11 10.90 10.61
C PRO C 158 20.35 10.43 11.34
N SER C 159 21.30 11.35 11.52
CA SER C 159 22.54 11.09 12.25
C SER C 159 22.71 12.14 13.33
N ALA C 160 23.77 12.01 14.12
CA ALA C 160 24.00 12.95 15.22
C ALA C 160 24.35 14.34 14.70
N ASP C 161 25.09 14.41 13.60
CA ASP C 161 25.46 15.69 13.00
C ASP C 161 24.53 15.95 11.82
N GLU C 162 23.32 16.42 12.13
CA GLU C 162 22.29 16.72 11.14
C GLU C 162 22.05 18.22 11.14
N ILE C 163 22.41 18.87 10.04
CA ILE C 163 22.18 20.30 9.85
C ILE C 163 21.53 20.46 8.48
N TYR C 164 20.20 20.52 8.45
CA TYR C 164 19.44 20.62 7.22
C TYR C 164 18.72 21.95 7.15
N ASP C 165 18.72 22.55 5.95
CA ASP C 165 18.00 23.79 5.70
C ASP C 165 17.26 23.68 4.39
N CYS C 166 16.11 24.36 4.31
CA CYS C 166 15.34 24.47 3.08
C CYS C 166 15.54 25.88 2.55
N LYS C 167 16.15 25.98 1.37
CA LYS C 167 16.41 27.26 0.72
C LYS C 167 15.29 27.58 -0.26
N VAL C 168 14.69 28.76 -0.11
CA VAL C 168 13.59 29.18 -0.96
C VAL C 168 13.94 30.53 -1.56
N GLU C 169 13.79 30.64 -2.88
CA GLU C 169 14.06 31.87 -3.62
C GLU C 169 12.78 32.32 -4.31
N HIS C 170 12.44 33.60 -4.16
CA HIS C 170 11.20 34.13 -4.72
C HIS C 170 11.35 35.64 -4.87
N TRP C 171 10.64 36.19 -5.85
CA TRP C 171 10.74 37.62 -6.13
C TRP C 171 10.19 38.47 -4.98
N GLY C 172 9.29 37.92 -4.18
CA GLY C 172 8.78 38.63 -3.02
C GLY C 172 9.71 38.68 -1.83
N LEU C 173 10.90 38.08 -1.94
CA LEU C 173 11.88 38.05 -0.88
C LEU C 173 13.13 38.84 -1.29
N ASP C 174 13.74 39.52 -0.31
CA ASP C 174 14.95 40.27 -0.59
C ASP C 174 16.14 39.36 -0.83
N GLU C 175 16.28 38.32 -0.02
CA GLU C 175 17.35 37.35 -0.09
C GLU C 175 16.76 35.95 -0.01
N PRO C 176 17.50 34.93 -0.45
CA PRO C 176 17.02 33.56 -0.28
C PRO C 176 16.71 33.26 1.17
N LEU C 177 15.54 32.68 1.40
CA LEU C 177 15.05 32.40 2.75
C LEU C 177 15.50 31.00 3.18
N LEU C 178 16.20 30.92 4.30
CA LEU C 178 16.68 29.66 4.85
C LEU C 178 15.83 29.28 6.06
N LYS C 179 15.32 28.06 6.06
CA LYS C 179 14.52 27.53 7.16
C LYS C 179 15.22 26.30 7.72
N HIS C 180 15.78 26.42 8.92
CA HIS C 180 16.47 25.32 9.56
C HIS C 180 15.46 24.37 10.20
N TRP C 181 15.77 23.08 10.18
CA TRP C 181 14.91 22.06 10.77
C TRP C 181 15.44 21.68 12.15
N GLU C 182 14.52 21.61 13.12
CA GLU C 182 14.88 21.25 14.48
C GLU C 182 14.43 19.83 14.81
N GLY D 1 -7.64 3.66 -23.09
CA GLY D 1 -8.93 3.38 -22.49
C GLY D 1 -9.73 4.63 -22.24
N GLN D 2 -10.82 4.49 -21.50
CA GLN D 2 -11.65 5.64 -21.16
C GLN D 2 -10.86 6.61 -20.30
N VAL D 3 -11.07 7.91 -20.52
CA VAL D 3 -10.38 8.94 -19.78
C VAL D 3 -11.41 9.81 -19.07
N GLU D 4 -10.99 10.36 -17.93
CA GLU D 4 -11.77 11.42 -17.29
C GLU D 4 -11.50 12.74 -18.01
N LEU D 5 -12.42 13.67 -17.83
CA LEU D 5 -12.31 14.99 -18.44
C LEU D 5 -12.17 16.03 -17.35
N GLY D 6 -11.87 17.26 -17.79
CA GLY D 6 -11.86 18.41 -16.91
C GLY D 6 -12.81 19.48 -17.45
N GLY D 7 -12.83 20.60 -16.73
CA GLY D 7 -13.61 21.73 -17.18
C GLY D 7 -13.04 22.29 -18.47
N GLY D 8 -13.88 22.39 -19.50
CA GLY D 8 -13.47 23.06 -20.72
C GLY D 8 -13.64 24.56 -20.56
N ASN D 9 -12.57 25.30 -20.82
CA ASN D 9 -12.60 26.74 -20.59
C ASN D 9 -13.14 27.46 -21.83
N ALA D 10 -13.75 28.61 -21.58
CA ALA D 10 -14.26 29.46 -22.64
C ALA D 10 -13.17 30.38 -23.15
N VAL D 11 -13.30 30.81 -24.40
CA VAL D 11 -12.31 31.63 -25.07
C VAL D 11 -12.70 33.09 -24.96
N GLU D 12 -11.72 33.95 -24.69
CA GLU D 12 -11.95 35.37 -24.50
C GLU D 12 -12.32 36.05 -25.81
N VAL D 13 -12.87 37.26 -25.70
CA VAL D 13 -13.53 37.93 -26.82
C VAL D 13 -12.55 38.29 -27.94
N CYS D 14 -11.30 38.60 -27.59
CA CYS D 14 -10.32 39.04 -28.58
C CYS D 14 -10.20 38.05 -29.74
N LYS D 15 -9.86 38.57 -30.91
CA LYS D 15 -9.70 37.77 -32.10
C LYS D 15 -8.24 37.37 -32.31
N GLY D 16 -8.04 36.22 -32.93
CA GLY D 16 -6.70 35.71 -33.20
C GLY D 16 -6.41 34.38 -32.56
N GLY D 17 -5.52 33.61 -33.16
CA GLY D 17 -5.17 32.30 -32.64
C GLY D 17 -3.78 31.84 -33.06
N SER D 24 12.61 43.12 -9.90
CA SER D 24 12.00 41.82 -10.15
C SER D 24 11.35 41.78 -11.53
N PRO D 25 11.43 40.63 -12.20
CA PRO D 25 10.80 40.51 -13.51
C PRO D 25 9.28 40.58 -13.40
N GLU D 26 8.65 41.23 -14.37
CA GLU D 26 7.20 41.31 -14.38
C GLU D 26 6.60 40.01 -14.91
N ASP D 27 5.39 39.71 -14.46
CA ASP D 27 4.76 38.45 -14.78
C ASP D 27 3.26 38.68 -14.89
N PHE D 28 2.65 38.07 -15.90
CA PHE D 28 1.20 38.11 -16.10
C PHE D 28 0.67 36.69 -15.99
N VAL D 29 -0.23 36.45 -15.05
CA VAL D 29 -0.65 35.11 -14.69
C VAL D 29 -2.14 34.97 -14.99
N TYR D 30 -2.52 33.81 -15.53
CA TYR D 30 -3.90 33.48 -15.80
C TYR D 30 -4.20 32.10 -15.21
N GLN D 31 -5.34 31.98 -14.54
CA GLN D 31 -5.77 30.72 -13.95
C GLN D 31 -7.21 30.45 -14.34
N PHE D 32 -7.50 29.17 -14.59
CA PHE D 32 -8.88 28.69 -14.75
C PHE D 32 -9.05 27.48 -13.86
N LYS D 33 -10.06 27.53 -12.99
CA LYS D 33 -10.30 26.48 -12.02
C LYS D 33 -11.69 25.90 -12.25
N GLY D 34 -11.75 24.63 -12.67
CA GLY D 34 -12.99 23.90 -12.74
C GLY D 34 -13.26 23.16 -11.45
N MET D 35 -14.12 23.71 -10.60
CA MET D 35 -14.27 23.25 -9.23
C MET D 35 -15.61 22.56 -9.02
N CYS D 36 -15.58 21.41 -8.33
CA CYS D 36 -16.76 20.62 -8.03
C CYS D 36 -16.89 20.46 -6.53
N TYR D 37 -18.10 20.68 -6.01
CA TYR D 37 -18.40 20.60 -4.59
C TYR D 37 -19.45 19.52 -4.36
N PHE D 38 -19.16 18.61 -3.44
CA PHE D 38 -20.01 17.45 -3.18
C PHE D 38 -20.46 17.43 -1.72
N THR D 39 -21.72 17.04 -1.51
CA THR D 39 -22.27 16.90 -0.17
C THR D 39 -23.26 15.74 -0.15
N ASN D 40 -23.20 14.95 0.92
CA ASN D 40 -24.02 13.74 1.08
C ASN D 40 -23.85 12.79 -0.11
N GLY D 41 -22.59 12.51 -0.45
CA GLY D 41 -22.35 11.63 -1.58
C GLY D 41 -22.70 12.33 -2.88
N THR D 42 -23.51 11.68 -3.70
CA THR D 42 -23.98 12.23 -4.97
C THR D 42 -25.35 12.89 -4.84
N GLU D 43 -25.64 13.47 -3.68
CA GLU D 43 -26.94 14.08 -3.41
C GLU D 43 -26.97 15.57 -3.65
N ARG D 44 -25.83 16.25 -3.45
CA ARG D 44 -25.73 17.69 -3.67
C ARG D 44 -24.42 17.96 -4.38
N VAL D 45 -24.49 18.27 -5.67
CA VAL D 45 -23.32 18.58 -6.47
C VAL D 45 -23.44 20.02 -6.96
N ARG D 46 -22.31 20.72 -7.02
CA ARG D 46 -22.29 22.10 -7.46
C ARG D 46 -20.99 22.36 -8.22
N LEU D 47 -21.11 22.91 -9.43
CA LEU D 47 -19.97 23.22 -10.28
C LEU D 47 -19.77 24.73 -10.30
N VAL D 48 -18.53 25.16 -10.03
CA VAL D 48 -18.15 26.57 -10.12
C VAL D 48 -16.84 26.64 -10.89
N THR D 49 -16.89 27.13 -12.12
CA THR D 49 -15.69 27.38 -12.91
C THR D 49 -15.26 28.83 -12.71
N ARG D 50 -13.96 29.03 -12.47
CA ARG D 50 -13.43 30.35 -12.10
C ARG D 50 -12.40 30.80 -13.12
N TYR D 51 -12.55 32.03 -13.59
CA TYR D 51 -11.61 32.65 -14.53
C TYR D 51 -10.88 33.76 -13.79
N ILE D 52 -9.56 33.64 -13.72
CA ILE D 52 -8.75 34.44 -12.79
C ILE D 52 -7.63 35.12 -13.55
N TYR D 53 -7.54 36.44 -13.41
CA TYR D 53 -6.43 37.21 -13.96
C TYR D 53 -5.52 37.60 -12.80
N ASN D 54 -4.27 37.12 -12.85
CA ASN D 54 -3.35 37.17 -11.71
C ASN D 54 -3.99 36.46 -10.51
N ARG D 55 -4.45 37.23 -9.53
CA ARG D 55 -5.17 36.68 -8.38
C ARG D 55 -6.60 37.22 -8.29
N GLU D 56 -7.11 37.79 -9.39
CA GLU D 56 -8.42 38.42 -9.43
C GLU D 56 -9.37 37.55 -10.24
N GLU D 57 -10.31 36.91 -9.54
CA GLU D 57 -11.38 36.17 -10.21
C GLU D 57 -12.36 37.17 -10.82
N TYR D 58 -12.40 37.24 -12.15
CA TYR D 58 -13.21 38.26 -12.82
C TYR D 58 -14.48 37.71 -13.45
N ALA D 59 -14.58 36.40 -13.68
CA ALA D 59 -15.78 35.81 -14.25
C ALA D 59 -15.89 34.38 -13.77
N ARG D 60 -17.10 33.94 -13.49
CA ARG D 60 -17.32 32.57 -13.03
C ARG D 60 -18.65 32.06 -13.52
N PHE D 61 -18.74 30.73 -13.64
CA PHE D 61 -19.99 30.03 -13.89
C PHE D 61 -20.34 29.23 -12.65
N ASP D 62 -21.54 29.46 -12.12
CA ASP D 62 -22.05 28.76 -10.95
C ASP D 62 -23.25 27.93 -11.39
N SER D 63 -23.18 26.62 -11.21
CA SER D 63 -24.28 25.75 -11.62
C SER D 63 -25.57 26.08 -10.88
N ASP D 64 -25.45 26.60 -9.64
CA ASP D 64 -26.64 27.06 -8.93
C ASP D 64 -27.26 28.29 -9.60
N VAL D 65 -26.46 29.07 -10.31
CA VAL D 65 -26.98 30.24 -11.02
C VAL D 65 -27.43 29.89 -12.43
N GLY D 66 -26.62 29.11 -13.16
CA GLY D 66 -26.98 28.61 -14.46
C GLY D 66 -26.43 29.41 -15.63
N VAL D 67 -25.88 30.60 -15.38
CA VAL D 67 -25.31 31.43 -16.42
C VAL D 67 -23.96 31.97 -15.94
N TYR D 68 -23.15 32.40 -16.90
CA TYR D 68 -21.90 33.07 -16.57
C TYR D 68 -22.19 34.42 -15.95
N ARG D 69 -21.43 34.75 -14.90
CA ARG D 69 -21.57 36.02 -14.20
C ARG D 69 -20.22 36.69 -14.10
N ALA D 70 -20.25 38.02 -14.15
CA ALA D 70 -19.04 38.81 -13.93
C ALA D 70 -18.86 39.03 -12.43
N VAL D 71 -17.61 38.98 -11.98
CA VAL D 71 -17.28 39.17 -10.58
C VAL D 71 -16.66 40.54 -10.34
N THR D 72 -15.80 40.98 -11.25
CA THR D 72 -15.18 42.30 -11.18
C THR D 72 -15.47 43.03 -12.49
N PRO D 73 -15.21 44.34 -12.59
CA PRO D 73 -15.48 45.06 -13.85
C PRO D 73 -14.67 44.53 -15.03
N LEU D 74 -13.79 43.56 -14.78
CA LEU D 74 -12.97 42.97 -15.84
C LEU D 74 -13.70 41.86 -16.58
N GLY D 75 -14.85 41.43 -16.09
CA GLY D 75 -15.56 40.29 -16.65
C GLY D 75 -16.86 40.51 -17.41
N PRO D 76 -17.46 41.71 -17.39
CA PRO D 76 -18.67 41.94 -18.20
C PRO D 76 -18.49 41.52 -19.66
N PRO D 77 -17.40 41.93 -20.33
CA PRO D 77 -17.29 41.54 -21.75
C PRO D 77 -17.24 40.06 -21.99
N ALA D 78 -16.60 39.30 -21.08
CA ALA D 78 -16.51 37.86 -21.24
C ALA D 78 -17.84 37.18 -20.87
N ALA D 79 -18.42 37.58 -19.73
CA ALA D 79 -19.64 36.92 -19.26
C ALA D 79 -20.79 37.12 -20.23
N GLU D 80 -20.97 38.35 -20.72
CA GLU D 80 -22.04 38.61 -21.67
C GLU D 80 -21.81 37.87 -22.99
N TYR D 81 -20.54 37.70 -23.38
CA TYR D 81 -20.23 37.01 -24.62
C TYR D 81 -20.39 35.49 -24.48
N TRP D 82 -19.87 34.92 -23.39
CA TRP D 82 -20.00 33.49 -23.18
C TRP D 82 -21.45 33.06 -23.00
N ASN D 83 -22.28 33.91 -22.37
CA ASN D 83 -23.69 33.60 -22.23
C ASN D 83 -24.43 33.68 -23.56
N SER D 84 -23.91 34.44 -24.53
CA SER D 84 -24.55 34.53 -25.83
C SER D 84 -24.23 33.34 -26.73
N GLN D 85 -23.13 32.63 -26.45
CA GLN D 85 -22.78 31.44 -27.22
C GLN D 85 -23.55 30.25 -26.65
N LYS D 86 -24.56 29.79 -27.38
CA LYS D 86 -25.51 28.82 -26.86
C LYS D 86 -24.82 27.50 -26.48
N GLU D 87 -23.93 27.00 -27.35
CA GLU D 87 -23.35 25.69 -27.09
C GLU D 87 -22.35 25.72 -25.95
N VAL D 88 -21.57 26.80 -25.81
CA VAL D 88 -20.64 26.85 -24.69
C VAL D 88 -21.40 26.92 -23.37
N LEU D 89 -22.55 27.60 -23.34
CA LEU D 89 -23.33 27.68 -22.12
C LEU D 89 -23.96 26.34 -21.80
N GLU D 90 -24.49 25.64 -22.81
CA GLU D 90 -25.08 24.33 -22.57
C GLU D 90 -24.04 23.30 -22.14
N ARG D 91 -22.86 23.32 -22.78
CA ARG D 91 -21.82 22.37 -22.41
C ARG D 91 -21.25 22.65 -21.03
N THR D 92 -21.17 23.91 -20.63
CA THR D 92 -20.71 24.23 -19.29
C THR D 92 -21.71 23.76 -18.24
N ARG D 93 -23.00 23.96 -18.48
CA ARG D 93 -24.02 23.42 -17.58
C ARG D 93 -23.93 21.90 -17.49
N ALA D 94 -23.70 21.24 -18.62
CA ALA D 94 -23.65 19.79 -18.64
C ALA D 94 -22.37 19.23 -18.02
N GLU D 95 -21.36 20.08 -17.78
CA GLU D 95 -20.15 19.60 -17.11
C GLU D 95 -20.41 19.23 -15.66
N LEU D 96 -21.52 19.68 -15.08
CA LEU D 96 -21.94 19.17 -13.78
C LEU D 96 -22.12 17.66 -13.82
N ASP D 97 -22.50 17.12 -14.98
CA ASP D 97 -22.65 15.68 -15.17
C ASP D 97 -21.41 15.04 -15.78
N THR D 98 -20.87 15.63 -16.85
CA THR D 98 -19.75 15.02 -17.56
C THR D 98 -18.43 15.15 -16.80
N VAL D 99 -18.35 16.08 -15.85
CA VAL D 99 -17.10 16.29 -15.11
C VAL D 99 -17.30 15.97 -13.63
N CYS D 100 -18.15 16.74 -12.94
CA CYS D 100 -18.29 16.60 -11.50
C CYS D 100 -18.83 15.22 -11.13
N ARG D 101 -20.04 14.90 -11.60
CA ARG D 101 -20.67 13.64 -11.20
C ARG D 101 -19.90 12.43 -11.74
N HIS D 102 -19.34 12.54 -12.95
CA HIS D 102 -18.63 11.41 -13.52
C HIS D 102 -17.33 11.13 -12.78
N ASN D 103 -16.50 12.17 -12.59
CA ASN D 103 -15.22 11.96 -11.93
C ASN D 103 -15.42 11.57 -10.47
N TYR D 104 -16.51 12.02 -9.85
CA TYR D 104 -16.79 11.62 -8.48
C TYR D 104 -17.00 10.11 -8.39
N GLN D 105 -17.62 9.51 -9.41
CA GLN D 105 -17.80 8.07 -9.42
C GLN D 105 -16.48 7.34 -9.40
N LEU D 106 -15.44 7.90 -10.02
CA LEU D 106 -14.11 7.31 -9.90
C LEU D 106 -13.48 7.59 -8.55
N GLU D 107 -13.94 8.63 -7.84
CA GLU D 107 -13.45 8.84 -6.49
C GLU D 107 -13.98 7.78 -5.53
N LEU D 108 -15.22 7.33 -5.72
CA LEU D 108 -15.71 6.20 -4.92
C LEU D 108 -14.87 4.95 -5.15
N ARG D 109 -14.42 4.75 -6.39
CA ARG D 109 -13.61 3.57 -6.69
C ARG D 109 -12.20 3.68 -6.13
N THR D 110 -11.71 4.89 -5.85
CA THR D 110 -10.32 5.08 -5.46
C THR D 110 -10.18 5.94 -4.21
N THR D 111 -10.24 7.27 -4.38
CA THR D 111 -9.88 8.18 -3.30
C THR D 111 -10.75 7.98 -2.07
N LEU D 112 -12.07 7.92 -2.25
CA LEU D 112 -12.97 7.87 -1.11
C LEU D 112 -12.97 6.52 -0.38
N GLN D 113 -12.25 5.52 -0.89
CA GLN D 113 -12.07 4.27 -0.19
C GLN D 113 -10.65 4.09 0.34
N ARG D 114 -9.78 5.07 0.15
CA ARG D 114 -8.42 4.99 0.67
C ARG D 114 -8.42 5.15 2.18
N ARG D 115 -7.93 4.13 2.88
CA ARG D 115 -7.85 4.13 4.34
C ARG D 115 -6.43 3.79 4.74
N VAL D 116 -5.73 4.73 5.36
CA VAL D 116 -4.38 4.50 5.86
C VAL D 116 -4.41 4.65 7.37
N GLU D 117 -4.12 3.57 8.08
CA GLU D 117 -4.16 3.60 9.53
C GLU D 117 -3.04 4.48 10.06
N PRO D 118 -3.30 5.30 11.07
CA PRO D 118 -2.27 6.19 11.60
C PRO D 118 -1.24 5.42 12.44
N THR D 119 -0.04 5.99 12.50
CA THR D 119 1.01 5.49 13.37
C THR D 119 1.09 6.39 14.59
N VAL D 120 0.96 5.79 15.77
CA VAL D 120 0.87 6.52 17.03
C VAL D 120 2.08 6.18 17.89
N THR D 121 2.83 7.21 18.28
CA THR D 121 3.96 7.07 19.18
C THR D 121 3.93 8.21 20.20
N ILE D 122 4.54 7.97 21.35
CA ILE D 122 4.58 8.95 22.43
C ILE D 122 6.03 9.22 22.81
N SER D 123 6.34 10.48 23.08
CA SER D 123 7.66 10.89 23.55
C SER D 123 7.54 12.26 24.20
N PRO D 124 8.34 12.55 25.24
CA PRO D 124 8.31 13.86 25.88
C PRO D 124 9.00 14.93 25.05
N ASN D 134 5.97 18.29 33.04
CA ASN D 134 6.49 17.79 31.77
C ASN D 134 5.40 17.77 30.70
N LEU D 135 5.81 17.65 29.44
CA LEU D 135 4.90 17.62 28.31
C LEU D 135 5.02 16.28 27.60
N LEU D 136 3.86 15.68 27.29
CA LEU D 136 3.79 14.39 26.61
C LEU D 136 3.22 14.63 25.21
N VAL D 137 3.96 14.22 24.19
CA VAL D 137 3.60 14.45 22.79
C VAL D 137 3.15 13.12 22.18
N CYS D 138 1.90 13.07 21.74
CA CYS D 138 1.36 11.93 21.01
C CYS D 138 1.42 12.23 19.52
N SER D 139 2.30 11.55 18.80
CA SER D 139 2.51 11.78 17.37
C SER D 139 1.64 10.81 16.58
N VAL D 140 0.67 11.36 15.85
CA VAL D 140 -0.22 10.59 14.99
C VAL D 140 0.13 10.95 13.55
N THR D 141 0.79 10.02 12.84
CA THR D 141 1.40 10.33 11.55
C THR D 141 0.91 9.39 10.45
N ASP D 142 0.94 9.89 9.22
CA ASP D 142 0.71 9.10 8.01
C ASP D 142 -0.65 8.40 8.05
N PHE D 143 -1.71 9.19 8.07
CA PHE D 143 -3.06 8.67 8.02
C PHE D 143 -3.85 9.40 6.95
N TYR D 144 -4.90 8.71 6.47
CA TYR D 144 -5.80 9.24 5.46
C TYR D 144 -7.10 8.46 5.58
N PRO D 145 -8.27 9.13 5.52
CA PRO D 145 -8.44 10.56 5.28
C PRO D 145 -8.19 11.44 6.50
N ALA D 146 -8.60 12.71 6.41
CA ALA D 146 -8.20 13.73 7.36
C ALA D 146 -9.11 13.83 8.57
N GLN D 147 -9.95 12.83 8.80
CA GLN D 147 -10.87 12.83 9.94
C GLN D 147 -10.25 12.00 11.05
N ILE D 148 -10.01 12.63 12.21
CA ILE D 148 -9.33 11.96 13.29
C ILE D 148 -9.73 12.60 14.61
N LYS D 149 -9.70 11.80 15.68
CA LYS D 149 -9.99 12.26 17.03
C LYS D 149 -8.92 11.73 17.97
N VAL D 150 -8.15 12.62 18.57
CA VAL D 150 -7.07 12.26 19.47
C VAL D 150 -7.41 12.79 20.86
N ARG D 151 -7.37 11.91 21.86
CA ARG D 151 -7.71 12.28 23.23
C ARG D 151 -6.67 11.67 24.17
N TRP D 152 -6.31 12.44 25.20
CA TRP D 152 -5.40 11.99 26.24
C TRP D 152 -6.17 11.50 27.46
N PHE D 153 -5.76 10.36 27.99
CA PHE D 153 -6.39 9.75 29.15
C PHE D 153 -5.36 9.55 30.25
N ARG D 154 -5.69 9.99 31.46
CA ARG D 154 -4.91 9.70 32.64
C ARG D 154 -5.58 8.56 33.39
N ASN D 155 -4.80 7.53 33.72
CA ASN D 155 -5.32 6.26 34.21
C ASN D 155 -6.56 5.82 33.42
N ASP D 156 -7.73 6.36 33.77
CA ASP D 156 -8.95 6.02 33.04
C ASP D 156 -9.94 7.19 33.02
N GLN D 157 -9.42 8.42 33.02
CA GLN D 157 -10.25 9.62 32.96
C GLN D 157 -9.72 10.52 31.85
N GLU D 158 -10.56 10.78 30.85
CA GLU D 158 -10.16 11.59 29.71
C GLU D 158 -9.74 12.99 30.19
N GLU D 159 -8.47 13.31 29.96
CA GLU D 159 -7.96 14.63 30.33
C GLU D 159 -8.70 15.72 29.55
N THR D 160 -9.10 16.77 30.25
CA THR D 160 -9.80 17.90 29.66
C THR D 160 -9.13 19.21 30.06
N THR D 161 -7.82 19.16 30.30
CA THR D 161 -7.05 20.33 30.72
C THR D 161 -5.60 20.11 30.33
N GLY D 162 -4.99 21.15 29.78
CA GLY D 162 -3.59 21.06 29.40
C GLY D 162 -3.32 20.23 28.17
N VAL D 163 -4.28 20.14 27.26
CA VAL D 163 -4.14 19.35 26.03
C VAL D 163 -4.01 20.35 24.89
N VAL D 164 -2.79 20.55 24.42
CA VAL D 164 -2.52 21.44 23.29
C VAL D 164 -2.28 20.57 22.06
N SER D 165 -3.05 20.83 21.00
CA SER D 165 -2.96 20.08 19.75
C SER D 165 -2.54 21.00 18.63
N THR D 166 -1.58 20.54 17.82
CA THR D 166 -1.22 21.24 16.61
C THR D 166 -2.35 21.11 15.58
N PRO D 167 -2.45 22.04 14.64
CA PRO D 167 -3.43 21.88 13.56
C PRO D 167 -3.10 20.68 12.69
N LEU D 168 -4.11 20.22 11.95
CA LEU D 168 -3.93 19.11 11.02
C LEU D 168 -2.89 19.47 9.98
N ILE D 169 -1.85 18.65 9.88
CA ILE D 169 -0.72 18.91 9.00
C ILE D 169 -0.85 18.06 7.74
N ARG D 170 -0.87 18.72 6.59
CA ARG D 170 -0.97 18.05 5.29
C ARG D 170 0.44 17.80 4.76
N ASN D 171 0.80 16.53 4.59
CA ASN D 171 2.13 16.19 4.08
C ASN D 171 2.26 16.40 2.58
N GLY D 172 1.15 16.48 1.85
CA GLY D 172 1.18 16.64 0.42
C GLY D 172 1.32 15.34 -0.37
N ASP D 173 1.53 14.21 0.31
CA ASP D 173 1.62 12.92 -0.34
C ASP D 173 0.42 12.04 -0.01
N TRP D 174 -0.74 12.66 0.20
CA TRP D 174 -1.99 11.96 0.53
C TRP D 174 -1.90 11.26 1.89
N THR D 175 -1.11 11.81 2.80
CA THR D 175 -1.16 11.44 4.21
C THR D 175 -1.22 12.71 5.03
N PHE D 176 -1.77 12.59 6.24
CA PHE D 176 -1.85 13.69 7.18
C PHE D 176 -1.04 13.36 8.43
N GLN D 177 -0.91 14.36 9.28
CA GLN D 177 -0.09 14.26 10.48
C GLN D 177 -0.63 15.23 11.51
N ILE D 178 -0.64 14.81 12.78
CA ILE D 178 -1.09 15.68 13.85
C ILE D 178 -0.35 15.30 15.13
N LEU D 179 -0.01 16.31 15.92
CA LEU D 179 0.73 16.13 17.16
C LEU D 179 -0.08 16.76 18.28
N VAL D 180 -0.45 15.96 19.27
CA VAL D 180 -1.24 16.41 20.41
C VAL D 180 -0.36 16.35 21.65
N MET D 181 -0.17 17.49 22.30
CA MET D 181 0.67 17.60 23.48
C MET D 181 -0.19 17.66 24.73
N LEU D 182 0.33 17.06 25.81
CA LEU D 182 -0.35 17.02 27.09
C LEU D 182 0.62 17.43 28.19
N GLU D 183 0.29 18.50 28.89
CA GLU D 183 1.06 18.91 30.07
C GLU D 183 0.65 18.03 31.24
N MET D 184 1.58 17.24 31.76
CA MET D 184 1.27 16.24 32.78
C MET D 184 2.20 16.40 33.96
N THR D 185 1.66 16.15 35.16
CA THR D 185 2.42 16.14 36.39
C THR D 185 2.74 14.69 36.75
N PRO D 186 3.93 14.19 36.44
CA PRO D 186 4.20 12.76 36.64
C PRO D 186 4.15 12.35 38.11
N GLN D 187 3.73 11.11 38.33
CA GLN D 187 3.65 10.52 39.66
C GLN D 187 3.95 9.04 39.56
N ARG D 188 4.27 8.42 40.69
CA ARG D 188 4.54 6.99 40.71
C ARG D 188 3.35 6.21 40.15
N GLY D 189 2.14 6.57 40.59
CA GLY D 189 0.93 5.95 40.07
C GLY D 189 0.36 6.77 38.94
N ASP D 190 0.90 6.60 37.73
CA ASP D 190 0.44 7.38 36.57
C ASP D 190 0.55 6.51 35.33
N VAL D 191 -0.59 6.18 34.73
CA VAL D 191 -0.65 5.47 33.45
C VAL D 191 -1.31 6.42 32.46
N TYR D 192 -0.56 6.83 31.43
CA TYR D 192 -1.05 7.75 30.41
C TYR D 192 -1.28 7.01 29.10
N THR D 193 -2.45 7.22 28.50
CA THR D 193 -2.82 6.55 27.27
C THR D 193 -3.31 7.57 26.25
N CYS D 194 -2.82 7.48 25.02
CA CYS D 194 -3.29 8.30 23.92
C CYS D 194 -4.31 7.51 23.10
N HIS D 195 -5.52 8.02 23.00
CA HIS D 195 -6.60 7.37 22.27
C HIS D 195 -6.78 8.04 20.91
N VAL D 196 -6.81 7.25 19.84
CA VAL D 196 -6.88 7.74 18.47
C VAL D 196 -7.99 7.01 17.74
N GLU D 197 -9.00 7.75 17.29
CA GLU D 197 -10.10 7.22 16.49
C GLU D 197 -9.96 7.70 15.06
N HIS D 198 -10.27 6.83 14.10
CA HIS D 198 -10.05 7.13 12.69
C HIS D 198 -10.97 6.25 11.85
N PRO D 199 -11.44 6.74 10.69
CA PRO D 199 -12.32 5.91 9.86
C PRO D 199 -11.71 4.58 9.44
N SER D 200 -10.37 4.49 9.39
CA SER D 200 -9.73 3.23 9.06
C SER D 200 -9.69 2.25 10.22
N LEU D 201 -10.11 2.66 11.41
CA LEU D 201 -9.98 1.84 12.62
C LEU D 201 -11.35 1.42 13.12
N GLN D 202 -11.62 0.12 13.04
CA GLN D 202 -12.83 -0.42 13.65
C GLN D 202 -12.75 -0.35 15.17
N ASN D 203 -11.55 -0.45 15.72
CA ASN D 203 -11.29 -0.27 17.14
C ASN D 203 -10.21 0.80 17.32
N PRO D 204 -10.32 1.63 18.35
CA PRO D 204 -9.35 2.72 18.51
C PRO D 204 -7.96 2.22 18.88
N ILE D 205 -6.95 2.93 18.39
CA ILE D 205 -5.56 2.64 18.75
C ILE D 205 -5.27 3.26 20.11
N ILE D 206 -4.71 2.46 21.01
CA ILE D 206 -4.35 2.90 22.37
C ILE D 206 -2.86 2.67 22.56
N VAL D 207 -2.15 3.74 22.93
CA VAL D 207 -0.71 3.67 23.19
C VAL D 207 -0.47 4.23 24.60
N GLU D 208 0.12 3.41 25.46
CA GLU D 208 0.36 3.81 26.85
C GLU D 208 1.77 4.33 27.04
N TRP D 209 1.94 5.17 28.05
CA TRP D 209 3.24 5.69 28.45
C TRP D 209 3.36 5.58 29.96
N ARG D 210 4.38 4.88 30.44
CA ARG D 210 4.61 4.74 31.87
C ARG D 210 6.07 5.02 32.23
N MET E 1 7.43 -4.87 39.24
CA MET E 1 7.62 -6.32 39.27
C MET E 1 6.35 -7.03 39.71
N LYS E 2 6.25 -8.32 39.37
CA LYS E 2 5.04 -9.08 39.63
C LYS E 2 5.04 -9.80 40.97
N THR E 3 6.15 -9.82 41.70
CA THR E 3 6.24 -10.54 42.96
C THR E 3 6.40 -9.58 44.13
N THR E 4 5.71 -9.88 45.23
CA THR E 4 5.94 -9.24 46.51
C THR E 4 6.26 -10.33 47.54
N GLN E 5 7.17 -10.02 48.44
CA GLN E 5 7.62 -10.93 49.49
C GLN E 5 7.77 -10.15 50.78
N PRO E 6 7.59 -10.79 51.93
CA PRO E 6 7.96 -10.15 53.19
C PRO E 6 9.45 -9.84 53.20
N PRO E 7 9.85 -8.68 53.72
CA PRO E 7 11.27 -8.31 53.66
C PRO E 7 12.17 -9.21 54.49
N SER E 8 11.74 -9.57 55.70
CA SER E 8 12.57 -10.38 56.58
C SER E 8 11.74 -11.53 57.15
N MET E 9 12.44 -12.57 57.57
CA MET E 9 11.80 -13.75 58.14
C MET E 9 12.85 -14.54 58.90
N ASP E 10 12.46 -15.07 60.06
CA ASP E 10 13.33 -15.91 60.87
C ASP E 10 12.85 -17.35 60.80
N CYS E 11 13.80 -18.27 60.99
CA CYS E 11 13.49 -19.69 61.01
C CYS E 11 14.43 -20.38 62.00
N ALA E 12 13.87 -21.28 62.80
CA ALA E 12 14.69 -22.06 63.72
C ALA E 12 15.44 -23.14 62.94
N GLU E 13 16.68 -23.38 63.33
CA GLU E 13 17.49 -24.39 62.67
C GLU E 13 16.88 -25.77 62.87
N GLY E 14 16.88 -26.56 61.80
CA GLY E 14 16.27 -27.87 61.82
C GLY E 14 14.80 -27.89 61.48
N ARG E 15 14.12 -26.77 61.59
CA ARG E 15 12.75 -26.66 61.11
C ARG E 15 12.75 -26.38 59.61
N ALA E 16 11.56 -26.45 59.02
CA ALA E 16 11.38 -26.12 57.61
C ALA E 16 10.98 -24.66 57.49
N ALA E 17 11.51 -24.00 56.46
CA ALA E 17 11.18 -22.61 56.17
C ALA E 17 10.12 -22.56 55.08
N ASN E 18 9.07 -21.79 55.32
CA ASN E 18 7.98 -21.60 54.36
C ASN E 18 7.96 -20.13 53.98
N LEU E 19 8.61 -19.80 52.87
CA LEU E 19 8.70 -18.41 52.42
C LEU E 19 7.57 -18.11 51.45
N PRO E 20 6.70 -17.14 51.75
CA PRO E 20 5.58 -16.85 50.86
C PRO E 20 5.95 -15.87 49.76
N CYS E 21 5.15 -15.92 48.69
CA CYS E 21 5.31 -15.01 47.57
C CYS E 21 3.95 -14.77 46.94
N ASN E 22 3.65 -13.51 46.65
CA ASN E 22 2.44 -13.15 45.94
C ASN E 22 2.77 -12.72 44.53
N HIS E 23 1.97 -13.18 43.57
CA HIS E 23 2.10 -12.75 42.19
C HIS E 23 0.77 -12.87 41.48
N SER E 24 -0.14 -11.92 41.75
CA SER E 24 -1.51 -12.05 41.28
C SER E 24 -1.65 -11.73 39.79
N THR E 25 -0.78 -10.87 39.25
CA THR E 25 -0.84 -10.50 37.85
C THR E 25 -0.03 -11.43 36.95
N ILE E 26 0.25 -12.66 37.42
CA ILE E 26 1.03 -13.60 36.62
C ILE E 26 0.17 -14.10 35.45
N SER E 27 0.83 -14.33 34.32
CA SER E 27 0.16 -14.82 33.12
C SER E 27 0.33 -16.34 33.00
N GLY E 28 -0.55 -16.95 32.20
CA GLY E 28 -0.54 -18.38 32.02
C GLY E 28 0.69 -18.93 31.30
N ASN E 29 1.48 -18.08 30.65
CA ASN E 29 2.70 -18.50 29.98
C ASN E 29 3.95 -18.02 30.70
N GLU E 30 3.85 -17.72 32.00
CA GLU E 30 4.98 -17.25 32.79
C GLU E 30 5.28 -18.22 33.92
N TYR E 31 6.56 -18.51 34.12
CA TYR E 31 7.03 -19.38 35.18
C TYR E 31 7.35 -18.57 36.44
N VAL E 32 7.37 -19.27 37.58
CA VAL E 32 7.81 -18.71 38.85
C VAL E 32 9.17 -19.30 39.18
N TYR E 33 10.14 -18.43 39.42
CA TYR E 33 11.51 -18.83 39.73
C TYR E 33 11.87 -18.40 41.15
N TRP E 34 12.67 -19.21 41.83
CA TRP E 34 13.20 -18.89 43.14
C TRP E 34 14.71 -18.96 43.11
N TYR E 35 15.36 -17.88 43.57
CA TYR E 35 16.80 -17.81 43.72
C TYR E 35 17.13 -17.40 45.15
N ARG E 36 18.39 -17.58 45.53
CA ARG E 36 18.88 -17.07 46.79
C ARG E 36 20.28 -16.54 46.60
N GLN E 37 20.73 -15.72 47.55
CA GLN E 37 22.07 -15.16 47.52
C GLN E 37 22.62 -15.16 48.94
N ILE E 38 23.69 -15.93 49.15
CA ILE E 38 24.39 -15.94 50.42
C ILE E 38 25.46 -14.85 50.38
N HIS E 39 25.40 -13.93 51.35
CA HIS E 39 26.43 -12.91 51.56
C HIS E 39 26.83 -12.18 50.28
N SER E 40 28.09 -12.34 49.88
CA SER E 40 28.65 -11.68 48.72
C SER E 40 28.93 -12.66 47.57
N GLN E 41 28.18 -13.75 47.52
CA GLN E 41 28.33 -14.75 46.48
C GLN E 41 27.34 -14.51 45.35
N GLY E 42 27.59 -15.17 44.22
CA GLY E 42 26.67 -15.14 43.11
C GLY E 42 25.35 -15.78 43.50
N PRO E 43 24.25 -15.27 42.93
CA PRO E 43 22.94 -15.88 43.22
C PRO E 43 22.91 -17.35 42.82
N GLN E 44 22.16 -18.12 43.61
CA GLN E 44 22.04 -19.56 43.41
C GLN E 44 20.62 -19.89 42.98
N TYR E 45 20.48 -20.66 41.91
CA TYR E 45 19.17 -21.14 41.48
C TYR E 45 18.67 -22.20 42.45
N ILE E 46 17.37 -22.13 42.77
CA ILE E 46 16.74 -23.08 43.69
C ILE E 46 15.78 -24.00 42.95
N ILE E 47 14.73 -23.45 42.35
CA ILE E 47 13.66 -24.24 41.77
C ILE E 47 12.78 -23.34 40.93
N HIS E 48 11.99 -23.92 40.02
CA HIS E 48 11.02 -23.15 39.27
C HIS E 48 9.82 -24.04 38.96
N GLY E 49 8.71 -23.39 38.63
CA GLY E 49 7.48 -24.12 38.35
C GLY E 49 6.50 -23.26 37.60
N LEU E 50 5.51 -23.93 36.99
CA LEU E 50 4.46 -23.25 36.25
C LEU E 50 3.15 -23.30 37.01
N LYS E 51 2.55 -24.48 37.17
CA LYS E 51 1.30 -24.66 37.88
C LYS E 51 1.38 -25.77 38.91
N ASN E 52 2.02 -26.89 38.58
CA ASN E 52 2.12 -28.01 39.49
C ASN E 52 3.03 -27.67 40.66
N ASN E 53 3.08 -28.58 41.62
CA ASN E 53 4.09 -28.50 42.66
C ASN E 53 5.36 -29.17 42.16
N GLU E 54 6.50 -28.65 42.60
CA GLU E 54 7.80 -29.16 42.18
C GLU E 54 8.65 -29.44 43.40
N THR E 55 9.51 -30.45 43.29
CA THR E 55 10.45 -30.77 44.34
C THR E 55 11.79 -31.17 43.72
N ASN E 56 12.87 -30.60 44.25
CA ASN E 56 14.20 -31.07 43.92
C ASN E 56 14.96 -31.35 45.22
N GLU E 57 16.26 -31.60 45.14
CA GLU E 57 17.02 -31.92 46.34
C GLU E 57 17.02 -30.75 47.33
N MET E 58 16.85 -29.52 46.83
CA MET E 58 17.00 -28.34 47.67
C MET E 58 15.70 -27.93 48.35
N ALA E 59 14.57 -27.96 47.65
CA ALA E 59 13.34 -27.40 48.21
C ALA E 59 12.13 -27.97 47.47
N SER E 60 10.96 -27.57 47.93
CA SER E 60 9.70 -27.78 47.23
C SER E 60 9.08 -26.43 46.91
N LEU E 61 8.25 -26.42 45.86
CA LEU E 61 7.56 -25.21 45.42
C LEU E 61 6.08 -25.50 45.33
N ILE E 62 5.27 -24.71 46.04
CA ILE E 62 3.82 -24.89 46.08
C ILE E 62 3.20 -23.70 45.38
N ILE E 63 2.62 -23.93 44.21
CA ILE E 63 1.87 -22.91 43.48
C ILE E 63 0.39 -23.18 43.66
N THR E 64 -0.34 -22.18 44.15
CA THR E 64 -1.76 -22.36 44.39
C THR E 64 -2.51 -22.63 43.09
N GLU E 65 -3.75 -23.11 43.22
CA GLU E 65 -4.54 -23.47 42.06
C GLU E 65 -4.74 -22.28 41.13
N ASP E 66 -5.03 -21.10 41.69
CA ASP E 66 -5.21 -19.91 40.88
C ASP E 66 -3.89 -19.25 40.48
N ARG E 67 -2.76 -19.82 40.89
CA ARG E 67 -1.41 -19.38 40.54
C ARG E 67 -1.09 -17.96 41.02
N LYS E 68 -1.94 -17.38 41.86
CA LYS E 68 -1.71 -16.00 42.28
C LYS E 68 -0.74 -15.87 43.44
N SER E 69 -0.35 -16.99 44.06
CA SER E 69 0.65 -16.97 45.12
C SER E 69 1.39 -18.29 45.13
N SER E 70 2.56 -18.30 45.79
CA SER E 70 3.36 -19.50 45.88
C SER E 70 4.13 -19.50 47.19
N THR E 71 4.69 -20.66 47.53
CA THR E 71 5.43 -20.85 48.77
C THR E 71 6.64 -21.74 48.50
N LEU E 72 7.81 -21.31 48.95
CA LEU E 72 9.02 -22.11 48.89
C LEU E 72 9.23 -22.80 50.24
N ILE E 73 9.33 -24.12 50.22
CA ILE E 73 9.46 -24.91 51.44
C ILE E 73 10.90 -25.43 51.50
N LEU E 74 11.71 -24.84 52.37
CA LEU E 74 13.09 -25.29 52.57
C LEU E 74 13.10 -26.35 53.67
N PRO E 75 13.41 -27.61 53.36
CA PRO E 75 13.48 -28.62 54.42
C PRO E 75 14.77 -28.48 55.23
N HIS E 76 14.67 -28.85 56.51
CA HIS E 76 15.75 -28.80 57.49
C HIS E 76 16.67 -27.60 57.29
N ALA E 77 16.21 -26.42 57.71
CA ALA E 77 16.99 -25.21 57.57
C ALA E 77 18.28 -25.30 58.38
N THR E 78 19.40 -24.93 57.75
CA THR E 78 20.69 -24.88 58.40
C THR E 78 21.22 -23.45 58.36
N LEU E 79 22.34 -23.24 59.05
CA LEU E 79 22.98 -21.93 59.06
C LEU E 79 23.36 -21.49 57.66
N ARG E 80 23.76 -22.44 56.81
CA ARG E 80 24.13 -22.12 55.43
C ARG E 80 22.97 -21.63 54.59
N ASP E 81 21.74 -21.74 55.08
CA ASP E 81 20.57 -21.29 54.35
C ASP E 81 20.20 -19.83 54.64
N THR E 82 20.91 -19.19 55.58
CA THR E 82 20.75 -17.75 55.81
C THR E 82 21.13 -17.00 54.54
N ALA E 83 20.15 -16.35 53.91
CA ALA E 83 20.36 -15.71 52.62
C ALA E 83 19.15 -14.85 52.31
N VAL E 84 19.24 -14.09 51.22
CA VAL E 84 18.11 -13.39 50.66
C VAL E 84 17.48 -14.28 49.59
N TYR E 85 16.20 -14.59 49.76
CA TYR E 85 15.50 -15.47 48.84
C TYR E 85 14.62 -14.64 47.92
N TYR E 86 14.86 -14.75 46.62
CA TYR E 86 14.20 -13.94 45.60
C TYR E 86 13.17 -14.78 44.87
N CYS E 87 11.91 -14.35 44.93
CA CYS E 87 10.83 -14.92 44.15
C CYS E 87 10.64 -14.06 42.91
N ILE E 88 10.80 -14.66 41.73
CA ILE E 88 10.80 -13.93 40.47
C ILE E 88 9.83 -14.60 39.51
N VAL E 89 8.95 -13.80 38.91
CA VAL E 89 8.17 -14.24 37.76
C VAL E 89 8.95 -13.90 36.50
N ARG E 90 9.27 -14.91 35.71
CA ARG E 90 10.01 -14.72 34.47
C ARG E 90 9.00 -14.26 33.41
N VAL E 91 8.87 -12.94 33.28
CA VAL E 91 7.72 -12.37 32.58
C VAL E 91 7.79 -12.62 31.08
N ALA E 92 6.64 -12.51 30.44
CA ALA E 92 6.49 -12.55 28.98
C ALA E 92 5.93 -11.19 28.57
N ILE E 93 6.80 -10.19 28.50
CA ILE E 93 6.44 -8.82 28.20
C ILE E 93 7.34 -8.30 27.10
N GLU E 94 6.75 -7.52 26.18
CA GLU E 94 7.50 -6.94 25.06
C GLU E 94 8.77 -6.27 25.53
N GLY E 95 9.89 -6.57 24.86
CA GLY E 95 11.16 -5.95 25.16
C GLY E 95 11.90 -6.52 26.34
N SER E 96 11.23 -7.30 27.20
CA SER E 96 11.87 -7.93 28.34
C SER E 96 11.36 -9.36 28.48
N GLN E 97 11.13 -10.03 27.36
CA GLN E 97 10.54 -11.36 27.36
C GLN E 97 11.58 -12.38 27.82
N GLY E 98 11.29 -13.04 28.94
CA GLY E 98 12.21 -13.99 29.53
C GLY E 98 13.14 -13.41 30.58
N ASN E 99 12.99 -12.14 30.92
CA ASN E 99 13.88 -11.50 31.88
C ASN E 99 13.64 -12.04 33.29
N LEU E 100 14.71 -12.11 34.07
CA LEU E 100 14.65 -12.39 35.51
C LEU E 100 15.06 -11.11 36.23
N ILE E 101 14.06 -10.33 36.64
CA ILE E 101 14.28 -9.09 37.36
C ILE E 101 14.20 -9.38 38.85
N PHE E 102 15.25 -9.04 39.58
CA PHE E 102 15.33 -9.31 41.01
C PHE E 102 14.69 -8.17 41.80
N GLY E 103 13.88 -8.53 42.78
CA GLY E 103 13.30 -7.59 43.71
C GLY E 103 14.06 -7.55 45.03
N LYS E 104 13.39 -7.04 46.06
CA LYS E 104 14.03 -6.92 47.36
C LYS E 104 14.23 -8.28 48.03
N GLY E 105 13.36 -9.25 47.73
CA GLY E 105 13.49 -10.57 48.29
C GLY E 105 13.11 -10.63 49.77
N THR E 106 13.42 -11.78 50.36
CA THR E 106 13.19 -12.03 51.78
C THR E 106 14.52 -12.39 52.43
N LYS E 107 14.88 -11.65 53.46
CA LYS E 107 16.10 -11.94 54.23
C LYS E 107 15.78 -13.00 55.27
N LEU E 108 16.25 -14.22 55.04
CA LEU E 108 15.99 -15.35 55.93
C LEU E 108 17.15 -15.51 56.90
N SER E 109 16.83 -15.53 58.19
CA SER E 109 17.81 -15.69 59.26
C SER E 109 17.52 -17.00 59.98
N VAL E 110 18.39 -17.98 59.81
CA VAL E 110 18.25 -19.28 60.47
C VAL E 110 18.90 -19.18 61.83
N LYS E 111 18.09 -19.12 62.88
CA LYS E 111 18.59 -18.92 64.23
C LYS E 111 19.02 -20.26 64.82
N PRO E 112 20.27 -20.39 65.29
CA PRO E 112 20.67 -21.64 65.93
C PRO E 112 19.99 -21.83 67.27
N ASN E 113 19.88 -23.09 67.68
CA ASN E 113 19.27 -23.45 68.95
C ASN E 113 20.36 -23.57 70.01
N ILE E 114 20.48 -22.55 70.86
CA ILE E 114 21.44 -22.54 71.96
C ILE E 114 20.73 -23.15 73.16
N GLN E 115 21.01 -24.44 73.43
CA GLN E 115 20.28 -25.13 74.48
C GLN E 115 20.71 -24.66 75.87
N ASN E 116 22.01 -24.45 76.07
CA ASN E 116 22.56 -24.04 77.37
C ASN E 116 23.25 -22.69 77.20
N PRO E 117 22.48 -21.60 77.14
CA PRO E 117 23.09 -20.28 76.97
C PRO E 117 23.92 -19.92 78.18
N ASP E 118 25.14 -19.43 77.93
CA ASP E 118 26.09 -19.09 78.98
C ASP E 118 26.74 -17.76 78.66
N PRO E 119 25.95 -16.69 78.60
CA PRO E 119 26.45 -15.41 78.07
C PRO E 119 27.57 -14.85 78.95
N ALA E 120 28.63 -14.40 78.31
CA ALA E 120 29.79 -13.88 79.00
C ALA E 120 30.53 -12.89 78.11
N VAL E 121 31.30 -12.03 78.75
CA VAL E 121 32.14 -11.06 78.06
C VAL E 121 33.57 -11.27 78.55
N TYR E 122 34.42 -11.81 77.69
CA TYR E 122 35.82 -12.06 78.00
C TYR E 122 36.71 -11.01 77.33
N GLN E 123 37.91 -10.85 77.89
CA GLN E 123 38.91 -9.94 77.33
C GLN E 123 40.07 -10.77 76.79
N LEU E 124 40.41 -10.55 75.52
CA LEU E 124 41.45 -11.29 74.83
C LEU E 124 42.64 -10.37 74.59
N ARG E 125 43.83 -10.84 74.95
CA ARG E 125 45.05 -10.07 74.77
C ARG E 125 45.70 -10.40 73.44
N ASP E 126 46.42 -9.41 72.89
CA ASP E 126 47.10 -9.60 71.62
C ASP E 126 48.31 -10.52 71.79
N SER E 127 48.52 -11.40 70.81
CA SER E 127 49.61 -12.36 70.88
C SER E 127 50.98 -11.72 70.69
N LYS E 128 51.03 -10.52 70.10
CA LYS E 128 52.29 -9.82 69.87
C LYS E 128 52.50 -8.70 70.89
N SER E 129 51.60 -7.72 70.91
CA SER E 129 51.69 -6.61 71.85
C SER E 129 50.89 -6.93 73.12
N SER E 130 51.11 -6.10 74.15
CA SER E 130 50.43 -6.27 75.43
C SER E 130 49.32 -5.28 75.67
N ASP E 131 49.39 -4.09 75.07
CA ASP E 131 48.36 -3.08 75.30
C ASP E 131 47.10 -3.33 74.46
N LYS E 132 47.24 -4.02 73.33
CA LYS E 132 46.12 -4.24 72.44
C LYS E 132 45.25 -5.39 72.96
N SER E 133 43.94 -5.17 73.01
CA SER E 133 43.02 -6.21 73.44
C SER E 133 41.66 -5.99 72.78
N VAL E 134 40.86 -7.06 72.77
CA VAL E 134 39.49 -7.00 72.29
C VAL E 134 38.59 -7.61 73.36
N CYS E 135 37.31 -7.27 73.29
CA CYS E 135 36.29 -7.81 74.17
C CYS E 135 35.39 -8.74 73.37
N LEU E 136 35.14 -9.93 73.90
CA LEU E 136 34.38 -10.97 73.21
C LEU E 136 33.12 -11.27 73.99
N PHE E 137 31.96 -11.00 73.38
CA PHE E 137 30.66 -11.34 73.93
C PHE E 137 30.20 -12.62 73.24
N THR E 138 30.15 -13.72 73.98
CA THR E 138 29.97 -15.03 73.37
C THR E 138 29.03 -15.88 74.22
N ASP E 139 28.54 -16.96 73.60
CA ASP E 139 27.68 -17.96 74.23
C ASP E 139 26.33 -17.41 74.67
N PHE E 140 25.87 -16.32 74.05
CA PHE E 140 24.57 -15.76 74.40
C PHE E 140 23.48 -16.32 73.50
N ASP E 141 22.23 -16.12 73.94
CA ASP E 141 21.09 -16.71 73.27
C ASP E 141 20.86 -16.07 71.90
N SER E 142 20.27 -16.84 70.99
CA SER E 142 20.02 -16.36 69.64
C SER E 142 18.99 -15.24 69.59
N GLN E 143 18.19 -15.08 70.65
CA GLN E 143 17.22 -14.00 70.71
C GLN E 143 17.84 -12.65 71.10
N THR E 144 19.14 -12.61 71.35
CA THR E 144 19.83 -11.39 71.73
C THR E 144 20.35 -10.67 70.49
N ASN E 145 20.15 -9.36 70.45
CA ASN E 145 20.61 -8.52 69.35
C ASN E 145 21.75 -7.63 69.82
N VAL E 146 22.81 -7.57 69.03
CA VAL E 146 23.96 -6.72 69.31
C VAL E 146 23.84 -5.45 68.48
N SER E 147 23.68 -4.31 69.14
CA SER E 147 23.52 -3.04 68.46
C SER E 147 24.87 -2.37 68.24
N GLN E 148 24.90 -1.49 67.24
CA GLN E 148 26.13 -0.77 66.93
C GLN E 148 26.52 0.14 68.09
N SER E 149 27.76 0.61 68.07
CA SER E 149 28.27 1.42 69.16
C SER E 149 27.79 2.87 69.01
N LYS E 150 28.03 3.65 70.06
CA LYS E 150 27.70 5.06 70.05
C LYS E 150 28.85 5.89 69.49
N ASP E 151 30.06 5.67 69.99
CA ASP E 151 31.22 6.43 69.55
C ASP E 151 31.80 5.81 68.28
N SER E 152 32.38 6.67 67.43
CA SER E 152 33.04 6.20 66.22
C SER E 152 34.39 5.57 66.50
N ASP E 153 34.97 5.80 67.67
CA ASP E 153 36.23 5.20 68.07
C ASP E 153 36.05 3.85 68.76
N VAL E 154 34.81 3.41 68.96
CA VAL E 154 34.50 2.09 69.49
C VAL E 154 33.91 1.26 68.36
N TYR E 155 34.51 0.11 68.10
CA TYR E 155 34.10 -0.76 67.00
C TYR E 155 33.46 -2.02 67.56
N ILE E 156 32.25 -2.32 67.09
CA ILE E 156 31.50 -3.49 67.53
C ILE E 156 30.97 -4.20 66.29
N THR E 157 31.22 -5.50 66.19
CA THR E 157 30.73 -6.29 65.07
C THR E 157 29.35 -6.84 65.38
N ASP E 158 28.73 -7.43 64.36
CA ASP E 158 27.43 -8.07 64.52
C ASP E 158 27.62 -9.50 65.02
N LYS E 159 26.49 -10.14 65.35
CA LYS E 159 26.52 -11.53 65.78
C LYS E 159 27.14 -12.42 64.71
N CYS E 160 27.77 -13.49 65.16
CA CYS E 160 28.38 -14.46 64.26
C CYS E 160 28.26 -15.84 64.90
N VAL E 161 27.74 -16.80 64.15
CA VAL E 161 27.51 -18.16 64.64
C VAL E 161 28.65 -19.02 64.15
N LEU E 162 29.47 -19.53 65.07
CA LEU E 162 30.47 -20.53 64.74
C LEU E 162 29.92 -21.92 65.07
N ASP E 163 30.42 -22.93 64.36
CA ASP E 163 29.95 -24.30 64.50
C ASP E 163 31.17 -25.20 64.73
N MET E 164 31.35 -25.65 65.97
CA MET E 164 32.37 -26.64 66.29
C MET E 164 31.78 -28.01 65.96
N ARG E 165 31.99 -28.44 64.71
CA ARG E 165 31.32 -29.63 64.20
C ARG E 165 31.74 -30.88 64.98
N SER E 166 33.00 -30.94 65.41
CA SER E 166 33.48 -32.12 66.13
C SER E 166 32.85 -32.25 67.51
N MET E 167 32.38 -31.16 68.10
CA MET E 167 31.84 -31.16 69.44
C MET E 167 30.32 -30.97 69.48
N ASP E 168 29.66 -30.93 68.33
CA ASP E 168 28.22 -30.71 68.24
C ASP E 168 27.79 -29.47 69.02
N PHE E 169 28.52 -28.37 68.79
CA PHE E 169 28.33 -27.17 69.59
C PHE E 169 28.34 -25.94 68.69
N LYS E 170 27.35 -25.08 68.87
CA LYS E 170 27.26 -23.80 68.17
C LYS E 170 27.15 -22.68 69.20
N SER E 171 27.70 -21.52 68.85
CA SER E 171 27.68 -20.39 69.77
C SER E 171 27.78 -19.09 69.01
N ASN E 172 27.00 -18.10 69.45
CA ASN E 172 27.08 -16.76 68.89
C ASN E 172 28.26 -16.01 69.52
N SER E 173 28.66 -14.93 68.86
CA SER E 173 29.76 -14.12 69.35
C SER E 173 29.75 -12.76 68.66
N ALA E 174 30.19 -11.74 69.40
CA ALA E 174 30.40 -10.41 68.86
C ALA E 174 31.68 -9.84 69.47
N VAL E 175 32.43 -9.10 68.65
CA VAL E 175 33.73 -8.58 69.04
C VAL E 175 33.63 -7.07 69.17
N ALA E 176 34.30 -6.52 70.19
CA ALA E 176 34.35 -5.09 70.41
C ALA E 176 35.76 -4.68 70.80
N TRP E 177 36.24 -3.59 70.21
CA TRP E 177 37.57 -3.08 70.53
C TRP E 177 37.57 -1.58 70.34
N SER E 178 38.50 -0.93 71.04
CA SER E 178 38.65 0.52 71.01
C SER E 178 39.99 0.86 71.68
N ASN E 179 40.27 2.16 71.78
CA ASN E 179 41.50 2.62 72.42
C ASN E 179 41.27 3.97 73.08
N LYS E 180 40.14 4.12 73.77
CA LYS E 180 39.74 5.39 74.36
C LYS E 180 40.01 5.46 75.85
N SER E 181 40.85 4.57 76.38
CA SER E 181 41.16 4.51 77.81
C SER E 181 39.92 4.22 78.65
N ASP E 182 38.86 5.00 78.48
CA ASP E 182 37.59 4.74 79.16
C ASP E 182 36.87 3.52 78.61
N PHE E 183 37.42 2.86 77.60
CA PHE E 183 36.81 1.65 77.06
C PHE E 183 37.24 0.44 77.88
N ALA E 184 36.26 -0.36 78.30
CA ALA E 184 36.52 -1.59 79.02
C ALA E 184 35.44 -2.59 78.66
N CYS E 185 35.76 -3.88 78.84
CA CYS E 185 34.80 -4.93 78.49
C CYS E 185 33.55 -4.87 79.37
N ALA E 186 33.63 -4.20 80.52
CA ALA E 186 32.45 -4.08 81.38
C ALA E 186 31.39 -3.17 80.75
N ASN E 187 31.81 -2.20 79.94
CA ASN E 187 30.88 -1.27 79.31
C ASN E 187 30.92 -1.34 77.78
N ALA E 188 31.52 -2.41 77.23
CA ALA E 188 31.69 -2.48 75.78
C ALA E 188 30.37 -2.65 75.06
N PHE E 189 29.44 -3.42 75.64
CA PHE E 189 28.17 -3.73 75.01
C PHE E 189 26.99 -3.11 75.74
N ASN E 190 27.22 -1.98 76.43
CA ASN E 190 26.15 -1.33 77.17
C ASN E 190 25.01 -0.84 76.28
N ASN E 191 25.28 -0.63 74.99
CA ASN E 191 24.24 -0.21 74.07
C ASN E 191 23.32 -1.35 73.64
N SER E 192 23.69 -2.59 73.91
CA SER E 192 22.87 -3.74 73.60
C SER E 192 22.15 -4.22 74.86
N ILE E 193 21.02 -4.91 74.66
CA ILE E 193 20.28 -5.50 75.77
C ILE E 193 20.97 -6.80 76.15
N ILE E 194 21.93 -6.71 77.05
CA ILE E 194 22.73 -7.84 77.50
C ILE E 194 21.96 -8.59 78.59
N PRO E 195 21.95 -9.92 78.60
CA PRO E 195 21.28 -10.64 79.68
C PRO E 195 21.85 -10.29 81.04
N GLU E 196 20.97 -10.24 82.05
CA GLU E 196 21.40 -9.84 83.39
C GLU E 196 22.39 -10.82 84.00
N ASP E 197 22.28 -12.10 83.67
CA ASP E 197 23.16 -13.13 84.22
C ASP E 197 24.47 -13.26 83.45
N THR E 198 24.80 -12.29 82.60
CA THR E 198 26.03 -12.35 81.82
C THR E 198 27.25 -12.40 82.73
N PHE E 199 28.15 -13.34 82.44
CA PHE E 199 29.34 -13.56 83.27
C PHE E 199 30.41 -12.56 82.88
N PHE E 200 30.72 -11.63 83.79
CA PHE E 200 31.78 -10.64 83.60
C PHE E 200 32.96 -11.00 84.49
N PRO E 201 33.93 -11.76 84.00
CA PRO E 201 35.06 -12.16 84.84
C PRO E 201 35.98 -10.98 85.16
N SER E 202 36.68 -11.09 86.28
CA SER E 202 37.60 -10.05 86.71
C SER E 202 38.99 -10.26 86.12
N GLY F 1 31.28 -24.66 36.46
CA GLY F 1 30.25 -23.65 36.41
C GLY F 1 30.64 -22.44 35.57
N VAL F 2 29.98 -21.31 35.82
CA VAL F 2 30.28 -20.08 35.10
C VAL F 2 31.58 -19.50 35.67
N THR F 3 32.54 -19.24 34.78
CA THR F 3 33.83 -18.70 35.17
C THR F 3 33.90 -17.22 34.79
N GLN F 4 34.30 -16.39 35.75
CA GLN F 4 34.37 -14.94 35.56
C GLN F 4 35.74 -14.44 35.99
N THR F 5 36.39 -13.66 35.13
CA THR F 5 37.65 -13.01 35.40
C THR F 5 37.58 -11.57 34.90
N PRO F 6 38.33 -10.65 35.52
CA PRO F 6 39.11 -10.84 36.74
C PRO F 6 38.19 -10.87 37.96
N ARG F 7 38.66 -11.48 39.05
CA ARG F 7 37.82 -11.59 40.24
C ARG F 7 37.77 -10.28 41.01
N TYR F 8 38.89 -9.57 41.09
CA TYR F 8 38.98 -8.30 41.81
C TYR F 8 39.70 -7.28 40.93
N LEU F 9 39.14 -6.07 40.84
CA LEU F 9 39.68 -5.04 39.99
C LEU F 9 39.70 -3.70 40.72
N ILE F 10 40.75 -2.91 40.48
CA ILE F 10 40.85 -1.55 41.01
C ILE F 10 41.13 -0.61 39.85
N LYS F 11 40.24 0.34 39.63
CA LYS F 11 40.38 1.34 38.58
C LYS F 11 40.18 2.72 39.17
N THR F 12 40.60 3.73 38.41
CA THR F 12 40.36 5.13 38.76
C THR F 12 39.33 5.72 37.81
N ARG F 13 38.83 6.90 38.17
CA ARG F 13 37.80 7.56 37.39
C ARG F 13 38.30 7.88 35.99
N GLY F 14 37.45 7.63 34.99
CA GLY F 14 37.77 7.92 33.61
C GLY F 14 38.40 6.77 32.85
N GLN F 15 38.81 5.70 33.53
CA GLN F 15 39.39 4.55 32.86
C GLN F 15 38.29 3.65 32.30
N GLN F 16 38.71 2.59 31.62
CA GLN F 16 37.79 1.57 31.13
C GLN F 16 38.16 0.22 31.73
N VAL F 17 37.18 -0.67 31.77
CA VAL F 17 37.35 -2.01 32.32
C VAL F 17 36.65 -3.00 31.41
N THR F 18 37.28 -4.15 31.19
CA THR F 18 36.71 -5.24 30.41
C THR F 18 36.62 -6.47 31.28
N LEU F 19 35.42 -7.03 31.39
CA LEU F 19 35.16 -8.19 32.23
C LEU F 19 34.84 -9.38 31.35
N SER F 20 35.45 -10.53 31.64
CA SER F 20 35.30 -11.73 30.84
C SER F 20 34.41 -12.74 31.56
N CYS F 21 33.64 -13.48 30.77
CA CYS F 21 32.75 -14.51 31.30
C CYS F 21 32.81 -15.74 30.44
N SER F 22 33.05 -16.89 31.06
CA SER F 22 33.00 -18.17 30.37
C SER F 22 31.76 -18.93 30.83
N PRO F 23 30.76 -19.12 29.98
CA PRO F 23 29.55 -19.82 30.41
C PRO F 23 29.84 -21.29 30.67
N ILE F 24 28.87 -21.94 31.34
CA ILE F 24 28.92 -23.38 31.51
C ILE F 24 29.05 -24.04 30.14
N SER F 25 29.86 -25.09 30.08
CA SER F 25 30.14 -25.75 28.80
C SER F 25 28.84 -26.22 28.16
N GLY F 26 28.65 -25.85 26.89
CA GLY F 26 27.43 -26.14 26.18
C GLY F 26 26.40 -25.03 26.21
N HIS F 27 26.47 -24.15 27.19
CA HIS F 27 25.51 -23.05 27.28
C HIS F 27 25.80 -22.01 26.21
N ARG F 28 24.74 -21.46 25.63
CA ARG F 28 24.86 -20.48 24.55
C ARG F 28 24.29 -19.11 24.89
N SER F 29 23.47 -18.99 25.93
CA SER F 29 22.92 -17.71 26.35
C SER F 29 23.70 -17.17 27.54
N VAL F 30 24.00 -15.87 27.51
CA VAL F 30 24.76 -15.21 28.56
C VAL F 30 24.06 -13.91 28.93
N SER F 31 23.91 -13.65 30.23
CA SER F 31 23.25 -12.46 30.74
C SER F 31 24.17 -11.78 31.76
N TRP F 32 24.20 -10.45 31.73
CA TRP F 32 25.02 -9.65 32.62
C TRP F 32 24.16 -8.86 33.60
N TYR F 33 24.64 -8.74 34.83
CA TYR F 33 23.96 -7.98 35.87
C TYR F 33 24.98 -7.12 36.62
N GLN F 34 24.51 -5.99 37.15
CA GLN F 34 25.29 -5.16 38.06
C GLN F 34 24.60 -5.14 39.42
N GLN F 35 25.35 -5.46 40.47
CA GLN F 35 24.82 -5.47 41.84
C GLN F 35 25.52 -4.39 42.64
N THR F 36 24.76 -3.41 43.11
CA THR F 36 25.21 -2.37 44.01
C THR F 36 24.46 -2.47 45.33
N PRO F 37 25.01 -1.91 46.41
CA PRO F 37 24.22 -1.80 47.64
C PRO F 37 22.99 -0.93 47.48
N GLY F 38 23.04 0.07 46.60
CA GLY F 38 21.93 0.98 46.41
C GLY F 38 20.84 0.47 45.48
N GLN F 39 21.17 0.28 44.21
CA GLN F 39 20.20 -0.18 43.22
C GLN F 39 19.90 -1.67 43.31
N GLY F 40 20.70 -2.43 44.04
CA GLY F 40 20.50 -3.87 44.09
C GLY F 40 21.04 -4.55 42.85
N LEU F 41 20.39 -5.65 42.47
CA LEU F 41 20.80 -6.46 41.33
C LEU F 41 20.05 -5.97 40.09
N GLN F 42 20.77 -5.33 39.17
CA GLN F 42 20.18 -4.69 38.01
C GLN F 42 20.64 -5.36 36.72
N PHE F 43 19.70 -5.57 35.81
CA PHE F 43 19.97 -6.26 34.55
C PHE F 43 20.62 -5.33 33.53
N LEU F 44 21.70 -5.82 32.92
CA LEU F 44 22.43 -5.03 31.92
C LEU F 44 21.97 -5.36 30.50
N PHE F 45 22.23 -6.59 30.06
CA PHE F 45 21.91 -7.04 28.71
C PHE F 45 22.14 -8.54 28.63
N GLU F 46 21.76 -9.10 27.48
CA GLU F 46 21.74 -10.55 27.27
C GLU F 46 22.23 -10.85 25.85
N TYR F 47 22.91 -11.97 25.69
CA TYR F 47 23.52 -12.31 24.41
C TYR F 47 23.20 -13.74 24.01
N PHE F 48 22.98 -13.93 22.71
CA PHE F 48 22.82 -15.25 22.11
C PHE F 48 23.15 -15.15 20.63
N SER F 49 23.90 -16.13 20.13
CA SER F 49 24.36 -16.14 18.74
C SER F 49 25.08 -14.84 18.38
N GLU F 50 25.99 -14.43 19.25
CA GLU F 50 26.91 -13.31 19.06
C GLU F 50 26.22 -11.96 18.97
N THR F 51 24.93 -11.86 19.28
CA THR F 51 24.20 -10.61 19.16
C THR F 51 23.44 -10.32 20.44
N GLN F 52 23.33 -9.03 20.77
CA GLN F 52 22.60 -8.61 21.95
C GLN F 52 21.10 -8.73 21.73
N ARG F 53 20.41 -9.25 22.75
CA ARG F 53 18.96 -9.42 22.68
C ARG F 53 18.27 -8.42 23.60
N ASN F 54 17.63 -8.91 24.66
CA ASN F 54 17.03 -8.03 25.64
C ASN F 54 18.09 -7.16 26.30
N LYS F 55 17.71 -5.93 26.60
CA LYS F 55 18.64 -4.93 27.12
C LYS F 55 18.02 -4.25 28.34
N GLY F 56 18.86 -3.94 29.32
CA GLY F 56 18.44 -3.18 30.49
C GLY F 56 18.45 -1.69 30.22
N ASN F 57 18.43 -0.92 31.30
CA ASN F 57 18.33 0.53 31.21
C ASN F 57 19.63 1.22 31.62
N PHE F 58 20.76 0.77 31.09
CA PHE F 58 22.04 1.39 31.40
C PHE F 58 22.52 2.24 30.22
N PRO F 59 23.29 3.30 30.48
CA PRO F 59 23.76 4.15 29.39
C PRO F 59 24.69 3.41 28.45
N GLY F 60 25.06 4.09 27.36
CA GLY F 60 25.93 3.49 26.36
C GLY F 60 27.32 3.16 26.87
N ARG F 61 27.75 3.74 27.99
CA ARG F 61 29.04 3.40 28.58
C ARG F 61 29.15 1.91 28.86
N PHE F 62 28.02 1.26 29.13
CA PHE F 62 27.97 -0.17 29.43
C PHE F 62 27.65 -0.91 28.14
N SER F 63 28.65 -1.60 27.60
CA SER F 63 28.50 -2.35 26.36
C SER F 63 28.98 -3.78 26.60
N GLY F 64 28.65 -4.66 25.66
CA GLY F 64 29.04 -6.05 25.75
C GLY F 64 29.18 -6.67 24.39
N ARG F 65 29.49 -7.95 24.38
CA ARG F 65 29.83 -8.69 23.16
C ARG F 65 29.86 -10.17 23.50
N GLN F 66 29.53 -11.01 22.52
CA GLN F 66 29.59 -12.45 22.67
C GLN F 66 30.26 -13.05 21.45
N PHE F 67 31.23 -13.95 21.69
CA PHE F 67 31.98 -14.56 20.61
C PHE F 67 31.30 -15.84 20.14
N SER F 68 31.85 -16.43 19.07
CA SER F 68 31.26 -17.61 18.47
C SER F 68 31.30 -18.82 19.40
N ASN F 69 32.18 -18.83 20.40
CA ASN F 69 32.23 -19.89 21.39
C ASN F 69 31.29 -19.62 22.57
N SER F 70 30.42 -18.61 22.46
CA SER F 70 29.43 -18.20 23.45
C SER F 70 30.04 -17.51 24.66
N ARG F 71 31.37 -17.40 24.75
CA ARG F 71 31.96 -16.57 25.78
C ARG F 71 31.58 -15.11 25.54
N SER F 72 31.50 -14.35 26.62
CA SER F 72 31.03 -12.98 26.56
C SER F 72 32.00 -12.07 27.30
N GLU F 73 32.15 -10.85 26.79
CA GLU F 73 32.88 -9.80 27.48
C GLU F 73 31.96 -8.61 27.71
N MET F 74 32.28 -7.85 28.73
CA MET F 74 31.52 -6.67 29.11
C MET F 74 32.50 -5.53 29.35
N ASN F 75 32.12 -4.32 28.95
CA ASN F 75 33.00 -3.17 29.06
C ASN F 75 32.26 -1.98 29.64
N VAL F 76 32.93 -1.24 30.51
CA VAL F 76 32.42 0.01 31.05
C VAL F 76 33.44 1.10 30.74
N SER F 77 32.98 2.18 30.11
CA SER F 77 33.82 3.30 29.72
C SER F 77 33.57 4.49 30.63
N THR F 78 34.57 5.38 30.68
CA THR F 78 34.54 6.60 31.49
C THR F 78 34.00 6.29 32.89
N LEU F 79 34.78 5.50 33.62
CA LEU F 79 34.31 4.95 34.89
C LEU F 79 34.05 6.06 35.90
N GLU F 80 32.98 5.89 36.68
CA GLU F 80 32.61 6.79 37.76
C GLU F 80 32.67 6.03 39.08
N LEU F 81 32.73 6.79 40.18
CA LEU F 81 32.78 6.16 41.50
C LEU F 81 31.58 5.25 41.75
N GLY F 82 30.41 5.64 41.25
CA GLY F 82 29.21 4.84 41.40
C GLY F 82 29.19 3.57 40.57
N ASP F 83 30.17 3.38 39.69
CA ASP F 83 30.27 2.14 38.93
C ASP F 83 30.92 1.01 39.72
N SER F 84 31.49 1.29 40.88
CA SER F 84 32.01 0.23 41.72
C SER F 84 30.86 -0.65 42.20
N ALA F 85 30.95 -1.94 41.91
CA ALA F 85 29.84 -2.86 42.13
C ALA F 85 30.35 -4.28 41.93
N LEU F 86 29.45 -5.24 42.15
CA LEU F 86 29.66 -6.62 41.75
C LEU F 86 29.02 -6.83 40.39
N TYR F 87 29.79 -7.34 39.44
CA TYR F 87 29.33 -7.55 38.07
C TYR F 87 29.19 -9.05 37.84
N LEU F 88 27.96 -9.51 37.70
CA LEU F 88 27.64 -10.93 37.66
C LEU F 88 27.32 -11.36 36.24
N CYS F 89 27.81 -12.55 35.89
CA CYS F 89 27.51 -13.18 34.63
C CYS F 89 26.71 -14.45 34.89
N ALA F 90 25.71 -14.70 34.04
CA ALA F 90 24.89 -15.90 34.16
C ALA F 90 24.67 -16.49 32.77
N SER F 91 24.60 -17.81 32.72
CA SER F 91 24.41 -18.52 31.45
C SER F 91 23.25 -19.50 31.57
N SER F 92 22.67 -19.81 30.41
CA SER F 92 21.63 -20.82 30.29
C SER F 92 21.88 -21.61 29.01
N LEU F 93 21.39 -22.85 28.99
CA LEU F 93 21.60 -23.72 27.84
C LEU F 93 21.10 -23.07 26.56
N ARG F 94 19.83 -22.69 26.55
CA ARG F 94 19.23 -21.89 25.50
C ARG F 94 18.75 -20.58 26.09
N ARG F 95 18.44 -19.63 25.20
CA ARG F 95 17.80 -18.39 25.65
C ARG F 95 16.42 -18.73 26.19
N GLY F 96 16.18 -18.36 27.45
CA GLY F 96 14.91 -18.66 28.09
C GLY F 96 14.95 -19.81 29.08
N ASP F 97 16.02 -20.61 29.07
CA ASP F 97 16.17 -21.66 30.06
C ASP F 97 16.74 -21.08 31.35
N THR F 98 16.74 -21.91 32.40
CA THR F 98 17.24 -21.51 33.71
C THR F 98 18.65 -20.94 33.62
N ILE F 99 18.83 -19.75 34.19
CA ILE F 99 20.13 -19.09 34.17
C ILE F 99 20.88 -19.42 35.45
N TYR F 100 22.19 -19.62 35.33
CA TYR F 100 23.06 -19.98 36.44
C TYR F 100 24.16 -18.94 36.53
N PHE F 101 24.32 -18.35 37.70
CA PHE F 101 25.23 -17.21 37.89
C PHE F 101 26.64 -17.68 38.21
N GLY F 102 27.61 -16.88 37.78
CA GLY F 102 28.97 -17.01 38.25
C GLY F 102 29.14 -16.33 39.59
N GLU F 103 30.40 -16.24 40.02
CA GLU F 103 30.71 -15.61 41.30
C GLU F 103 30.88 -14.10 41.19
N GLY F 104 31.13 -13.58 40.00
CA GLY F 104 31.14 -12.15 39.77
C GLY F 104 32.55 -11.56 39.79
N SER F 105 32.62 -10.31 39.32
CA SER F 105 33.84 -9.52 39.32
C SER F 105 33.62 -8.32 40.22
N TRP F 106 34.50 -8.16 41.22
CA TRP F 106 34.40 -7.05 42.17
C TRP F 106 35.23 -5.89 41.65
N LEU F 107 34.56 -4.83 41.22
CA LEU F 107 35.20 -3.63 40.71
C LEU F 107 35.08 -2.51 41.74
N THR F 108 36.22 -1.91 42.09
CA THR F 108 36.24 -0.71 42.93
C THR F 108 36.85 0.43 42.12
N VAL F 109 36.06 1.46 41.86
CA VAL F 109 36.54 2.68 41.24
C VAL F 109 36.95 3.64 42.35
N VAL F 110 38.21 4.04 42.37
CA VAL F 110 38.75 4.89 43.42
C VAL F 110 39.06 6.26 42.85
N GLU F 111 39.08 7.26 43.73
CA GLU F 111 39.43 8.62 43.33
C GLU F 111 40.92 8.73 43.02
N ASP F 112 41.74 7.93 43.68
CA ASP F 112 43.17 7.87 43.44
C ASP F 112 43.71 6.59 44.06
N LEU F 113 44.83 6.11 43.53
CA LEU F 113 45.40 4.87 44.03
C LEU F 113 45.98 5.03 45.43
N ASN F 114 46.18 6.27 45.89
CA ASN F 114 46.66 6.53 47.24
C ASN F 114 45.67 6.08 48.31
N LYS F 115 44.43 5.75 47.94
CA LYS F 115 43.44 5.30 48.90
C LYS F 115 43.44 3.78 49.07
N VAL F 116 44.38 3.08 48.44
CA VAL F 116 44.48 1.63 48.55
C VAL F 116 45.50 1.30 49.63
N PHE F 117 45.07 0.51 50.63
CA PHE F 117 45.93 0.12 51.74
C PHE F 117 45.79 -1.38 51.99
N PRO F 118 46.89 -2.08 52.24
CA PRO F 118 46.82 -3.47 52.67
C PRO F 118 46.32 -3.56 54.10
N PRO F 119 45.86 -4.72 54.54
CA PRO F 119 45.42 -4.86 55.94
C PRO F 119 46.57 -5.11 56.89
N GLU F 120 46.34 -4.74 58.15
CA GLU F 120 47.15 -5.18 59.26
C GLU F 120 46.38 -6.25 60.03
N VAL F 121 47.08 -7.31 60.41
CA VAL F 121 46.46 -8.49 60.99
C VAL F 121 47.03 -8.73 62.38
N ALA F 122 46.15 -8.98 63.35
CA ALA F 122 46.55 -9.30 64.71
C ALA F 122 45.67 -10.42 65.24
N VAL F 123 46.28 -11.32 66.01
CA VAL F 123 45.59 -12.45 66.61
C VAL F 123 45.56 -12.25 68.12
N PHE F 124 44.39 -12.41 68.73
CA PHE F 124 44.20 -12.20 70.15
C PHE F 124 43.96 -13.54 70.82
N GLU F 125 44.77 -13.88 71.81
CA GLU F 125 44.74 -15.19 72.43
C GLU F 125 43.52 -15.32 73.35
N PRO F 126 43.03 -16.54 73.56
CA PRO F 126 41.85 -16.73 74.42
C PRO F 126 42.14 -16.42 75.88
N SER F 127 41.13 -15.92 76.57
CA SER F 127 41.25 -15.60 77.98
C SER F 127 41.21 -16.88 78.81
N GLU F 128 41.96 -16.87 79.91
CA GLU F 128 41.95 -18.03 80.80
C GLU F 128 40.60 -18.17 81.49
N ALA F 129 39.85 -17.08 81.63
CA ALA F 129 38.52 -17.15 82.22
C ALA F 129 37.58 -17.99 81.36
N GLU F 130 37.62 -17.79 80.04
CA GLU F 130 36.80 -18.63 79.16
C GLU F 130 37.20 -20.09 79.24
N ILE F 131 38.51 -20.35 79.39
CA ILE F 131 39.00 -21.72 79.42
C ILE F 131 38.48 -22.47 80.64
N SER F 132 38.62 -21.85 81.83
CA SER F 132 38.18 -22.54 83.04
C SER F 132 36.65 -22.60 83.13
N HIS F 133 35.96 -21.64 82.51
CA HIS F 133 34.51 -21.58 82.62
C HIS F 133 33.79 -22.47 81.62
N THR F 134 34.38 -22.68 80.44
CA THR F 134 33.72 -23.42 79.37
C THR F 134 34.53 -24.59 78.82
N GLN F 135 35.80 -24.73 79.19
CA GLN F 135 36.72 -25.70 78.57
C GLN F 135 36.85 -25.49 77.07
N LYS F 136 36.56 -24.30 76.58
CA LYS F 136 36.78 -23.93 75.19
C LYS F 136 37.64 -22.67 75.15
N ALA F 137 38.27 -22.45 73.99
CA ALA F 137 39.18 -21.33 73.82
C ALA F 137 38.90 -20.66 72.49
N THR F 138 38.52 -19.38 72.53
CA THR F 138 38.20 -18.63 71.33
C THR F 138 39.36 -17.68 71.00
N LEU F 139 39.90 -17.83 69.80
CA LEU F 139 40.83 -16.86 69.25
C LEU F 139 40.07 -15.88 68.35
N VAL F 140 40.52 -14.63 68.34
CA VAL F 140 39.91 -13.59 67.52
C VAL F 140 41.00 -12.99 66.62
N CYS F 141 40.68 -12.83 65.35
CA CYS F 141 41.55 -12.19 64.38
C CYS F 141 40.97 -10.85 63.97
N LEU F 142 41.82 -9.83 63.90
CA LEU F 142 41.41 -8.48 63.52
C LEU F 142 42.22 -8.06 62.30
N ALA F 143 41.52 -7.79 61.19
CA ALA F 143 42.12 -7.22 59.99
C ALA F 143 41.63 -5.78 59.87
N THR F 144 42.57 -4.84 59.91
CA THR F 144 42.24 -3.42 60.01
C THR F 144 42.99 -2.60 58.97
N GLY F 145 42.36 -1.51 58.55
CA GLY F 145 43.03 -0.53 57.71
C GLY F 145 43.23 -0.92 56.27
N PHE F 146 42.38 -1.77 55.72
CA PHE F 146 42.52 -2.17 54.32
C PHE F 146 41.45 -1.50 53.46
N PHE F 147 41.80 -1.28 52.20
CA PHE F 147 40.89 -0.74 51.20
C PHE F 147 41.48 -1.05 49.84
N PRO F 148 40.68 -1.54 48.88
CA PRO F 148 39.25 -1.81 49.01
C PRO F 148 38.94 -3.11 49.75
N ASP F 149 37.66 -3.47 49.79
CA ASP F 149 37.20 -4.68 50.45
C ASP F 149 37.41 -5.89 49.56
N HIS F 150 38.64 -6.11 49.09
CA HIS F 150 39.00 -7.24 48.26
C HIS F 150 39.96 -8.12 49.06
N VAL F 151 39.37 -8.97 49.90
CA VAL F 151 40.11 -9.64 50.96
C VAL F 151 39.49 -11.00 51.21
N GLU F 152 40.35 -11.99 51.49
CA GLU F 152 39.92 -13.33 51.86
C GLU F 152 40.62 -13.72 53.15
N LEU F 153 39.86 -13.89 54.22
CA LEU F 153 40.40 -14.27 55.52
C LEU F 153 40.20 -15.77 55.72
N SER F 154 41.27 -16.44 56.17
CA SER F 154 41.24 -17.86 56.44
C SER F 154 42.08 -18.17 57.67
N TRP F 155 41.69 -19.22 58.38
CA TRP F 155 42.43 -19.69 59.55
C TRP F 155 43.24 -20.92 59.19
N TRP F 156 44.48 -20.98 59.66
CA TRP F 156 45.37 -22.10 59.37
C TRP F 156 45.90 -22.65 60.69
N VAL F 157 45.50 -23.87 61.02
CA VAL F 157 45.89 -24.55 62.25
C VAL F 157 46.87 -25.65 61.89
N ASN F 158 48.09 -25.53 62.41
CA ASN F 158 49.17 -26.49 62.14
C ASN F 158 49.36 -26.68 60.63
N GLY F 159 49.38 -25.56 59.91
CA GLY F 159 49.60 -25.60 58.48
C GLY F 159 48.48 -26.18 57.65
N LYS F 160 47.28 -26.29 58.22
CA LYS F 160 46.12 -26.77 57.49
C LYS F 160 44.97 -25.79 57.67
N GLU F 161 44.34 -25.39 56.57
CA GLU F 161 43.22 -24.46 56.65
C GLU F 161 42.01 -25.15 57.27
N VAL F 162 41.39 -24.50 58.24
CA VAL F 162 40.26 -25.07 58.95
C VAL F 162 39.02 -24.23 58.68
N HIS F 163 37.87 -24.87 58.82
CA HIS F 163 36.58 -24.20 58.71
C HIS F 163 35.65 -24.45 59.88
N SER F 164 35.82 -25.54 60.63
CA SER F 164 35.00 -25.78 61.80
C SER F 164 35.41 -24.84 62.93
N GLY F 165 34.41 -24.36 63.67
CA GLY F 165 34.66 -23.43 64.75
C GLY F 165 35.06 -22.04 64.32
N VAL F 166 34.88 -21.70 63.04
CA VAL F 166 35.29 -20.42 62.48
C VAL F 166 34.03 -19.60 62.17
N CYS F 167 34.07 -18.31 62.51
CA CYS F 167 33.05 -17.38 62.07
C CYS F 167 33.72 -16.06 61.69
N THR F 168 33.54 -15.64 60.45
CA THR F 168 34.07 -14.38 59.95
C THR F 168 32.92 -13.43 59.68
N ASP F 169 33.10 -12.16 60.05
CA ASP F 169 32.07 -11.15 59.80
C ASP F 169 31.65 -11.18 58.34
N PRO F 170 30.36 -11.27 58.04
CA PRO F 170 29.94 -11.27 56.63
C PRO F 170 30.18 -9.95 55.93
N GLN F 171 30.18 -8.83 56.66
CA GLN F 171 30.45 -7.53 56.06
C GLN F 171 31.46 -6.78 56.92
N PRO F 172 32.41 -6.08 56.29
CA PRO F 172 33.41 -5.35 57.06
C PRO F 172 32.81 -4.14 57.76
N LEU F 173 33.57 -3.63 58.72
CA LEU F 173 33.21 -2.46 59.49
C LEU F 173 34.05 -1.28 59.01
N LYS F 174 33.37 -0.17 58.70
CA LYS F 174 34.07 1.02 58.22
C LYS F 174 34.68 1.77 59.40
N GLU F 175 35.99 2.02 59.33
CA GLU F 175 36.67 2.71 60.41
C GLU F 175 36.25 4.17 60.52
N GLN F 176 35.85 4.78 59.40
CA GLN F 176 35.32 6.15 59.37
C GLN F 176 34.05 6.13 58.54
N PRO F 177 32.90 5.87 59.17
CA PRO F 177 31.66 5.67 58.40
C PRO F 177 31.27 6.84 57.53
N ALA F 178 31.73 8.06 57.84
CA ALA F 178 31.34 9.23 57.06
C ALA F 178 32.10 9.34 55.74
N LEU F 179 33.26 8.71 55.62
CA LEU F 179 34.08 8.83 54.42
C LEU F 179 33.67 7.80 53.38
N ASN F 180 33.74 8.21 52.11
CA ASN F 180 33.30 7.33 51.02
C ASN F 180 34.27 6.16 50.84
N ASP F 181 35.56 6.45 50.73
CA ASP F 181 36.59 5.43 50.57
C ASP F 181 37.24 5.08 51.89
N SER F 182 36.45 4.95 52.94
CA SER F 182 36.99 4.64 54.27
C SER F 182 37.63 3.27 54.30
N ARG F 183 38.71 3.15 55.06
CA ARG F 183 39.33 1.85 55.27
C ARG F 183 38.42 0.98 56.13
N TYR F 184 38.63 -0.32 56.03
CA TYR F 184 37.74 -1.31 56.63
C TYR F 184 38.41 -2.05 57.78
N ALA F 185 37.57 -2.58 58.67
CA ALA F 185 37.99 -3.48 59.73
C ALA F 185 37.15 -4.75 59.62
N LEU F 186 37.80 -5.89 59.88
CA LEU F 186 37.15 -7.19 59.76
C LEU F 186 37.62 -8.09 60.88
N SER F 187 36.68 -8.75 61.55
CA SER F 187 37.02 -9.67 62.64
C SER F 187 36.60 -11.09 62.26
N SER F 188 37.32 -12.05 62.85
CA SER F 188 36.99 -13.46 62.69
C SER F 188 37.30 -14.18 63.99
N ARG F 189 36.56 -15.25 64.24
CA ARG F 189 36.69 -16.05 65.45
C ARG F 189 37.04 -17.49 65.11
N LEU F 190 37.93 -18.07 65.89
CA LEU F 190 38.24 -19.50 65.83
C LEU F 190 38.15 -20.06 67.24
N ARG F 191 37.22 -20.99 67.46
CA ARG F 191 37.02 -21.59 68.77
C ARG F 191 37.44 -23.05 68.74
N VAL F 192 38.33 -23.42 69.66
CA VAL F 192 38.79 -24.79 69.82
C VAL F 192 38.57 -25.19 71.27
N SER F 193 38.80 -26.46 71.55
CA SER F 193 38.74 -26.93 72.93
C SER F 193 39.92 -26.36 73.73
N ALA F 194 39.73 -26.28 75.05
CA ALA F 194 40.80 -25.79 75.91
C ALA F 194 42.03 -26.68 75.81
N THR F 195 41.82 -28.00 75.74
CA THR F 195 42.94 -28.93 75.64
C THR F 195 43.76 -28.68 74.37
N PHE F 196 43.08 -28.42 73.25
CA PHE F 196 43.81 -28.18 72.01
C PHE F 196 44.59 -26.88 72.06
N TRP F 197 44.02 -25.85 72.68
CA TRP F 197 44.74 -24.59 72.83
C TRP F 197 45.92 -24.73 73.78
N GLN F 198 45.79 -25.54 74.82
CA GLN F 198 46.84 -25.66 75.83
C GLN F 198 48.04 -26.47 75.36
N ASN F 199 47.96 -27.12 74.21
CA ASN F 199 49.10 -27.83 73.64
C ASN F 199 50.04 -26.83 72.99
N PRO F 200 51.28 -26.69 73.47
CA PRO F 200 52.20 -25.71 72.87
C PRO F 200 52.63 -26.05 71.46
N ARG F 201 52.42 -27.28 70.99
CA ARG F 201 52.77 -27.62 69.62
C ARG F 201 51.78 -27.05 68.60
N ASN F 202 50.54 -26.79 69.02
CA ASN F 202 49.53 -26.27 68.10
C ASN F 202 49.73 -24.77 67.90
N HIS F 203 49.73 -24.35 66.64
CA HIS F 203 49.81 -22.93 66.31
C HIS F 203 48.66 -22.55 65.39
N PHE F 204 48.18 -21.32 65.57
CA PHE F 204 46.97 -20.83 64.92
C PHE F 204 47.34 -19.56 64.17
N ARG F 205 47.16 -19.58 62.85
CA ARG F 205 47.54 -18.45 62.00
C ARG F 205 46.33 -17.92 61.27
N CYS F 206 46.06 -16.63 61.43
CA CYS F 206 45.02 -15.94 60.69
C CYS F 206 45.63 -15.35 59.42
N GLN F 207 45.17 -15.80 58.26
CA GLN F 207 45.69 -15.36 56.98
C GLN F 207 44.68 -14.47 56.29
N VAL F 208 45.13 -13.30 55.84
CA VAL F 208 44.31 -12.37 55.07
C VAL F 208 44.98 -12.17 53.72
N GLN F 209 44.33 -12.66 52.67
CA GLN F 209 44.81 -12.49 51.31
C GLN F 209 44.22 -11.20 50.73
N PHE F 210 45.09 -10.26 50.39
CA PHE F 210 44.67 -8.94 49.93
C PHE F 210 44.97 -8.79 48.45
N TYR F 211 43.96 -8.43 47.66
CA TYR F 211 44.11 -8.20 46.23
C TYR F 211 44.18 -6.70 45.99
N GLY F 212 45.37 -6.21 45.64
CA GLY F 212 45.56 -4.79 45.47
C GLY F 212 46.12 -4.41 44.11
N LEU F 213 47.09 -3.50 44.11
CA LEU F 213 47.65 -2.98 42.87
C LEU F 213 48.61 -3.99 42.25
N SER F 214 48.79 -3.87 40.94
CA SER F 214 49.70 -4.72 40.20
C SER F 214 51.08 -4.07 40.12
N GLU F 215 52.10 -4.90 39.93
CA GLU F 215 53.48 -4.43 39.88
C GLU F 215 53.74 -3.51 38.70
N ASN F 216 52.84 -3.45 37.72
CA ASN F 216 52.99 -2.57 36.58
C ASN F 216 52.39 -1.19 36.79
N ASP F 217 51.68 -0.97 37.89
CA ASP F 217 51.09 0.33 38.15
C ASP F 217 52.13 1.29 38.71
N GLU F 218 51.87 2.59 38.54
CA GLU F 218 52.75 3.63 39.03
C GLU F 218 52.44 3.92 40.50
N TRP F 219 53.49 4.14 41.28
CA TRP F 219 53.35 4.40 42.71
C TRP F 219 54.31 5.52 43.10
N THR F 220 53.76 6.60 43.67
CA THR F 220 54.54 7.76 44.07
C THR F 220 54.65 7.93 45.57
N GLN F 221 53.72 7.38 46.34
CA GLN F 221 53.70 7.57 47.79
C GLN F 221 54.97 7.01 48.43
N ASP F 222 55.29 7.53 49.62
CA ASP F 222 56.47 7.08 50.35
C ASP F 222 56.26 5.72 50.99
N ARG F 223 55.02 5.33 51.26
CA ARG F 223 54.75 4.02 51.83
C ARG F 223 54.88 2.93 50.77
N ALA F 224 54.88 1.69 51.22
CA ALA F 224 55.04 0.56 50.31
C ALA F 224 53.84 0.45 49.38
N LYS F 225 54.13 0.08 48.13
CA LYS F 225 53.09 -0.11 47.12
C LYS F 225 52.13 -1.20 47.57
N PRO F 226 50.84 -0.92 47.71
CA PRO F 226 49.87 -1.91 48.23
C PRO F 226 49.51 -2.96 47.18
N VAL F 227 50.46 -3.86 46.93
CA VAL F 227 50.27 -4.89 45.91
C VAL F 227 49.51 -6.07 46.49
N THR F 228 49.11 -7.00 45.62
CA THR F 228 48.48 -8.23 46.09
C THR F 228 49.47 -9.03 46.94
N GLN F 229 49.03 -9.39 48.14
CA GLN F 229 49.93 -9.93 49.15
C GLN F 229 49.11 -10.66 50.20
N ILE F 230 49.80 -11.49 50.97
CA ILE F 230 49.24 -12.16 52.14
C ILE F 230 49.80 -11.48 53.38
N VAL F 231 48.92 -11.11 54.29
CA VAL F 231 49.30 -10.61 55.61
C VAL F 231 48.67 -11.52 56.65
N SER F 232 49.47 -11.95 57.62
CA SER F 232 49.00 -12.91 58.60
C SER F 232 49.57 -12.60 59.98
N ALA F 233 48.86 -13.05 61.00
CA ALA F 233 49.34 -13.06 62.38
C ALA F 233 49.16 -14.46 62.93
N GLU F 234 50.02 -14.82 63.89
CA GLU F 234 50.08 -16.19 64.36
C GLU F 234 50.20 -16.20 65.89
N ALA F 235 49.65 -17.25 66.49
CA ALA F 235 49.76 -17.47 67.92
C ALA F 235 49.99 -18.95 68.17
N TRP F 236 50.79 -19.25 69.17
CA TRP F 236 51.09 -20.62 69.55
C TRP F 236 50.40 -20.97 70.86
N GLY F 237 49.98 -22.23 70.97
CA GLY F 237 49.34 -22.68 72.18
C GLY F 237 50.25 -22.55 73.39
N ARG F 238 49.61 -22.48 74.56
CA ARG F 238 50.35 -22.30 75.81
C ARG F 238 49.56 -22.87 76.96
N ALA F 239 50.22 -23.65 77.81
CA ALA F 239 49.61 -24.09 79.04
C ALA F 239 49.58 -22.95 80.06
N ASP F 240 48.75 -23.11 81.07
CA ASP F 240 48.66 -22.12 82.14
C ASP F 240 48.16 -22.75 83.43
N MET G 1 -16.30 0.40 -33.15
CA MET G 1 -16.84 1.63 -32.59
C MET G 1 -17.91 1.34 -31.55
N LYS G 2 -18.44 2.39 -30.93
CA LYS G 2 -19.40 2.22 -29.84
C LYS G 2 -20.84 2.15 -30.32
N THR G 3 -21.13 2.54 -31.57
CA THR G 3 -22.50 2.56 -32.07
C THR G 3 -22.71 1.46 -33.09
N THR G 4 -23.91 0.88 -33.08
CA THR G 4 -24.37 -0.03 -34.12
C THR G 4 -25.73 0.45 -34.61
N GLN G 5 -25.95 0.33 -35.92
CA GLN G 5 -27.18 0.76 -36.56
C GLN G 5 -27.57 -0.26 -37.60
N PRO G 6 -28.86 -0.38 -37.91
CA PRO G 6 -29.26 -1.18 -39.07
C PRO G 6 -28.69 -0.59 -40.35
N PRO G 7 -28.19 -1.42 -41.25
CA PRO G 7 -27.61 -0.88 -42.49
C PRO G 7 -28.58 -0.09 -43.34
N SER G 8 -29.83 -0.56 -43.47
CA SER G 8 -30.80 0.10 -44.31
C SER G 8 -32.14 0.16 -43.61
N MET G 9 -32.99 1.08 -44.07
CA MET G 9 -34.31 1.28 -43.50
C MET G 9 -35.16 2.08 -44.48
N ASP G 10 -36.43 1.70 -44.58
CA ASP G 10 -37.38 2.40 -45.42
C ASP G 10 -38.42 3.11 -44.55
N CYS G 11 -39.02 4.15 -45.12
CA CYS G 11 -40.02 4.95 -44.42
C CYS G 11 -40.97 5.54 -45.43
N ALA G 12 -42.27 5.46 -45.14
CA ALA G 12 -43.27 6.07 -46.00
C ALA G 12 -43.23 7.58 -45.86
N GLU G 13 -43.35 8.28 -46.98
CA GLU G 13 -43.33 9.73 -46.98
C GLU G 13 -44.46 10.27 -46.11
N GLY G 14 -44.15 11.29 -45.32
CA GLY G 14 -45.13 11.91 -44.45
C GLY G 14 -45.27 11.27 -43.08
N ARG G 15 -44.70 10.09 -42.88
CA ARG G 15 -44.76 9.42 -41.58
C ARG G 15 -43.45 9.65 -40.82
N ALA G 16 -43.48 9.32 -39.53
CA ALA G 16 -42.33 9.51 -38.68
C ALA G 16 -41.30 8.40 -38.91
N ALA G 17 -40.05 8.79 -39.06
CA ALA G 17 -38.94 7.85 -39.19
C ALA G 17 -38.24 7.74 -37.84
N ASN G 18 -38.18 6.54 -37.29
CA ASN G 18 -37.54 6.26 -36.01
C ASN G 18 -36.27 5.47 -36.28
N LEU G 19 -35.12 6.15 -36.22
CA LEU G 19 -33.84 5.50 -36.50
C LEU G 19 -33.23 5.03 -35.19
N PRO G 20 -33.07 3.73 -34.98
CA PRO G 20 -32.49 3.24 -33.73
C PRO G 20 -30.97 3.15 -33.76
N CYS G 21 -30.39 3.27 -32.58
CA CYS G 21 -28.93 3.21 -32.41
C CYS G 21 -28.63 2.56 -31.07
N ASN G 22 -27.69 1.62 -31.07
CA ASN G 22 -27.23 0.95 -29.86
C ASN G 22 -25.83 1.43 -29.52
N HIS G 23 -25.59 1.77 -28.25
CA HIS G 23 -24.28 2.19 -27.78
C HIS G 23 -24.15 1.78 -26.31
N SER G 24 -23.98 0.48 -26.08
CA SER G 24 -24.05 -0.07 -24.73
C SER G 24 -22.80 0.27 -23.91
N THR G 25 -21.67 0.51 -24.57
CA THR G 25 -20.42 0.81 -23.86
C THR G 25 -20.16 2.31 -23.77
N ILE G 26 -21.20 3.14 -23.90
CA ILE G 26 -21.02 4.58 -23.77
C ILE G 26 -20.65 4.91 -22.32
N SER G 27 -19.81 5.92 -22.16
CA SER G 27 -19.39 6.38 -20.84
C SER G 27 -20.21 7.61 -20.42
N GLY G 28 -20.18 7.89 -19.12
CA GLY G 28 -20.99 8.97 -18.57
C GLY G 28 -20.59 10.35 -19.03
N ASN G 29 -19.37 10.50 -19.56
CA ASN G 29 -18.90 11.80 -20.04
C ASN G 29 -18.83 11.86 -21.57
N GLU G 30 -19.63 11.06 -22.26
CA GLU G 30 -19.63 11.00 -23.71
C GLU G 30 -21.01 11.34 -24.25
N TYR G 31 -21.03 12.16 -25.31
CA TYR G 31 -22.26 12.56 -25.97
C TYR G 31 -22.60 11.63 -27.12
N VAL G 32 -23.88 11.63 -27.49
CA VAL G 32 -24.35 10.99 -28.71
C VAL G 32 -24.61 12.07 -29.75
N TYR G 33 -24.01 11.92 -30.93
CA TYR G 33 -24.22 12.83 -32.04
C TYR G 33 -24.92 12.11 -33.19
N TRP G 34 -25.70 12.88 -33.94
CA TRP G 34 -26.34 12.37 -35.15
C TRP G 34 -26.00 13.28 -36.31
N TYR G 35 -25.46 12.69 -37.37
CA TYR G 35 -25.19 13.38 -38.62
C TYR G 35 -25.89 12.62 -39.75
N ARG G 36 -26.02 13.29 -40.89
CA ARG G 36 -26.53 12.64 -42.09
C ARG G 36 -25.77 13.16 -43.29
N GLN G 37 -25.75 12.35 -44.35
CA GLN G 37 -25.06 12.71 -45.58
C GLN G 37 -25.98 12.42 -46.75
N ILE G 38 -26.30 13.46 -47.52
CA ILE G 38 -27.09 13.33 -48.73
C ILE G 38 -26.14 13.16 -49.90
N HIS G 39 -26.26 12.04 -50.62
CA HIS G 39 -25.47 11.75 -51.81
C HIS G 39 -23.99 11.82 -51.42
N SER G 40 -23.16 12.59 -52.13
CA SER G 40 -21.75 12.74 -51.78
C SER G 40 -21.46 14.12 -51.20
N GLN G 41 -22.48 14.82 -50.73
CA GLN G 41 -22.30 16.14 -50.15
C GLN G 41 -21.68 16.03 -48.75
N GLY G 42 -21.32 17.19 -48.20
CA GLY G 42 -20.77 17.25 -46.87
C GLY G 42 -21.76 16.78 -45.82
N PRO G 43 -21.28 16.04 -44.83
CA PRO G 43 -22.16 15.58 -43.75
C PRO G 43 -22.83 16.75 -43.04
N GLN G 44 -24.11 16.57 -42.73
CA GLN G 44 -24.93 17.61 -42.12
C GLN G 44 -25.19 17.25 -40.67
N TYR G 45 -24.85 18.16 -39.77
CA TYR G 45 -25.17 17.97 -38.36
C TYR G 45 -26.67 18.05 -38.13
N ILE G 46 -27.19 17.13 -37.32
CA ILE G 46 -28.61 17.09 -36.99
C ILE G 46 -28.86 17.51 -35.54
N ILE G 47 -28.30 16.77 -34.58
CA ILE G 47 -28.64 16.95 -33.18
C ILE G 47 -27.62 16.17 -32.35
N HIS G 48 -27.49 16.55 -31.08
CA HIS G 48 -26.71 15.77 -30.13
C HIS G 48 -27.38 15.87 -28.77
N GLY G 49 -26.92 15.03 -27.85
CA GLY G 49 -27.45 15.04 -26.50
C GLY G 49 -26.60 14.16 -25.60
N LEU G 50 -26.72 14.43 -24.31
CA LEU G 50 -26.06 13.62 -23.29
C LEU G 50 -27.01 12.62 -22.64
N LYS G 51 -28.25 13.01 -22.39
CA LYS G 51 -29.22 12.15 -21.73
C LYS G 51 -30.61 12.69 -21.99
N ASN G 52 -31.61 11.85 -21.70
CA ASN G 52 -33.03 12.23 -21.81
C ASN G 52 -33.37 12.60 -23.26
N ASN G 53 -34.11 13.68 -23.47
CA ASN G 53 -34.65 14.00 -24.78
C ASN G 53 -34.21 15.39 -25.24
N GLU G 54 -33.99 15.51 -26.55
CA GLU G 54 -33.68 16.78 -27.19
C GLU G 54 -34.51 16.94 -28.46
N THR G 55 -34.92 18.17 -28.75
CA THR G 55 -35.72 18.47 -29.94
C THR G 55 -35.26 19.79 -30.53
N ASN G 56 -34.88 19.77 -31.80
CA ASN G 56 -34.68 20.99 -32.55
C ASN G 56 -35.60 20.98 -33.77
N GLU G 57 -35.43 21.95 -34.65
CA GLU G 57 -36.28 22.06 -35.83
C GLU G 57 -36.18 20.83 -36.72
N MET G 58 -35.03 20.16 -36.70
CA MET G 58 -34.77 19.07 -37.65
C MET G 58 -35.24 17.71 -37.14
N ALA G 59 -35.07 17.42 -35.85
CA ALA G 59 -35.35 16.09 -35.35
C ALA G 59 -35.53 16.11 -33.85
N SER G 60 -35.95 14.97 -33.31
CA SER G 60 -35.92 14.70 -31.88
C SER G 60 -34.93 13.58 -31.60
N LEU G 61 -34.32 13.63 -30.43
CA LEU G 61 -33.37 12.61 -29.98
C LEU G 61 -33.84 12.10 -28.63
N ILE G 62 -34.04 10.79 -28.54
CA ILE G 62 -34.53 10.15 -27.32
C ILE G 62 -33.47 9.15 -26.86
N ILE G 63 -32.86 9.43 -25.72
CA ILE G 63 -31.86 8.55 -25.12
C ILE G 63 -32.49 7.85 -23.93
N THR G 64 -32.31 6.53 -23.85
CA THR G 64 -32.92 5.75 -22.78
C THR G 64 -32.31 6.13 -21.42
N GLU G 65 -32.98 5.67 -20.37
CA GLU G 65 -32.53 5.98 -19.01
C GLU G 65 -31.12 5.46 -18.76
N ASP G 66 -30.83 4.23 -19.17
CA ASP G 66 -29.51 3.66 -19.01
C ASP G 66 -28.52 4.11 -20.07
N ARG G 67 -28.94 4.99 -20.98
CA ARG G 67 -28.10 5.60 -22.01
C ARG G 67 -27.49 4.58 -22.96
N LYS G 68 -27.94 3.32 -22.93
CA LYS G 68 -27.33 2.29 -23.76
C LYS G 68 -27.90 2.23 -25.17
N SER G 69 -28.95 3.00 -25.46
CA SER G 69 -29.48 3.09 -26.82
C SER G 69 -30.16 4.43 -26.97
N SER G 70 -30.42 4.80 -28.22
CA SER G 70 -31.11 6.04 -28.51
C SER G 70 -31.90 5.90 -29.81
N THR G 71 -32.76 6.88 -30.05
CA THR G 71 -33.59 6.91 -31.24
C THR G 71 -33.57 8.33 -31.81
N LEU G 72 -33.33 8.44 -33.11
CA LEU G 72 -33.52 9.68 -33.83
C LEU G 72 -34.89 9.65 -34.48
N ILE G 73 -35.69 10.69 -34.24
CA ILE G 73 -37.06 10.76 -34.76
C ILE G 73 -37.14 11.90 -35.76
N LEU G 74 -37.46 11.55 -37.00
CA LEU G 74 -37.79 12.53 -38.02
C LEU G 74 -39.31 12.64 -38.09
N PRO G 75 -39.90 13.76 -37.69
CA PRO G 75 -41.36 13.77 -37.48
C PRO G 75 -42.18 13.52 -38.75
N HIS G 76 -41.82 14.16 -39.86
CA HIS G 76 -42.56 13.99 -41.12
C HIS G 76 -41.53 13.83 -42.24
N ALA G 77 -41.20 12.57 -42.54
CA ALA G 77 -40.16 12.29 -43.52
C ALA G 77 -40.53 12.84 -44.90
N THR G 78 -39.60 13.54 -45.51
CA THR G 78 -39.73 14.03 -46.87
C THR G 78 -38.69 13.34 -47.76
N LEU G 79 -38.81 13.57 -49.07
CA LEU G 79 -37.83 13.03 -50.00
C LEU G 79 -36.44 13.58 -49.74
N ARG G 80 -36.36 14.81 -49.21
CA ARG G 80 -35.06 15.40 -48.88
C ARG G 80 -34.37 14.70 -47.71
N ASP G 81 -35.11 13.90 -46.95
CA ASP G 81 -34.54 13.17 -45.82
C ASP G 81 -33.92 11.84 -46.20
N THR G 82 -34.02 11.44 -47.47
CA THR G 82 -33.35 10.24 -47.94
C THR G 82 -31.84 10.46 -47.90
N ALA G 83 -31.16 9.74 -47.01
CA ALA G 83 -29.74 9.97 -46.76
C ALA G 83 -29.22 8.84 -45.90
N VAL G 84 -27.91 8.85 -45.67
CA VAL G 84 -27.26 7.95 -44.71
C VAL G 84 -27.18 8.69 -43.38
N TYR G 85 -27.78 8.13 -42.35
CA TYR G 85 -27.79 8.74 -41.03
C TYR G 85 -26.75 8.05 -40.15
N TYR G 86 -25.87 8.85 -39.57
CA TYR G 86 -24.76 8.37 -38.76
C TYR G 86 -25.02 8.68 -37.30
N CYS G 87 -25.02 7.64 -36.47
CA CYS G 87 -25.08 7.78 -35.02
C CYS G 87 -23.68 7.57 -34.47
N ILE G 88 -23.15 8.57 -33.77
CA ILE G 88 -21.76 8.59 -33.34
C ILE G 88 -21.70 8.95 -31.87
N VAL G 89 -20.97 8.15 -31.09
CA VAL G 89 -20.57 8.54 -29.74
C VAL G 89 -19.26 9.30 -29.84
N ARG G 90 -19.25 10.55 -29.41
CA ARG G 90 -18.03 11.34 -29.37
C ARG G 90 -17.23 10.87 -28.16
N VAL G 91 -16.26 9.99 -28.41
CA VAL G 91 -15.67 9.19 -27.34
C VAL G 91 -14.70 10.02 -26.51
N ALA G 92 -14.53 9.61 -25.26
CA ALA G 92 -13.52 10.15 -24.36
C ALA G 92 -12.49 9.06 -24.10
N ILE G 93 -11.65 8.81 -25.10
CA ILE G 93 -10.64 7.77 -25.08
C ILE G 93 -9.29 8.40 -25.34
N GLU G 94 -8.26 7.93 -24.62
CA GLU G 94 -6.93 8.49 -24.78
C GLU G 94 -6.44 8.34 -26.21
N GLY G 95 -5.89 9.43 -26.75
CA GLY G 95 -5.44 9.47 -28.13
C GLY G 95 -6.50 9.86 -29.14
N SER G 96 -7.78 9.78 -28.76
CA SER G 96 -8.88 10.17 -29.65
C SER G 96 -9.98 10.88 -28.88
N GLN G 97 -9.62 11.54 -27.79
CA GLN G 97 -10.59 12.24 -26.95
C GLN G 97 -11.28 13.34 -27.74
N GLY G 98 -12.59 13.20 -27.93
CA GLY G 98 -13.37 14.15 -28.68
C GLY G 98 -13.56 13.82 -30.15
N ASN G 99 -12.96 12.73 -30.64
CA ASN G 99 -13.10 12.36 -32.04
C ASN G 99 -14.53 11.98 -32.38
N LEU G 100 -14.93 12.30 -33.60
CA LEU G 100 -16.19 11.83 -34.18
C LEU G 100 -15.82 10.80 -35.25
N ILE G 101 -15.97 9.52 -34.91
CA ILE G 101 -15.63 8.43 -35.81
C ILE G 101 -16.90 7.92 -36.46
N PHE G 102 -16.98 8.03 -37.78
CA PHE G 102 -18.16 7.61 -38.52
C PHE G 102 -18.18 6.11 -38.72
N GLY G 103 -19.35 5.51 -38.55
CA GLY G 103 -19.58 4.12 -38.86
C GLY G 103 -20.24 3.95 -40.22
N LYS G 104 -20.82 2.78 -40.43
CA LYS G 104 -21.49 2.49 -41.70
C LYS G 104 -22.80 3.26 -41.84
N GLY G 105 -23.45 3.56 -40.71
CA GLY G 105 -24.66 4.35 -40.73
C GLY G 105 -25.89 3.58 -41.19
N THR G 106 -27.01 4.29 -41.22
CA THR G 106 -28.28 3.75 -41.70
C THR G 106 -28.66 4.47 -42.99
N LYS G 107 -28.73 3.72 -44.09
CA LYS G 107 -29.21 4.25 -45.35
C LYS G 107 -30.74 4.31 -45.28
N LEU G 108 -31.28 5.49 -45.07
CA LEU G 108 -32.72 5.70 -45.00
C LEU G 108 -33.27 6.08 -46.36
N SER G 109 -34.26 5.32 -46.84
CA SER G 109 -34.93 5.58 -48.11
C SER G 109 -36.37 5.98 -47.83
N VAL G 110 -36.73 7.21 -48.15
CA VAL G 110 -38.08 7.70 -47.98
C VAL G 110 -38.87 7.40 -49.25
N LYS G 111 -39.76 6.43 -49.17
CA LYS G 111 -40.49 5.98 -50.36
C LYS G 111 -41.68 6.88 -50.62
N PRO G 112 -41.78 7.50 -51.80
CA PRO G 112 -42.93 8.36 -52.07
C PRO G 112 -44.22 7.57 -52.14
N ASN G 113 -45.31 8.23 -51.78
CA ASN G 113 -46.64 7.62 -51.86
C ASN G 113 -47.22 7.92 -53.24
N ILE G 114 -47.31 6.89 -54.07
CA ILE G 114 -47.82 7.01 -55.43
C ILE G 114 -49.31 6.68 -55.38
N GLN G 115 -50.15 7.72 -55.43
CA GLN G 115 -51.58 7.50 -55.25
C GLN G 115 -52.21 6.83 -56.47
N ASN G 116 -51.71 7.15 -57.67
CA ASN G 116 -52.25 6.59 -58.91
C ASN G 116 -51.10 6.00 -59.72
N PRO G 117 -50.68 4.77 -59.38
CA PRO G 117 -49.57 4.14 -60.12
C PRO G 117 -50.02 3.73 -61.51
N ASP G 118 -49.32 4.24 -62.53
CA ASP G 118 -49.64 3.98 -63.93
C ASP G 118 -48.37 3.54 -64.65
N PRO G 119 -47.81 2.38 -64.28
CA PRO G 119 -46.49 2.01 -64.80
C PRO G 119 -46.50 1.80 -66.31
N ALA G 120 -45.44 2.27 -66.96
CA ALA G 120 -45.34 2.22 -68.42
C ALA G 120 -43.88 2.40 -68.81
N VAL G 121 -43.55 1.91 -70.00
CA VAL G 121 -42.21 2.00 -70.55
C VAL G 121 -42.32 2.71 -71.90
N TYR G 122 -41.91 3.97 -71.93
CA TYR G 122 -41.97 4.79 -73.13
C TYR G 122 -40.61 4.87 -73.82
N GLN G 123 -40.65 5.18 -75.11
CA GLN G 123 -39.44 5.31 -75.92
C GLN G 123 -39.30 6.76 -76.36
N LEU G 124 -38.15 7.36 -76.04
CA LEU G 124 -37.88 8.77 -76.33
C LEU G 124 -36.82 8.87 -77.42
N ARG G 125 -37.04 9.77 -78.37
CA ARG G 125 -36.10 9.98 -79.46
C ARG G 125 -35.21 11.18 -79.18
N ASP G 126 -33.99 11.11 -79.72
CA ASP G 126 -33.05 12.21 -79.55
C ASP G 126 -33.50 13.44 -80.33
N SER G 127 -33.26 14.62 -79.75
CA SER G 127 -33.70 15.85 -80.40
C SER G 127 -32.81 16.21 -81.58
N LYS G 128 -31.55 15.76 -81.56
CA LYS G 128 -30.60 16.08 -82.62
C LYS G 128 -30.55 14.97 -83.69
N SER G 129 -30.17 13.76 -83.29
CA SER G 129 -30.12 12.64 -84.20
C SER G 129 -31.46 11.89 -84.19
N SER G 130 -31.59 10.96 -85.13
CA SER G 130 -32.80 10.16 -85.26
C SER G 130 -32.66 8.73 -84.79
N ASP G 131 -31.44 8.16 -84.85
CA ASP G 131 -31.25 6.77 -84.46
C ASP G 131 -31.07 6.58 -82.96
N LYS G 132 -30.68 7.64 -82.24
CA LYS G 132 -30.47 7.53 -80.80
C LYS G 132 -31.80 7.59 -80.06
N SER G 133 -32.02 6.64 -79.15
CA SER G 133 -33.26 6.59 -78.39
C SER G 133 -33.00 5.96 -77.03
N VAL G 134 -33.83 6.32 -76.06
CA VAL G 134 -33.77 5.76 -74.71
C VAL G 134 -35.16 5.25 -74.34
N CYS G 135 -35.19 4.36 -73.36
CA CYS G 135 -36.43 3.81 -72.82
C CYS G 135 -36.63 4.33 -71.40
N LEU G 136 -37.85 4.76 -71.10
CA LEU G 136 -38.19 5.38 -69.82
C LEU G 136 -39.26 4.55 -69.13
N PHE G 137 -38.90 3.90 -68.02
CA PHE G 137 -39.83 3.17 -67.18
C PHE G 137 -40.26 4.10 -66.05
N THR G 138 -41.50 4.59 -66.13
CA THR G 138 -41.96 5.65 -65.25
C THR G 138 -43.31 5.30 -64.64
N ASP G 139 -43.69 6.07 -63.62
CA ASP G 139 -45.00 6.06 -62.99
C ASP G 139 -45.30 4.75 -62.26
N PHE G 140 -44.29 3.95 -61.96
CA PHE G 140 -44.50 2.72 -61.22
C PHE G 140 -44.50 2.99 -59.72
N ASP G 141 -44.99 2.01 -58.96
CA ASP G 141 -45.16 2.17 -57.52
C ASP G 141 -43.82 2.04 -56.80
N SER G 142 -43.75 2.62 -55.61
CA SER G 142 -42.50 2.67 -54.85
C SER G 142 -42.06 1.30 -54.36
N GLN G 143 -42.96 0.32 -54.30
CA GLN G 143 -42.58 -1.03 -53.90
C GLN G 143 -41.90 -1.80 -55.03
N THR G 144 -41.77 -1.20 -56.22
CA THR G 144 -41.12 -1.85 -57.35
C THR G 144 -39.63 -1.53 -57.34
N ASN G 145 -38.81 -2.56 -57.58
CA ASN G 145 -37.36 -2.42 -57.62
C ASN G 145 -36.88 -2.58 -59.06
N VAL G 146 -36.02 -1.67 -59.48
CA VAL G 146 -35.45 -1.67 -60.83
C VAL G 146 -34.03 -2.20 -60.72
N SER G 147 -33.79 -3.40 -61.25
CA SER G 147 -32.48 -4.03 -61.21
C SER G 147 -31.76 -3.82 -62.53
N GLN G 148 -30.43 -3.83 -62.48
CA GLN G 148 -29.61 -3.62 -63.65
C GLN G 148 -29.44 -4.92 -64.42
N SER G 149 -29.15 -4.78 -65.71
CA SER G 149 -28.98 -5.93 -66.59
C SER G 149 -27.51 -6.30 -66.70
N LYS G 150 -27.25 -7.58 -66.99
CA LYS G 150 -25.90 -8.08 -67.12
C LYS G 150 -25.28 -7.76 -68.47
N ASP G 151 -26.09 -7.42 -69.47
CA ASP G 151 -25.56 -7.04 -70.79
C ASP G 151 -24.74 -5.76 -70.68
N SER G 152 -23.42 -5.88 -70.88
CA SER G 152 -22.53 -4.74 -70.75
C SER G 152 -22.78 -3.65 -71.79
N ASP G 153 -23.64 -3.91 -72.79
CA ASP G 153 -24.02 -2.91 -73.77
C ASP G 153 -25.34 -2.23 -73.44
N VAL G 154 -26.09 -2.75 -72.48
CA VAL G 154 -27.35 -2.16 -72.04
C VAL G 154 -27.12 -1.50 -70.69
N TYR G 155 -27.52 -0.24 -70.57
CA TYR G 155 -27.32 0.54 -69.36
C TYR G 155 -28.67 0.90 -68.75
N ILE G 156 -28.84 0.57 -67.48
CA ILE G 156 -30.08 0.83 -66.74
C ILE G 156 -29.74 1.57 -65.46
N THR G 157 -30.39 2.71 -65.25
CA THR G 157 -30.16 3.50 -64.05
C THR G 157 -31.10 3.03 -62.94
N ASP G 158 -30.85 3.54 -61.73
CA ASP G 158 -31.67 3.21 -60.58
C ASP G 158 -32.95 4.05 -60.59
N LYS G 159 -33.82 3.81 -59.62
CA LYS G 159 -35.04 4.59 -59.49
C LYS G 159 -34.70 6.05 -59.19
N CYS G 160 -35.65 6.93 -59.50
CA CYS G 160 -35.48 8.36 -59.30
C CYS G 160 -36.85 8.97 -59.13
N VAL G 161 -37.05 9.71 -58.05
CA VAL G 161 -38.33 10.37 -57.75
C VAL G 161 -38.22 11.84 -58.14
N LEU G 162 -39.06 12.27 -59.08
CA LEU G 162 -39.20 13.68 -59.38
C LEU G 162 -40.49 14.20 -58.77
N ASP G 163 -40.52 15.51 -58.50
CA ASP G 163 -41.64 16.14 -57.81
C ASP G 163 -42.05 17.36 -58.63
N MET G 164 -43.18 17.25 -59.33
CA MET G 164 -43.77 18.38 -60.03
C MET G 164 -44.53 19.19 -59.00
N ARG G 165 -43.85 20.17 -58.40
CA ARG G 165 -44.38 20.88 -57.24
C ARG G 165 -45.65 21.66 -57.56
N SER G 166 -45.78 22.14 -58.80
CA SER G 166 -46.98 22.89 -59.17
C SER G 166 -48.23 22.02 -59.11
N MET G 167 -48.10 20.73 -59.42
CA MET G 167 -49.21 19.79 -59.40
C MET G 167 -49.20 18.88 -58.20
N ASP G 168 -48.20 19.01 -57.31
CA ASP G 168 -48.00 18.09 -56.18
C ASP G 168 -48.00 16.64 -56.66
N PHE G 169 -47.32 16.40 -57.77
CA PHE G 169 -47.29 15.09 -58.41
C PHE G 169 -45.87 14.55 -58.36
N LYS G 170 -45.72 13.36 -57.78
CA LYS G 170 -44.45 12.66 -57.74
C LYS G 170 -44.55 11.40 -58.59
N SER G 171 -43.41 10.99 -59.16
CA SER G 171 -43.39 9.77 -59.96
C SER G 171 -41.98 9.21 -59.97
N ASN G 172 -41.88 7.88 -59.90
CA ASN G 172 -40.61 7.21 -60.05
C ASN G 172 -40.28 7.00 -61.52
N SER G 173 -38.99 6.89 -61.82
CA SER G 173 -38.57 6.67 -63.20
C SER G 173 -37.20 6.03 -63.20
N ALA G 174 -36.95 5.25 -64.25
CA ALA G 174 -35.65 4.65 -64.51
C ALA G 174 -35.42 4.67 -66.01
N VAL G 175 -34.18 4.97 -66.41
CA VAL G 175 -33.84 5.11 -67.81
C VAL G 175 -32.99 3.93 -68.24
N ALA G 176 -33.26 3.41 -69.43
CA ALA G 176 -32.46 2.36 -70.04
C ALA G 176 -32.12 2.76 -71.47
N TRP G 177 -30.86 2.55 -71.84
CA TRP G 177 -30.42 2.83 -73.20
C TRP G 177 -29.33 1.84 -73.57
N SER G 178 -29.15 1.66 -74.88
CA SER G 178 -28.15 0.74 -75.39
C SER G 178 -27.83 1.11 -76.83
N ASN G 179 -26.69 0.62 -77.31
CA ASN G 179 -26.25 0.83 -78.68
C ASN G 179 -26.45 -0.40 -79.55
N LYS G 180 -26.97 -1.49 -78.99
CA LYS G 180 -27.15 -2.72 -79.75
C LYS G 180 -28.50 -2.75 -80.48
N ASP G 182 -30.75 -5.04 -81.24
CA ASP G 182 -31.71 -5.97 -80.66
C ASP G 182 -32.34 -5.40 -79.40
N PHE G 183 -31.86 -4.23 -78.97
CA PHE G 183 -32.38 -3.58 -77.78
C PHE G 183 -33.71 -2.91 -78.09
N ALA G 184 -34.75 -3.27 -77.35
CA ALA G 184 -36.06 -2.65 -77.47
C ALA G 184 -36.62 -2.41 -76.09
N CYS G 185 -37.50 -1.41 -75.98
CA CYS G 185 -38.10 -1.08 -74.70
C CYS G 185 -39.00 -2.19 -74.17
N ALA G 186 -39.48 -3.08 -75.04
CA ALA G 186 -40.32 -4.18 -74.59
C ALA G 186 -39.53 -5.18 -73.74
N ASN G 187 -38.23 -5.30 -73.96
CA ASN G 187 -37.38 -6.20 -73.19
C ASN G 187 -36.23 -5.46 -72.50
N ALA G 188 -36.38 -4.15 -72.28
CA ALA G 188 -35.29 -3.37 -71.70
C ALA G 188 -35.13 -3.63 -70.21
N PHE G 189 -36.24 -3.78 -69.49
CA PHE G 189 -36.22 -4.00 -68.05
C PHE G 189 -36.64 -5.42 -67.68
N ASN G 190 -36.39 -6.38 -68.57
CA ASN G 190 -36.79 -7.77 -68.33
C ASN G 190 -36.11 -8.36 -67.10
N ASN G 191 -34.93 -7.86 -66.72
CA ASN G 191 -34.24 -8.34 -65.53
C ASN G 191 -34.86 -7.85 -64.23
N SER G 192 -35.83 -6.94 -64.30
CA SER G 192 -36.52 -6.42 -63.13
C SER G 192 -37.94 -6.97 -63.08
N ILE G 193 -38.50 -6.99 -61.88
CA ILE G 193 -39.87 -7.45 -61.69
C ILE G 193 -40.83 -6.33 -62.10
N ILE G 194 -41.01 -6.15 -63.40
CA ILE G 194 -41.95 -5.14 -63.90
C ILE G 194 -43.36 -5.53 -63.49
N PRO G 195 -44.14 -4.63 -62.91
CA PRO G 195 -45.52 -4.98 -62.53
C PRO G 195 -46.37 -5.28 -63.75
N GLU G 196 -47.35 -6.16 -63.56
CA GLU G 196 -48.27 -6.50 -64.63
C GLU G 196 -49.09 -5.29 -65.04
N ASP G 197 -49.71 -5.38 -66.21
CA ASP G 197 -50.49 -4.30 -66.81
C ASP G 197 -49.62 -3.07 -67.09
N THR G 198 -48.32 -3.25 -67.24
CA THR G 198 -47.44 -2.15 -67.62
C THR G 198 -47.70 -1.78 -69.07
N PHE G 199 -48.02 -0.51 -69.31
CA PHE G 199 -48.32 -0.05 -70.66
C PHE G 199 -47.06 -0.07 -71.51
N PHE G 200 -47.10 -0.83 -72.62
CA PHE G 200 -45.96 -1.01 -73.52
C PHE G 200 -46.36 -0.55 -74.92
N PRO G 201 -46.25 0.74 -75.21
CA PRO G 201 -46.52 1.22 -76.57
C PRO G 201 -45.35 0.93 -77.50
N SER G 202 -45.63 0.98 -78.79
CA SER G 202 -44.61 0.74 -79.81
C SER G 202 -44.02 2.05 -80.31
N GLY H 1 -20.58 29.33 -44.05
CA GLY H 1 -20.19 27.99 -43.69
C GLY H 1 -18.72 27.69 -43.97
N VAL H 2 -18.35 26.41 -43.88
CA VAL H 2 -16.98 26.01 -44.16
C VAL H 2 -16.72 26.08 -45.66
N THR H 3 -15.65 26.77 -46.05
CA THR H 3 -15.30 26.94 -47.44
C THR H 3 -14.05 26.13 -47.76
N GLN H 4 -14.13 25.26 -48.77
CA GLN H 4 -13.05 24.36 -49.14
C GLN H 4 -12.70 24.57 -50.60
N THR H 5 -11.41 24.72 -50.88
CA THR H 5 -10.88 24.87 -52.22
C THR H 5 -9.59 24.06 -52.33
N PRO H 6 -9.27 23.53 -53.52
CA PRO H 6 -10.09 23.56 -54.73
C PRO H 6 -11.21 22.53 -54.65
N ARG H 7 -12.26 22.70 -55.46
CA ARG H 7 -13.42 21.82 -55.36
C ARG H 7 -13.19 20.48 -56.05
N TYR H 8 -12.47 20.49 -57.17
CA TYR H 8 -12.19 19.28 -57.94
C TYR H 8 -10.76 19.35 -58.46
N LEU H 9 -9.99 18.28 -58.25
CA LEU H 9 -8.60 18.24 -58.65
C LEU H 9 -8.28 16.89 -59.28
N ILE H 10 -7.49 16.92 -60.36
CA ILE H 10 -7.02 15.72 -61.02
C ILE H 10 -5.49 15.72 -60.98
N LYS H 11 -4.91 14.62 -60.50
CA LYS H 11 -3.47 14.47 -60.38
C LYS H 11 -3.06 13.12 -60.92
N THR H 12 -1.76 12.96 -61.15
CA THR H 12 -1.17 11.69 -61.53
C THR H 12 -0.30 11.16 -60.39
N ARG H 13 0.08 9.89 -60.51
CA ARG H 13 0.83 9.23 -59.46
C ARG H 13 2.17 9.91 -59.22
N GLY H 14 2.55 10.01 -57.95
CA GLY H 14 3.81 10.60 -57.57
C GLY H 14 3.75 12.09 -57.26
N GLN H 15 2.69 12.77 -57.68
CA GLN H 15 2.58 14.21 -57.45
C GLN H 15 2.15 14.49 -56.02
N GLN H 16 2.04 15.77 -55.69
CA GLN H 16 1.53 16.22 -54.40
C GLN H 16 0.36 17.17 -54.61
N VAL H 17 -0.44 17.34 -53.56
CA VAL H 17 -1.63 18.16 -53.63
C VAL H 17 -1.78 18.91 -52.32
N THR H 18 -2.18 20.18 -52.41
CA THR H 18 -2.44 21.01 -51.24
C THR H 18 -3.90 21.42 -51.25
N LEU H 19 -4.62 21.08 -50.18
CA LEU H 19 -6.03 21.40 -50.05
C LEU H 19 -6.21 22.46 -48.97
N SER H 20 -6.97 23.51 -49.29
CA SER H 20 -7.18 24.62 -48.39
C SER H 20 -8.56 24.54 -47.76
N CYS H 21 -8.66 25.02 -46.52
CA CYS H 21 -9.92 25.04 -45.81
C CYS H 21 -10.05 26.33 -45.02
N SER H 22 -11.19 27.00 -45.17
CA SER H 22 -11.52 28.18 -44.41
C SER H 22 -12.69 27.85 -43.48
N PRO H 23 -12.48 27.87 -42.16
CA PRO H 23 -13.56 27.49 -41.24
C PRO H 23 -14.64 28.57 -41.16
N ILE H 24 -15.72 28.21 -40.47
CA ILE H 24 -16.75 29.18 -40.14
C ILE H 24 -16.13 30.31 -39.34
N SER H 25 -16.47 31.55 -39.70
CA SER H 25 -15.87 32.72 -39.05
C SER H 25 -16.05 32.65 -37.54
N GLY H 26 -14.94 32.75 -36.81
CA GLY H 26 -14.93 32.62 -35.37
C GLY H 26 -14.51 31.25 -34.88
N HIS H 27 -14.69 30.21 -35.69
CA HIS H 27 -14.28 28.87 -35.29
C HIS H 27 -12.76 28.76 -35.28
N ARG H 28 -12.22 28.08 -34.28
CA ARG H 28 -10.78 27.94 -34.09
C ARG H 28 -10.29 26.51 -34.23
N SER H 29 -11.18 25.53 -34.24
CA SER H 29 -10.83 24.12 -34.33
C SER H 29 -11.15 23.61 -35.73
N VAL H 30 -10.18 22.95 -36.36
CA VAL H 30 -10.33 22.42 -37.71
C VAL H 30 -9.99 20.94 -37.70
N SER H 31 -10.77 20.14 -38.43
CA SER H 31 -10.57 18.70 -38.54
C SER H 31 -10.64 18.29 -40.01
N TRP H 32 -9.88 17.26 -40.37
CA TRP H 32 -9.81 16.75 -41.73
C TRP H 32 -10.21 15.29 -41.78
N TYR H 33 -10.96 14.92 -42.82
CA TYR H 33 -11.40 13.56 -43.05
C TYR H 33 -11.19 13.18 -44.51
N GLN H 34 -10.97 11.89 -44.75
CA GLN H 34 -10.95 11.33 -46.09
C GLN H 34 -12.12 10.37 -46.23
N GLN H 35 -12.89 10.51 -47.31
CA GLN H 35 -14.05 9.65 -47.55
C GLN H 35 -13.82 8.87 -48.85
N THR H 36 -13.69 7.56 -48.72
CA THR H 36 -13.60 6.65 -49.84
C THR H 36 -14.81 5.73 -49.88
N PRO H 37 -15.12 5.15 -51.03
CA PRO H 37 -16.17 4.12 -51.06
C PRO H 37 -15.84 2.90 -50.22
N GLY H 38 -14.55 2.54 -50.12
CA GLY H 38 -14.14 1.37 -49.37
C GLY H 38 -14.07 1.58 -47.87
N GLN H 39 -13.28 2.55 -47.43
CA GLN H 39 -13.07 2.80 -46.01
C GLN H 39 -14.10 3.72 -45.39
N GLY H 40 -14.90 4.42 -46.20
CA GLY H 40 -15.84 5.38 -45.65
C GLY H 40 -15.14 6.65 -45.20
N LEU H 41 -15.74 7.32 -44.22
CA LEU H 41 -15.17 8.55 -43.67
C LEU H 41 -14.11 8.18 -42.63
N GLN H 42 -12.86 8.49 -42.95
CA GLN H 42 -11.73 8.19 -42.06
C GLN H 42 -11.13 9.49 -41.54
N PHE H 43 -10.78 9.50 -40.26
CA PHE H 43 -10.22 10.67 -39.62
C PHE H 43 -8.75 10.83 -39.98
N LEU H 44 -8.34 12.07 -40.25
CA LEU H 44 -6.96 12.37 -40.60
C LEU H 44 -6.22 13.02 -39.42
N PHE H 45 -6.62 14.23 -39.07
CA PHE H 45 -6.02 14.97 -37.97
C PHE H 45 -6.87 16.21 -37.70
N GLU H 46 -6.61 16.83 -36.56
CA GLU H 46 -7.28 18.06 -36.17
C GLU H 46 -6.25 19.11 -35.79
N TYR H 47 -6.68 20.37 -35.81
CA TYR H 47 -5.79 21.48 -35.52
C TYR H 47 -6.49 22.50 -34.63
N PHE H 48 -5.75 23.01 -33.65
CA PHE H 48 -6.22 24.10 -32.81
C PHE H 48 -5.02 24.91 -32.37
N SER H 49 -5.15 26.24 -32.45
CA SER H 49 -4.08 27.16 -32.08
C SER H 49 -2.78 26.80 -32.81
N GLU H 50 -2.89 26.60 -34.12
CA GLU H 50 -1.79 26.42 -35.06
C GLU H 50 -1.00 25.13 -34.88
N THR H 51 -1.49 24.19 -34.06
CA THR H 51 -0.78 22.94 -33.84
C THR H 51 -1.74 21.76 -33.95
N GLN H 52 -1.19 20.64 -34.41
CA GLN H 52 -1.96 19.41 -34.55
C GLN H 52 -2.22 18.77 -33.18
N ARG H 53 -3.43 18.29 -33.00
CA ARG H 53 -3.79 17.62 -31.75
C ARG H 53 -4.02 16.13 -31.99
N ASN H 54 -5.27 15.69 -31.97
CA ASN H 54 -5.58 14.29 -32.26
C ASN H 54 -5.21 13.96 -33.70
N LYS H 55 -4.65 12.77 -33.89
CA LYS H 55 -4.16 12.33 -35.19
C LYS H 55 -4.81 11.00 -35.56
N GLY H 56 -5.02 10.80 -36.86
CA GLY H 56 -5.55 9.56 -37.38
C GLY H 56 -4.47 8.55 -37.66
N ASN H 57 -4.82 7.53 -38.44
CA ASN H 57 -3.90 6.44 -38.73
C ASN H 57 -3.44 6.48 -40.18
N PHE H 58 -3.08 7.66 -40.68
CA PHE H 58 -2.58 7.80 -42.04
C PHE H 58 -1.07 8.00 -42.03
N PRO H 59 -0.38 7.57 -43.10
CA PRO H 59 1.08 7.73 -43.15
C PRO H 59 1.49 9.19 -43.16
N GLY H 60 2.81 9.39 -43.06
CA GLY H 60 3.37 10.73 -43.06
C GLY H 60 3.16 11.51 -44.35
N ARG H 61 2.84 10.81 -45.45
CA ARG H 61 2.51 11.51 -46.69
C ARG H 61 1.37 12.50 -46.48
N PHE H 62 0.47 12.21 -45.55
CA PHE H 62 -0.64 13.10 -45.22
C PHE H 62 -0.20 14.03 -44.09
N SER H 63 -0.09 15.32 -44.41
CA SER H 63 0.33 16.33 -43.45
C SER H 63 -0.67 17.48 -43.47
N GLY H 64 -0.51 18.39 -42.51
CA GLY H 64 -1.43 19.51 -42.41
C GLY H 64 -0.82 20.64 -41.64
N ARG H 65 -1.57 21.73 -41.53
CA ARG H 65 -1.08 22.97 -40.96
C ARG H 65 -2.28 23.89 -40.70
N GLN H 66 -2.17 24.71 -39.66
CA GLN H 66 -3.19 25.71 -39.35
C GLN H 66 -2.52 27.05 -39.10
N PHE H 67 -3.05 28.10 -39.73
CA PHE H 67 -2.48 29.43 -39.64
C PHE H 67 -3.11 30.22 -38.50
N SER H 68 -2.57 31.43 -38.27
CA SER H 68 -3.01 32.25 -37.14
C SER H 68 -4.50 32.58 -37.24
N ASN H 69 -5.01 32.76 -38.45
CA ASN H 69 -6.42 33.04 -38.66
C ASN H 69 -7.28 31.79 -38.62
N SER H 70 -6.76 30.70 -38.04
CA SER H 70 -7.44 29.41 -37.86
C SER H 70 -7.71 28.67 -39.16
N ARG H 71 -7.30 29.21 -40.31
CA ARG H 71 -7.46 28.49 -41.56
C ARG H 71 -6.43 27.36 -41.64
N SER H 72 -6.77 26.32 -42.38
CA SER H 72 -5.97 25.11 -42.40
C SER H 72 -5.69 24.68 -43.83
N GLU H 73 -4.51 24.11 -44.03
CA GLU H 73 -4.13 23.48 -45.28
C GLU H 73 -3.79 22.02 -45.03
N MET H 74 -3.98 21.21 -46.05
CA MET H 74 -3.69 19.78 -46.00
C MET H 74 -2.89 19.40 -47.23
N ASN H 75 -2.01 18.42 -47.07
CA ASN H 75 -1.11 18.02 -48.15
C ASN H 75 -0.99 16.50 -48.20
N VAL H 76 -0.92 15.98 -49.42
CA VAL H 76 -0.64 14.56 -49.65
C VAL H 76 0.50 14.47 -50.66
N SER H 77 1.59 13.85 -50.26
CA SER H 77 2.75 13.64 -51.12
C SER H 77 2.73 12.23 -51.70
N THR H 78 3.48 12.05 -52.79
CA THR H 78 3.62 10.76 -53.47
C THR H 78 2.26 10.10 -53.68
N LEU H 79 1.39 10.82 -54.39
CA LEU H 79 0.00 10.39 -54.53
C LEU H 79 -0.09 9.00 -55.14
N GLU H 80 -1.04 8.22 -54.63
CA GLU H 80 -1.32 6.89 -55.14
C GLU H 80 -2.75 6.87 -55.69
N LEU H 81 -3.03 5.85 -56.51
CA LEU H 81 -4.37 5.72 -57.08
C LEU H 81 -5.42 5.59 -55.99
N GLY H 82 -5.07 4.90 -54.89
CA GLY H 82 -5.98 4.75 -53.77
C GLY H 82 -6.24 6.02 -52.98
N ASP H 83 -5.42 7.06 -53.18
CA ASP H 83 -5.63 8.32 -52.48
C ASP H 83 -6.77 9.15 -53.08
N SER H 84 -7.32 8.75 -54.22
CA SER H 84 -8.43 9.49 -54.80
C SER H 84 -9.67 9.32 -53.95
N ALA H 85 -10.24 10.44 -53.51
CA ALA H 85 -11.34 10.43 -52.55
C ALA H 85 -11.90 11.84 -52.44
N LEU H 86 -12.88 11.99 -51.55
CA LEU H 86 -13.39 13.29 -51.13
C LEU H 86 -12.74 13.65 -49.80
N TYR H 87 -12.01 14.76 -49.78
CA TYR H 87 -11.30 15.20 -48.58
C TYR H 87 -12.11 16.31 -47.92
N LEU H 88 -12.65 16.02 -46.75
CA LEU H 88 -13.60 16.90 -46.08
C LEU H 88 -12.93 17.68 -44.96
N CYS H 89 -13.29 18.95 -44.84
CA CYS H 89 -12.88 19.79 -43.74
C CYS H 89 -14.08 20.08 -42.85
N ALA H 90 -13.81 20.29 -41.56
CA ALA H 90 -14.86 20.56 -40.60
C ALA H 90 -14.31 21.41 -39.48
N SER H 91 -15.14 22.31 -38.96
CA SER H 91 -14.72 23.24 -37.93
C SER H 91 -15.70 23.25 -36.77
N SER H 92 -15.22 23.76 -35.64
CA SER H 92 -16.03 23.96 -34.45
C SER H 92 -15.54 25.22 -33.75
N LEU H 93 -16.43 25.82 -32.94
CA LEU H 93 -16.09 27.05 -32.24
C LEU H 93 -14.83 26.87 -31.39
N ARG H 94 -14.89 25.95 -30.43
CA ARG H 94 -13.73 25.51 -29.66
C ARG H 94 -13.47 24.03 -29.96
N ARG H 95 -12.30 23.55 -29.57
CA ARG H 95 -12.04 22.13 -29.65
C ARG H 95 -12.99 21.40 -28.70
N GLY H 96 -13.75 20.44 -29.25
CA GLY H 96 -14.74 19.72 -28.49
C GLY H 96 -16.17 20.15 -28.76
N ASP H 97 -16.37 21.31 -29.37
CA ASP H 97 -17.71 21.76 -29.71
C ASP H 97 -18.20 21.08 -30.98
N THR H 98 -19.47 21.30 -31.30
CA THR H 98 -20.10 20.66 -32.46
C THR H 98 -19.33 20.94 -33.73
N ILE H 99 -19.10 19.90 -34.52
CA ILE H 99 -18.28 19.96 -35.71
C ILE H 99 -19.18 20.08 -36.94
N TYR H 100 -18.89 21.07 -37.79
CA TYR H 100 -19.67 21.36 -38.99
C TYR H 100 -18.80 21.19 -40.22
N PHE H 101 -19.26 20.40 -41.18
CA PHE H 101 -18.47 20.01 -42.34
C PHE H 101 -18.69 20.96 -43.52
N GLY H 102 -17.64 21.12 -44.32
CA GLY H 102 -17.76 21.76 -45.61
C GLY H 102 -18.17 20.76 -46.67
N GLU H 103 -18.13 21.21 -47.92
CA GLU H 103 -18.53 20.35 -49.03
C GLU H 103 -17.41 19.41 -49.49
N GLY H 104 -16.17 19.72 -49.16
CA GLY H 104 -15.06 18.83 -49.43
C GLY H 104 -14.38 19.13 -50.75
N SER H 105 -13.19 18.55 -50.90
CA SER H 105 -12.41 18.64 -52.12
C SER H 105 -12.33 17.26 -52.75
N TRP H 106 -12.70 17.16 -54.03
CA TRP H 106 -12.63 15.91 -54.76
C TRP H 106 -11.26 15.78 -55.40
N LEU H 107 -10.58 14.66 -55.13
CA LEU H 107 -9.28 14.36 -55.69
C LEU H 107 -9.38 13.06 -56.48
N THR H 108 -8.99 13.10 -57.75
CA THR H 108 -8.90 11.91 -58.59
C THR H 108 -7.45 11.75 -59.01
N VAL H 109 -6.86 10.62 -58.64
CA VAL H 109 -5.50 10.27 -59.05
C VAL H 109 -5.61 9.30 -60.21
N VAL H 110 -5.03 9.66 -61.35
CA VAL H 110 -5.11 8.83 -62.55
C VAL H 110 -3.71 8.36 -62.92
N GLU H 111 -3.66 7.24 -63.65
CA GLU H 111 -2.38 6.73 -64.12
C GLU H 111 -1.83 7.58 -65.25
N ASP H 112 -2.71 8.24 -66.01
CA ASP H 112 -2.31 9.10 -67.11
C ASP H 112 -3.44 10.08 -67.38
N LEU H 113 -3.08 11.31 -67.75
CA LEU H 113 -4.09 12.29 -68.11
C LEU H 113 -4.88 11.89 -69.35
N ASN H 114 -4.34 10.97 -70.15
CA ASN H 114 -5.03 10.46 -71.32
C ASN H 114 -6.34 9.74 -70.98
N LYS H 115 -6.55 9.42 -69.70
CA LYS H 115 -7.79 8.78 -69.26
C LYS H 115 -8.94 9.75 -69.07
N VAL H 116 -8.69 11.06 -69.16
CA VAL H 116 -9.71 12.07 -68.92
C VAL H 116 -10.49 12.32 -70.20
N PHE H 117 -11.82 12.28 -70.11
CA PHE H 117 -12.70 12.51 -71.25
C PHE H 117 -13.87 13.38 -70.83
N PRO H 118 -14.24 14.37 -71.63
CA PRO H 118 -15.42 15.17 -71.33
C PRO H 118 -16.68 14.41 -71.65
N PRO H 119 -17.82 14.80 -71.09
CA PRO H 119 -19.07 14.13 -71.43
C PRO H 119 -19.62 14.57 -72.78
N GLU H 120 -20.33 13.64 -73.42
CA GLU H 120 -21.23 13.98 -74.51
C GLU H 120 -22.64 14.02 -73.94
N VAL H 121 -23.40 15.04 -74.35
CA VAL H 121 -24.70 15.32 -73.76
C VAL H 121 -25.76 15.30 -74.86
N ALA H 122 -26.88 14.64 -74.59
CA ALA H 122 -28.00 14.59 -75.50
C ALA H 122 -29.29 14.70 -74.71
N VAL H 123 -30.28 15.37 -75.30
CA VAL H 123 -31.62 15.50 -74.73
C VAL H 123 -32.57 14.68 -75.58
N PHE H 124 -33.37 13.84 -74.93
CA PHE H 124 -34.34 12.99 -75.60
C PHE H 124 -35.74 13.53 -75.34
N GLU H 125 -36.46 13.83 -76.41
CA GLU H 125 -37.76 14.46 -76.33
C GLU H 125 -38.83 13.46 -75.85
N PRO H 126 -39.86 13.95 -75.15
CA PRO H 126 -40.89 13.04 -74.65
C PRO H 126 -41.67 12.38 -75.78
N SER H 127 -42.11 11.16 -75.52
CA SER H 127 -42.88 10.42 -76.51
C SER H 127 -44.33 10.90 -76.52
N GLU H 128 -44.96 10.79 -77.69
CA GLU H 128 -46.38 11.13 -77.80
C GLU H 128 -47.24 10.16 -77.00
N ALA H 129 -46.79 8.91 -76.84
CA ALA H 129 -47.53 7.95 -76.05
C ALA H 129 -47.69 8.41 -74.61
N GLU H 130 -46.62 8.94 -74.01
CA GLU H 130 -46.72 9.47 -72.66
C GLU H 130 -47.64 10.68 -72.63
N ILE H 131 -47.59 11.51 -73.67
CA ILE H 131 -48.36 12.75 -73.68
C ILE H 131 -49.85 12.46 -73.75
N SER H 132 -50.25 11.47 -74.53
CA SER H 132 -51.67 11.14 -74.62
C SER H 132 -52.13 10.30 -73.44
N HIS H 133 -51.22 9.56 -72.79
CA HIS H 133 -51.61 8.65 -71.72
C HIS H 133 -51.65 9.34 -70.35
N THR H 134 -50.74 10.28 -70.10
CA THR H 134 -50.65 10.93 -68.80
C THR H 134 -50.82 12.44 -68.86
N GLN H 135 -50.94 13.04 -70.05
CA GLN H 135 -50.96 14.49 -70.22
C GLN H 135 -49.74 15.16 -69.59
N LYS H 136 -48.63 14.41 -69.52
CA LYS H 136 -47.36 14.95 -69.05
C LYS H 136 -46.28 14.57 -70.05
N ALA H 137 -45.19 15.34 -70.03
CA ALA H 137 -44.10 15.17 -70.98
C ALA H 137 -42.79 15.13 -70.22
N THR H 138 -42.06 14.02 -70.36
CA THR H 138 -40.79 13.82 -69.67
C THR H 138 -39.66 13.92 -70.68
N LEU H 139 -38.72 14.83 -70.43
CA LEU H 139 -37.47 14.88 -71.18
C LEU H 139 -36.40 14.14 -70.39
N VAL H 140 -35.47 13.52 -71.13
CA VAL H 140 -34.37 12.78 -70.53
C VAL H 140 -33.07 13.33 -71.07
N CYS H 141 -32.12 13.60 -70.18
CA CYS H 141 -30.79 14.06 -70.54
C CYS H 141 -29.77 12.98 -70.23
N LEU H 142 -28.89 12.71 -71.18
CA LEU H 142 -27.89 11.65 -71.06
C LEU H 142 -26.51 12.27 -71.24
N ALA H 143 -25.68 12.18 -70.20
CA ALA H 143 -24.27 12.54 -70.28
C ALA H 143 -23.46 11.25 -70.28
N THR H 144 -22.70 11.02 -71.34
CA THR H 144 -22.01 9.74 -71.54
C THR H 144 -20.53 9.96 -71.79
N GLY H 145 -19.75 8.94 -71.45
CA GLY H 145 -18.35 8.89 -71.84
C GLY H 145 -17.43 9.87 -71.14
N PHE H 146 -17.70 10.23 -69.89
CA PHE H 146 -16.85 11.15 -69.17
C PHE H 146 -16.06 10.45 -68.07
N PHE H 147 -14.86 10.98 -67.78
CA PHE H 147 -13.98 10.49 -66.73
C PHE H 147 -13.13 11.67 -66.30
N PRO H 148 -12.98 11.93 -64.99
CA PRO H 148 -13.62 11.19 -63.88
C PRO H 148 -15.13 11.43 -63.78
N ASP H 149 -15.76 10.83 -62.77
CA ASP H 149 -17.22 10.85 -62.66
C ASP H 149 -17.76 12.10 -61.98
N HIS H 150 -17.00 13.19 -61.94
CA HIS H 150 -17.41 14.40 -61.23
C HIS H 150 -18.04 15.37 -62.24
N VAL H 151 -19.33 15.61 -62.08
CA VAL H 151 -20.13 16.35 -63.05
C VAL H 151 -21.29 16.97 -62.30
N GLU H 152 -21.72 18.15 -62.77
CA GLU H 152 -22.88 18.83 -62.21
C GLU H 152 -23.86 19.10 -63.34
N LEU H 153 -25.01 18.44 -63.29
CA LEU H 153 -26.03 18.54 -64.32
C LEU H 153 -27.17 19.41 -63.83
N SER H 154 -27.65 20.31 -64.69
CA SER H 154 -28.74 21.20 -64.36
C SER H 154 -29.64 21.39 -65.57
N TRP H 155 -30.91 21.70 -65.31
CA TRP H 155 -31.89 21.94 -66.34
C TRP H 155 -32.23 23.43 -66.39
N TRP H 156 -32.40 23.94 -67.61
CA TRP H 156 -32.71 25.35 -67.83
C TRP H 156 -33.89 25.46 -68.79
N VAL H 157 -34.92 26.20 -68.36
CA VAL H 157 -36.13 26.38 -69.15
C VAL H 157 -36.30 27.87 -69.40
N ASN H 158 -36.25 28.28 -70.67
CA ASN H 158 -36.42 29.67 -71.07
C ASN H 158 -35.43 30.59 -70.37
N GLY H 159 -34.17 30.16 -70.29
CA GLY H 159 -33.14 30.95 -69.67
C GLY H 159 -33.15 30.96 -68.16
N LYS H 160 -33.96 30.11 -67.52
CA LYS H 160 -34.03 30.03 -66.07
C LYS H 160 -33.85 28.58 -65.64
N GLU H 161 -33.08 28.37 -64.58
CA GLU H 161 -32.86 27.03 -64.05
C GLU H 161 -34.08 26.55 -63.29
N VAL H 162 -34.47 25.31 -63.54
CA VAL H 162 -35.64 24.72 -62.90
C VAL H 162 -35.19 23.55 -62.02
N HIS H 163 -35.90 23.38 -60.91
CA HIS H 163 -35.71 22.24 -60.02
C HIS H 163 -36.95 21.38 -59.88
N SER H 164 -38.14 21.96 -60.00
CA SER H 164 -39.36 21.17 -59.95
C SER H 164 -39.44 20.23 -61.14
N GLY H 165 -39.93 19.01 -60.90
CA GLY H 165 -40.04 18.03 -61.95
C GLY H 165 -38.72 17.45 -62.44
N VAL H 166 -37.63 17.69 -61.72
CA VAL H 166 -36.30 17.23 -62.10
C VAL H 166 -35.89 16.07 -61.19
N CYS H 167 -35.24 15.07 -61.76
CA CYS H 167 -34.60 14.01 -60.98
C CYS H 167 -33.35 13.56 -61.71
N THR H 168 -32.20 13.71 -61.07
CA THR H 168 -30.92 13.29 -61.61
C THR H 168 -30.42 12.10 -60.81
N ASP H 169 -29.76 11.16 -61.49
CA ASP H 169 -29.21 9.99 -60.81
C ASP H 169 -28.26 10.45 -59.70
N PRO H 170 -28.34 9.85 -58.52
CA PRO H 170 -27.45 10.28 -57.42
C PRO H 170 -25.99 9.99 -57.69
N GLN H 171 -25.68 8.98 -58.50
CA GLN H 171 -24.30 8.60 -58.79
C GLN H 171 -24.18 8.20 -60.24
N PRO H 172 -23.12 8.62 -60.93
CA PRO H 172 -22.95 8.23 -62.33
C PRO H 172 -22.75 6.72 -62.48
N LEU H 173 -23.01 6.25 -63.69
CA LEU H 173 -23.00 4.83 -64.02
C LEU H 173 -21.74 4.50 -64.80
N LYS H 174 -21.06 3.42 -64.41
CA LYS H 174 -19.86 2.99 -65.10
C LYS H 174 -20.24 2.27 -66.39
N GLU H 175 -19.78 2.79 -67.52
CA GLU H 175 -20.15 2.21 -68.81
C GLU H 175 -19.52 0.84 -69.02
N GLN H 176 -18.40 0.55 -68.36
CA GLN H 176 -17.74 -0.75 -68.46
C GLN H 176 -17.27 -1.14 -67.07
N PRO H 177 -18.13 -1.82 -66.30
CA PRO H 177 -17.76 -2.15 -64.92
C PRO H 177 -16.51 -3.00 -64.80
N ALA H 178 -16.07 -3.66 -65.87
CA ALA H 178 -14.90 -4.53 -65.79
C ALA H 178 -13.60 -3.76 -65.92
N LEU H 179 -13.61 -2.60 -66.58
CA LEU H 179 -12.39 -1.84 -66.78
C LEU H 179 -12.06 -0.98 -65.56
N ASN H 180 -10.77 -0.70 -65.39
CA ASN H 180 -10.31 0.03 -64.21
C ASN H 180 -10.71 1.49 -64.29
N ASP H 181 -10.33 2.18 -65.35
CA ASP H 181 -10.67 3.58 -65.56
C ASP H 181 -11.81 3.73 -66.56
N SER H 182 -12.90 3.02 -66.29
CA SER H 182 -14.06 3.07 -67.16
C SER H 182 -14.66 4.47 -67.18
N ARG H 183 -15.11 4.90 -68.35
CA ARG H 183 -15.85 6.15 -68.44
C ARG H 183 -17.25 5.97 -67.90
N TYR H 184 -17.87 7.10 -67.55
CA TYR H 184 -19.12 7.09 -66.80
C TYR H 184 -20.27 7.63 -67.64
N ALA H 185 -21.49 7.36 -67.16
CA ALA H 185 -22.72 7.89 -67.75
C ALA H 185 -23.62 8.40 -66.63
N LEU H 186 -24.36 9.47 -66.94
CA LEU H 186 -25.28 10.07 -65.98
C LEU H 186 -26.58 10.42 -66.69
N SER H 187 -27.70 10.17 -66.02
CA SER H 187 -29.03 10.40 -66.58
C SER H 187 -29.81 11.37 -65.71
N SER H 188 -30.74 12.08 -66.33
CA SER H 188 -31.59 13.02 -65.62
C SER H 188 -32.92 13.16 -66.35
N ARG H 189 -33.97 13.43 -65.59
CA ARG H 189 -35.32 13.60 -66.12
C ARG H 189 -35.87 14.98 -65.76
N LEU H 190 -36.60 15.56 -66.70
CA LEU H 190 -37.38 16.77 -66.45
C LEU H 190 -38.78 16.54 -66.97
N ARG H 191 -39.77 16.57 -66.07
CA ARG H 191 -41.15 16.32 -66.43
C ARG H 191 -41.95 17.61 -66.30
N VAL H 192 -42.63 17.98 -67.39
CA VAL H 192 -43.50 19.15 -67.43
C VAL H 192 -44.86 18.70 -67.92
N SER H 193 -45.83 19.62 -67.90
CA SER H 193 -47.14 19.32 -68.44
C SER H 193 -47.06 19.16 -69.95
N ALA H 194 -48.01 18.42 -70.51
CA ALA H 194 -48.04 18.23 -71.96
C ALA H 194 -48.24 19.56 -72.68
N THR H 195 -49.09 20.43 -72.13
CA THR H 195 -49.35 21.71 -72.78
C THR H 195 -48.11 22.59 -72.78
N PHE H 196 -47.31 22.54 -71.72
CA PHE H 196 -46.10 23.35 -71.68
C PHE H 196 -45.05 22.84 -72.69
N TRP H 197 -44.99 21.53 -72.92
CA TRP H 197 -44.06 21.00 -73.90
C TRP H 197 -44.52 21.28 -75.32
N GLN H 198 -45.82 21.38 -75.55
CA GLN H 198 -46.34 21.60 -76.90
C GLN H 198 -46.20 23.04 -77.37
N ASN H 199 -45.78 23.95 -76.50
CA ASN H 199 -45.56 25.33 -76.89
C ASN H 199 -44.22 25.45 -77.62
N PRO H 200 -44.21 25.83 -78.90
CA PRO H 200 -42.93 25.96 -79.62
C PRO H 200 -42.05 27.08 -79.12
N ARG H 201 -42.55 27.96 -78.26
CA ARG H 201 -41.74 29.03 -77.69
C ARG H 201 -40.92 28.58 -76.50
N ASN H 202 -41.20 27.40 -75.94
CA ASN H 202 -40.51 26.95 -74.75
C ASN H 202 -39.16 26.31 -75.10
N HIS H 203 -38.15 26.66 -74.32
CA HIS H 203 -36.76 26.27 -74.58
C HIS H 203 -36.25 25.46 -73.39
N PHE H 204 -35.89 24.22 -73.65
CA PHE H 204 -35.40 23.31 -72.62
C PHE H 204 -33.93 23.00 -72.89
N ARG H 205 -33.07 23.22 -71.90
CA ARG H 205 -31.65 22.97 -72.05
C ARG H 205 -31.15 22.13 -70.88
N CYS H 206 -30.37 21.11 -71.20
CA CYS H 206 -29.65 20.33 -70.21
C CYS H 206 -28.20 20.79 -70.20
N GLN H 207 -27.71 21.21 -69.04
CA GLN H 207 -26.37 21.77 -68.90
C GLN H 207 -25.56 20.88 -67.97
N VAL H 208 -24.41 20.41 -68.45
CA VAL H 208 -23.55 19.52 -67.71
C VAL H 208 -22.20 20.20 -67.51
N GLN H 209 -21.91 20.58 -66.27
CA GLN H 209 -20.60 21.13 -65.92
C GLN H 209 -19.64 19.97 -65.68
N PHE H 210 -18.55 19.95 -66.44
CA PHE H 210 -17.52 18.93 -66.31
C PHE H 210 -16.27 19.54 -65.70
N TYR H 211 -15.66 18.81 -64.76
CA TYR H 211 -14.42 19.22 -64.13
C TYR H 211 -13.31 18.30 -64.64
N GLY H 212 -12.40 18.87 -65.43
CA GLY H 212 -11.34 18.10 -66.06
C GLY H 212 -9.99 18.73 -65.78
N LEU H 213 -9.15 18.77 -66.81
CA LEU H 213 -7.81 19.30 -66.67
C LEU H 213 -7.84 20.83 -66.61
N SER H 214 -6.71 21.40 -66.20
CA SER H 214 -6.53 22.84 -66.16
C SER H 214 -5.65 23.28 -67.33
N GLU H 215 -5.50 24.60 -67.46
CA GLU H 215 -4.69 25.15 -68.54
C GLU H 215 -3.21 24.88 -68.36
N ASN H 216 -2.78 24.52 -67.15
CA ASN H 216 -1.37 24.26 -66.88
C ASN H 216 -0.95 22.83 -67.16
N ASP H 217 -1.91 21.92 -67.30
CA ASP H 217 -1.58 20.53 -67.61
C ASP H 217 -1.10 20.41 -69.06
N GLU H 218 -0.15 19.50 -69.27
CA GLU H 218 0.37 19.25 -70.61
C GLU H 218 -0.51 18.26 -71.34
N TRP H 219 -0.74 18.53 -72.64
CA TRP H 219 -1.58 17.67 -73.47
C TRP H 219 -0.89 17.45 -74.80
N THR H 220 -0.62 16.18 -75.13
CA THR H 220 0.03 15.82 -76.38
C THR H 220 -0.84 15.00 -77.32
N GLN H 221 -2.01 14.53 -76.87
CA GLN H 221 -2.88 13.73 -77.70
C GLN H 221 -3.44 14.55 -78.86
N ASP H 222 -3.92 13.85 -79.89
CA ASP H 222 -4.47 14.54 -81.05
C ASP H 222 -5.85 15.12 -80.75
N ARG H 223 -6.61 14.50 -79.86
CA ARG H 223 -7.95 14.99 -79.56
C ARG H 223 -7.87 16.25 -78.69
N ALA H 224 -9.01 16.91 -78.54
CA ALA H 224 -9.06 18.16 -77.79
C ALA H 224 -8.76 17.92 -76.31
N LYS H 225 -8.08 18.88 -75.71
CA LYS H 225 -7.71 18.81 -74.30
C LYS H 225 -8.95 18.79 -73.43
N PRO H 226 -9.14 17.78 -72.58
CA PRO H 226 -10.37 17.65 -71.77
C PRO H 226 -10.35 18.56 -70.54
N VAL H 227 -10.36 19.87 -70.79
CA VAL H 227 -10.34 20.85 -69.72
C VAL H 227 -11.71 20.93 -69.05
N THR H 228 -11.76 21.62 -67.91
CA THR H 228 -13.04 21.93 -67.28
C THR H 228 -13.90 22.74 -68.25
N GLN H 229 -15.10 22.24 -68.52
CA GLN H 229 -15.94 22.84 -69.56
C GLN H 229 -17.39 22.51 -69.27
N ILE H 230 -18.28 23.23 -69.95
CA ILE H 230 -19.71 22.97 -69.92
C ILE H 230 -20.10 22.36 -71.26
N VAL H 231 -20.79 21.23 -71.22
CA VAL H 231 -21.37 20.61 -72.41
C VAL H 231 -22.87 20.56 -72.20
N SER H 232 -23.62 21.01 -73.21
CA SER H 232 -25.06 21.15 -73.07
C SER H 232 -25.77 20.63 -74.31
N ALA H 233 -27.00 20.20 -74.13
CA ALA H 233 -27.88 19.80 -75.23
C ALA H 233 -29.25 20.40 -74.98
N GLU H 234 -29.97 20.64 -76.07
CA GLU H 234 -31.18 21.44 -76.01
C GLU H 234 -32.27 20.82 -76.87
N ALA H 235 -33.51 21.01 -76.44
CA ALA H 235 -34.69 20.64 -77.20
C ALA H 235 -35.67 21.80 -77.20
N TRP H 236 -36.40 21.95 -78.29
CA TRP H 236 -37.42 22.98 -78.40
C TRP H 236 -38.81 22.34 -78.31
N GLY H 237 -39.75 23.12 -77.79
CA GLY H 237 -41.12 22.66 -77.75
C GLY H 237 -41.71 22.48 -79.14
N ARG H 238 -42.60 21.50 -79.26
CA ARG H 238 -43.23 21.20 -80.54
C ARG H 238 -44.64 20.70 -80.29
N ALA H 239 -45.58 21.21 -81.07
CA ALA H 239 -46.98 20.81 -80.96
C ALA H 239 -47.27 19.49 -81.66
N ASP H 240 -46.23 18.77 -82.09
CA ASP H 240 -46.37 17.48 -82.76
C ASP H 240 -47.21 17.59 -84.02
#